data_2IL1
# 
_entry.id   2IL1 
# 
_audit_conform.dict_name       mmcif_pdbx.dic 
_audit_conform.dict_version    5.377 
_audit_conform.dict_location   http://mmcif.pdb.org/dictionaries/ascii/mmcif_pdbx.dic 
# 
loop_
_database_2.database_id 
_database_2.database_code 
_database_2.pdbx_database_accession 
_database_2.pdbx_DOI 
PDB   2IL1         pdb_00002il1 10.2210/pdb2il1/pdb 
RCSB  RCSB039703   ?            ?                   
WWPDB D_1000039703 ?            ?                   
# 
_pdbx_database_status.entry_id                        2IL1 
_pdbx_database_status.deposit_site                    RCSB 
_pdbx_database_status.process_site                    RCSB 
_pdbx_database_status.recvd_initial_deposition_date   2006-10-02 
_pdbx_database_status.status_code                     REL 
_pdbx_database_status.status_code_sf                  REL 
_pdbx_database_status.status_code_mr                  ? 
_pdbx_database_status.SG_entry                        Y 
_pdbx_database_status.pdb_format_compatible           Y 
_pdbx_database_status.status_code_cs                  ? 
_pdbx_database_status.methods_development_category    ? 
_pdbx_database_status.status_code_nmr_data            ? 
# 
loop_
_audit_author.name 
_audit_author.pdbx_ordinal 
'Wang, J.'                             1  
'Shen, Y.'                             2  
'Tempel, W.'                           3  
'Landry, R.'                           4  
'Arrowsmith, C.H.'                     5  
'Edwards, A.M.'                        6  
'Sundstrom, M.'                        7  
'Weigelt, J.'                          8  
'Bochkarev, A.'                        9  
'Park, H.'                             10 
'Structural Genomics Consortium (SGC)' 11 
# 
_citation.id                        primary 
_citation.title                     'Crystal structure of a predicted human GTPase in complex with GDP' 
_citation.journal_abbrev            'To be Published' 
_citation.journal_volume            ? 
_citation.page_first                ? 
_citation.page_last                 ? 
_citation.year                      ? 
_citation.journal_id_ASTM           ? 
_citation.country                   ? 
_citation.journal_id_ISSN           ? 
_citation.journal_id_CSD            0353 
_citation.book_publisher            ? 
_citation.pdbx_database_id_PubMed   ? 
_citation.pdbx_database_id_DOI      ? 
# 
loop_
_citation_author.citation_id 
_citation_author.name 
_citation_author.ordinal 
_citation_author.identifier_ORCID 
primary 'Wang, J.'         1  ? 
primary 'Shen, Y.'         2  ? 
primary 'Tempel, W.'       3  ? 
primary 'Landry, R.'       4  ? 
primary 'Arrowsmith, C.H.' 5  ? 
primary 'Edwards, A.M.'    6  ? 
primary 'Sundstrom, M.'    7  ? 
primary 'Weigelt, J.'      8  ? 
primary 'Bochkarev, A.'    9  ? 
primary 'Park, H.'         10 ? 
# 
_cell.entry_id           2IL1 
_cell.length_a           45.463 
_cell.length_b           45.463 
_cell.length_c           315.454 
_cell.angle_alpha        90.00 
_cell.angle_beta         90.00 
_cell.angle_gamma        120.00 
_cell.Z_PDB              12 
_cell.pdbx_unique_axis   ? 
_cell.length_a_esd       ? 
_cell.length_b_esd       ? 
_cell.length_c_esd       ? 
_cell.angle_alpha_esd    ? 
_cell.angle_beta_esd     ? 
_cell.angle_gamma_esd    ? 
# 
_symmetry.entry_id                         2IL1 
_symmetry.space_group_name_H-M             'P 65 2 2' 
_symmetry.pdbx_full_space_group_name_H-M   ? 
_symmetry.cell_setting                     ? 
_symmetry.Int_Tables_number                179 
_symmetry.space_group_name_Hall            ? 
# 
loop_
_entity.id 
_entity.type 
_entity.src_method 
_entity.pdbx_description 
_entity.formula_weight 
_entity.pdbx_number_of_molecules 
_entity.pdbx_ec 
_entity.pdbx_mutation 
_entity.pdbx_fragment 
_entity.details 
1 polymer     man Rab12                      21930.199 1  ? ? ? ? 
2 non-polymer syn 'MAGNESIUM ION'            24.305    1  ? ? ? ? 
3 non-polymer syn 'CALCIUM ION'              40.078    1  ? ? ? ? 
4 non-polymer syn "GUANOSINE-5'-DIPHOSPHATE" 443.201   1  ? ? ? ? 
5 non-polymer syn 'UNKNOWN ATOM OR ION'      ?         6  ? ? ? ? 
6 water       nat water                      18.015    24 ? ? ? ? 
# 
_entity_poly.entity_id                      1 
_entity_poly.type                           'polypeptide(L)' 
_entity_poly.nstd_linkage                   no 
_entity_poly.nstd_monomer                   no 
_entity_poly.pdbx_seq_one_letter_code       
;MGSSHHHHHHSSGLVPRGSPRPADFKLQVIIIGSRGVGKTSLMERFTDDTFCEACKSTVGVDFKIKTVELRGKKIRLQIW
DTAGQERFNSITSAYYRSAKGIILVYDITKKETFDDLPKWMKMIDKYASEDAELLLVGNKLDCETDREITRQQGEKFAQQ
ITGMRFCEASAKDNFNVDEIFLKLVDDILKKM
;
_entity_poly.pdbx_seq_one_letter_code_can   
;MGSSHHHHHHSSGLVPRGSPRPADFKLQVIIIGSRGVGKTSLMERFTDDTFCEACKSTVGVDFKIKTVELRGKKIRLQIW
DTAGQERFNSITSAYYRSAKGIILVYDITKKETFDDLPKWMKMIDKYASEDAELLLVGNKLDCETDREITRQQGEKFAQQ
ITGMRFCEASAKDNFNVDEIFLKLVDDILKKM
;
_entity_poly.pdbx_strand_id                 A 
_entity_poly.pdbx_target_identifier         ? 
# 
loop_
_entity_poly_seq.entity_id 
_entity_poly_seq.num 
_entity_poly_seq.mon_id 
_entity_poly_seq.hetero 
1 1   MET n 
1 2   GLY n 
1 3   SER n 
1 4   SER n 
1 5   HIS n 
1 6   HIS n 
1 7   HIS n 
1 8   HIS n 
1 9   HIS n 
1 10  HIS n 
1 11  SER n 
1 12  SER n 
1 13  GLY n 
1 14  LEU n 
1 15  VAL n 
1 16  PRO n 
1 17  ARG n 
1 18  GLY n 
1 19  SER n 
1 20  PRO n 
1 21  ARG n 
1 22  PRO n 
1 23  ALA n 
1 24  ASP n 
1 25  PHE n 
1 26  LYS n 
1 27  LEU n 
1 28  GLN n 
1 29  VAL n 
1 30  ILE n 
1 31  ILE n 
1 32  ILE n 
1 33  GLY n 
1 34  SER n 
1 35  ARG n 
1 36  GLY n 
1 37  VAL n 
1 38  GLY n 
1 39  LYS n 
1 40  THR n 
1 41  SER n 
1 42  LEU n 
1 43  MET n 
1 44  GLU n 
1 45  ARG n 
1 46  PHE n 
1 47  THR n 
1 48  ASP n 
1 49  ASP n 
1 50  THR n 
1 51  PHE n 
1 52  CYS n 
1 53  GLU n 
1 54  ALA n 
1 55  CYS n 
1 56  LYS n 
1 57  SER n 
1 58  THR n 
1 59  VAL n 
1 60  GLY n 
1 61  VAL n 
1 62  ASP n 
1 63  PHE n 
1 64  LYS n 
1 65  ILE n 
1 66  LYS n 
1 67  THR n 
1 68  VAL n 
1 69  GLU n 
1 70  LEU n 
1 71  ARG n 
1 72  GLY n 
1 73  LYS n 
1 74  LYS n 
1 75  ILE n 
1 76  ARG n 
1 77  LEU n 
1 78  GLN n 
1 79  ILE n 
1 80  TRP n 
1 81  ASP n 
1 82  THR n 
1 83  ALA n 
1 84  GLY n 
1 85  GLN n 
1 86  GLU n 
1 87  ARG n 
1 88  PHE n 
1 89  ASN n 
1 90  SER n 
1 91  ILE n 
1 92  THR n 
1 93  SER n 
1 94  ALA n 
1 95  TYR n 
1 96  TYR n 
1 97  ARG n 
1 98  SER n 
1 99  ALA n 
1 100 LYS n 
1 101 GLY n 
1 102 ILE n 
1 103 ILE n 
1 104 LEU n 
1 105 VAL n 
1 106 TYR n 
1 107 ASP n 
1 108 ILE n 
1 109 THR n 
1 110 LYS n 
1 111 LYS n 
1 112 GLU n 
1 113 THR n 
1 114 PHE n 
1 115 ASP n 
1 116 ASP n 
1 117 LEU n 
1 118 PRO n 
1 119 LYS n 
1 120 TRP n 
1 121 MET n 
1 122 LYS n 
1 123 MET n 
1 124 ILE n 
1 125 ASP n 
1 126 LYS n 
1 127 TYR n 
1 128 ALA n 
1 129 SER n 
1 130 GLU n 
1 131 ASP n 
1 132 ALA n 
1 133 GLU n 
1 134 LEU n 
1 135 LEU n 
1 136 LEU n 
1 137 VAL n 
1 138 GLY n 
1 139 ASN n 
1 140 LYS n 
1 141 LEU n 
1 142 ASP n 
1 143 CYS n 
1 144 GLU n 
1 145 THR n 
1 146 ASP n 
1 147 ARG n 
1 148 GLU n 
1 149 ILE n 
1 150 THR n 
1 151 ARG n 
1 152 GLN n 
1 153 GLN n 
1 154 GLY n 
1 155 GLU n 
1 156 LYS n 
1 157 PHE n 
1 158 ALA n 
1 159 GLN n 
1 160 GLN n 
1 161 ILE n 
1 162 THR n 
1 163 GLY n 
1 164 MET n 
1 165 ARG n 
1 166 PHE n 
1 167 CYS n 
1 168 GLU n 
1 169 ALA n 
1 170 SER n 
1 171 ALA n 
1 172 LYS n 
1 173 ASP n 
1 174 ASN n 
1 175 PHE n 
1 176 ASN n 
1 177 VAL n 
1 178 ASP n 
1 179 GLU n 
1 180 ILE n 
1 181 PHE n 
1 182 LEU n 
1 183 LYS n 
1 184 LEU n 
1 185 VAL n 
1 186 ASP n 
1 187 ASP n 
1 188 ILE n 
1 189 LEU n 
1 190 LYS n 
1 191 LYS n 
1 192 MET n 
# 
_entity_src_gen.entity_id                          1 
_entity_src_gen.pdbx_src_id                        1 
_entity_src_gen.pdbx_alt_source_flag               sample 
_entity_src_gen.pdbx_seq_type                      ? 
_entity_src_gen.pdbx_beg_seq_num                   ? 
_entity_src_gen.pdbx_end_seq_num                   ? 
_entity_src_gen.gene_src_common_name               human 
_entity_src_gen.gene_src_genus                     Homo 
_entity_src_gen.pdbx_gene_src_gene                 Rab12 
_entity_src_gen.gene_src_species                   ? 
_entity_src_gen.gene_src_strain                    ? 
_entity_src_gen.gene_src_tissue                    ? 
_entity_src_gen.gene_src_tissue_fraction           ? 
_entity_src_gen.gene_src_details                   ? 
_entity_src_gen.pdbx_gene_src_fragment             ? 
_entity_src_gen.pdbx_gene_src_scientific_name      'Homo sapiens' 
_entity_src_gen.pdbx_gene_src_ncbi_taxonomy_id     9606 
_entity_src_gen.pdbx_gene_src_variant              ? 
_entity_src_gen.pdbx_gene_src_cell_line            ? 
_entity_src_gen.pdbx_gene_src_atcc                 ? 
_entity_src_gen.pdbx_gene_src_organ                ? 
_entity_src_gen.pdbx_gene_src_organelle            ? 
_entity_src_gen.pdbx_gene_src_cell                 ? 
_entity_src_gen.pdbx_gene_src_cellular_location    ? 
_entity_src_gen.host_org_common_name               ? 
_entity_src_gen.pdbx_host_org_scientific_name      'Escherichia coli' 
_entity_src_gen.pdbx_host_org_ncbi_taxonomy_id     562 
_entity_src_gen.host_org_genus                     Escherichia 
_entity_src_gen.pdbx_host_org_gene                 ? 
_entity_src_gen.pdbx_host_org_organ                ? 
_entity_src_gen.host_org_species                   ? 
_entity_src_gen.pdbx_host_org_tissue               ? 
_entity_src_gen.pdbx_host_org_tissue_fraction      ? 
_entity_src_gen.pdbx_host_org_strain               'BL21-CodonPlus(DE-3)-RIL' 
_entity_src_gen.pdbx_host_org_variant              ? 
_entity_src_gen.pdbx_host_org_cell_line            ? 
_entity_src_gen.pdbx_host_org_atcc                 ? 
_entity_src_gen.pdbx_host_org_culture_collection   ? 
_entity_src_gen.pdbx_host_org_cell                 ? 
_entity_src_gen.pdbx_host_org_organelle            ? 
_entity_src_gen.pdbx_host_org_cellular_location    ? 
_entity_src_gen.pdbx_host_org_vector_type          PLASMID 
_entity_src_gen.pdbx_host_org_vector               ? 
_entity_src_gen.host_org_details                   ? 
_entity_src_gen.expression_system_id               ? 
_entity_src_gen.plasmid_name                       p28a-LIC 
_entity_src_gen.plasmid_details                    ? 
_entity_src_gen.pdbx_description                   ? 
# 
_struct_ref.id                         1 
_struct_ref.db_name                    UNP 
_struct_ref.db_code                    RAB43_HUMAN 
_struct_ref.pdbx_db_accession          Q86YS6 
_struct_ref.entity_id                  1 
_struct_ref.pdbx_align_begin           16 
_struct_ref.pdbx_db_isoform            ? 
_struct_ref.pdbx_seq_one_letter_code   ? 
# 
_struct_ref_seq.align_id                      1 
_struct_ref_seq.ref_id                        1 
_struct_ref_seq.pdbx_PDB_id_code              2IL1 
_struct_ref_seq.pdbx_strand_id                A 
_struct_ref_seq.seq_align_beg                 20 
_struct_ref_seq.pdbx_seq_align_beg_ins_code   ? 
_struct_ref_seq.seq_align_end                 192 
_struct_ref_seq.pdbx_seq_align_end_ins_code   ? 
_struct_ref_seq.pdbx_db_accession             Q86YS6 
_struct_ref_seq.db_align_beg                  16 
_struct_ref_seq.pdbx_db_align_beg_ins_code    ? 
_struct_ref_seq.db_align_end                  165 
_struct_ref_seq.pdbx_db_align_end_ins_code    ? 
_struct_ref_seq.pdbx_auth_seq_align_beg       132 
_struct_ref_seq.pdbx_auth_seq_align_end       304 
# 
loop_
_struct_ref_seq_dif.align_id 
_struct_ref_seq_dif.pdbx_pdb_id_code 
_struct_ref_seq_dif.mon_id 
_struct_ref_seq_dif.pdbx_pdb_strand_id 
_struct_ref_seq_dif.seq_num 
_struct_ref_seq_dif.pdbx_pdb_ins_code 
_struct_ref_seq_dif.pdbx_seq_db_name 
_struct_ref_seq_dif.pdbx_seq_db_accession_code 
_struct_ref_seq_dif.db_mon_id 
_struct_ref_seq_dif.pdbx_seq_db_seq_num 
_struct_ref_seq_dif.details 
_struct_ref_seq_dif.pdbx_auth_seq_num 
_struct_ref_seq_dif.pdbx_ordinal 
1 2IL1 MET A 1  ? UNP Q86YS6 ? ? 'initiating methionine' 113 1  
1 2IL1 GLY A 2  ? UNP Q86YS6 ? ? 'cloning artifact'      114 2  
1 2IL1 SER A 3  ? UNP Q86YS6 ? ? 'cloning artifact'      115 3  
1 2IL1 SER A 4  ? UNP Q86YS6 ? ? 'cloning artifact'      116 4  
1 2IL1 HIS A 5  ? UNP Q86YS6 ? ? 'expression tag'        117 5  
1 2IL1 HIS A 6  ? UNP Q86YS6 ? ? 'expression tag'        118 6  
1 2IL1 HIS A 7  ? UNP Q86YS6 ? ? 'expression tag'        119 7  
1 2IL1 HIS A 8  ? UNP Q86YS6 ? ? 'expression tag'        120 8  
1 2IL1 HIS A 9  ? UNP Q86YS6 ? ? 'expression tag'        121 9  
1 2IL1 HIS A 10 ? UNP Q86YS6 ? ? 'expression tag'        122 10 
1 2IL1 SER A 11 ? UNP Q86YS6 ? ? 'cloning artifact'      123 11 
1 2IL1 SER A 12 ? UNP Q86YS6 ? ? 'cloning artifact'      124 12 
1 2IL1 GLY A 13 ? UNP Q86YS6 ? ? 'cloning artifact'      125 13 
1 2IL1 LEU A 14 ? UNP Q86YS6 ? ? 'cloning artifact'      126 14 
1 2IL1 VAL A 15 ? UNP Q86YS6 ? ? 'cloning artifact'      127 15 
1 2IL1 PRO A 16 ? UNP Q86YS6 ? ? 'cloning artifact'      128 16 
1 2IL1 ARG A 17 ? UNP Q86YS6 ? ? 'cloning artifact'      129 17 
1 2IL1 GLY A 18 ? UNP Q86YS6 ? ? 'cloning artifact'      130 18 
1 2IL1 SER A 19 ? UNP Q86YS6 ? ? 'cloning artifact'      131 19 
# 
loop_
_chem_comp.id 
_chem_comp.type 
_chem_comp.mon_nstd_flag 
_chem_comp.name 
_chem_comp.pdbx_synonyms 
_chem_comp.formula 
_chem_comp.formula_weight 
ALA 'L-peptide linking' y ALANINE                    ? 'C3 H7 N O2'        89.093  
ARG 'L-peptide linking' y ARGININE                   ? 'C6 H15 N4 O2 1'    175.209 
ASN 'L-peptide linking' y ASPARAGINE                 ? 'C4 H8 N2 O3'       132.118 
ASP 'L-peptide linking' y 'ASPARTIC ACID'            ? 'C4 H7 N O4'        133.103 
CA  non-polymer         . 'CALCIUM ION'              ? 'Ca 2'              40.078  
CYS 'L-peptide linking' y CYSTEINE                   ? 'C3 H7 N O2 S'      121.158 
GDP 'RNA linking'       n "GUANOSINE-5'-DIPHOSPHATE" ? 'C10 H15 N5 O11 P2' 443.201 
GLN 'L-peptide linking' y GLUTAMINE                  ? 'C5 H10 N2 O3'      146.144 
GLU 'L-peptide linking' y 'GLUTAMIC ACID'            ? 'C5 H9 N O4'        147.129 
GLY 'peptide linking'   y GLYCINE                    ? 'C2 H5 N O2'        75.067  
HIS 'L-peptide linking' y HISTIDINE                  ? 'C6 H10 N3 O2 1'    156.162 
HOH non-polymer         . WATER                      ? 'H2 O'              18.015  
ILE 'L-peptide linking' y ISOLEUCINE                 ? 'C6 H13 N O2'       131.173 
LEU 'L-peptide linking' y LEUCINE                    ? 'C6 H13 N O2'       131.173 
LYS 'L-peptide linking' y LYSINE                     ? 'C6 H15 N2 O2 1'    147.195 
MET 'L-peptide linking' y METHIONINE                 ? 'C5 H11 N O2 S'     149.211 
MG  non-polymer         . 'MAGNESIUM ION'            ? 'Mg 2'              24.305  
PHE 'L-peptide linking' y PHENYLALANINE              ? 'C9 H11 N O2'       165.189 
PRO 'L-peptide linking' y PROLINE                    ? 'C5 H9 N O2'        115.130 
SER 'L-peptide linking' y SERINE                     ? 'C3 H7 N O3'        105.093 
THR 'L-peptide linking' y THREONINE                  ? 'C4 H9 N O3'        119.119 
TRP 'L-peptide linking' y TRYPTOPHAN                 ? 'C11 H12 N2 O2'     204.225 
TYR 'L-peptide linking' y TYROSINE                   ? 'C9 H11 N O3'       181.189 
UNX non-polymer         . 'UNKNOWN ATOM OR ION'      ? ?                   ?       
VAL 'L-peptide linking' y VALINE                     ? 'C5 H11 N O2'       117.146 
# 
_exptl.crystals_number   1 
_exptl.method            'X-RAY DIFFRACTION' 
_exptl.entry_id          2IL1 
# 
_exptl_crystal.id                    1 
_exptl_crystal.density_percent_sol   51.1 
_exptl_crystal.density_Matthews      2.5 
_exptl_crystal.density_meas          ? 
_exptl_crystal.description           ? 
_exptl_crystal.F_000                 ? 
_exptl_crystal.preparation           ? 
# 
_exptl_crystal_grow.crystal_id      1 
_exptl_crystal_grow.method          'VAPOR DIFFUSION, SITTING DROP' 
_exptl_crystal_grow.pH              5.0 
_exptl_crystal_grow.temp            291 
_exptl_crystal_grow.pdbx_details    
'22% PEG4000, 0.2M calcium acetate, 0.1M sodium cacodylate, pH 5.0, VAPOR DIFFUSION, SITTING DROP, temperature 291K' 
_exptl_crystal_grow.temp_details    ? 
_exptl_crystal_grow.pdbx_pH_range   . 
# 
_diffrn.id                     1 
_diffrn.ambient_temp           100 
_diffrn.ambient_temp_details   ? 
_diffrn.crystal_id             1 
# 
_diffrn_detector.diffrn_id              1 
_diffrn_detector.detector               CCD 
_diffrn_detector.type                   'MARMOSAIC 300 mm CCD' 
_diffrn_detector.pdbx_collection_date   2006-07-15 
_diffrn_detector.details                ? 
# 
_diffrn_radiation.diffrn_id                        1 
_diffrn_radiation.pdbx_diffrn_protocol             'SINGLE WAVELENGTH' 
_diffrn_radiation.monochromator                    ? 
_diffrn_radiation.wavelength_id                    1 
_diffrn_radiation.pdbx_monochromatic_or_laue_m_l   M 
_diffrn_radiation.pdbx_scattering_type             x-ray 
# 
_diffrn_radiation_wavelength.id           1 
_diffrn_radiation_wavelength.wavelength   0.97625 
_diffrn_radiation_wavelength.wt           1.0 
# 
_diffrn_source.diffrn_id                   1 
_diffrn_source.source                      SYNCHROTRON 
_diffrn_source.type                        'APS BEAMLINE 22-ID' 
_diffrn_source.pdbx_wavelength_list        0.97625 
_diffrn_source.pdbx_wavelength             ? 
_diffrn_source.pdbx_synchrotron_site       APS 
_diffrn_source.pdbx_synchrotron_beamline   22-ID 
# 
_reflns.entry_id                     2IL1 
_reflns.d_resolution_high            2.000 
_reflns.d_resolution_low             50.000 
_reflns.number_obs                   13543 
_reflns.pdbx_Rmerge_I_obs            0.052 
_reflns.pdbx_netI_over_sigmaI        13.100 
_reflns.pdbx_chi_squared             1.218 
_reflns.pdbx_redundancy              13.900 
_reflns.percent_possible_obs         94.200 
_reflns.observed_criterion_sigma_F   ? 
_reflns.observed_criterion_sigma_I   ? 
_reflns.number_all                   ? 
_reflns.pdbx_Rsym_value              ? 
_reflns.B_iso_Wilson_estimate        ? 
_reflns.R_free_details               ? 
_reflns.limit_h_max                  ? 
_reflns.limit_h_min                  ? 
_reflns.limit_k_max                  ? 
_reflns.limit_k_min                  ? 
_reflns.limit_l_max                  ? 
_reflns.limit_l_min                  ? 
_reflns.observed_criterion_F_max     ? 
_reflns.observed_criterion_F_min     ? 
_reflns.pdbx_scaling_rejects         ? 
_reflns.pdbx_ordinal                 1 
_reflns.pdbx_diffrn_id               1 
# 
loop_
_reflns_shell.d_res_high 
_reflns_shell.d_res_low 
_reflns_shell.number_measured_obs 
_reflns_shell.number_measured_all 
_reflns_shell.number_unique_obs 
_reflns_shell.Rmerge_I_obs 
_reflns_shell.meanI_over_sigI_obs 
_reflns_shell.pdbx_Rsym_value 
_reflns_shell.pdbx_chi_squared 
_reflns_shell.pdbx_redundancy 
_reflns_shell.percent_possible_obs 
_reflns_shell.number_unique_all 
_reflns_shell.percent_possible_all 
_reflns_shell.pdbx_ordinal 
_reflns_shell.pdbx_diffrn_id 
2.00 2.07  ? ? 730  0.43  ? ? 1.605 2.10  52.30  ? ? 1  1 
2.07 2.15  ? ? 1243 0.314 ? ? 0.575 4.90  91.50  ? ? 2  1 
2.15 2.25  ? ? 1360 0.266 ? ? 0.633 9.90  98.80  ? ? 3  1 
2.25 2.37  ? ? 1386 0.207 ? ? 0.566 14.50 99.60  ? ? 4  1 
2.37 2.52  ? ? 1398 0.153 ? ? 0.577 16.90 100.00 ? ? 5  1 
2.52 2.71  ? ? 1401 0.105 ? ? 0.697 17.80 100.00 ? ? 6  1 
2.71 2.99  ? ? 1420 0.079 ? ? 1.034 17.70 100.00 ? ? 7  1 
2.99 3.42  ? ? 1458 0.052 ? ? 1.401 17.30 99.70  ? ? 8  1 
3.42 4.31  ? ? 1475 0.047 ? ? 2.175 16.20 99.90  ? ? 9  1 
4.31 50.00 ? ? 1672 0.039 ? ? 2.439 14.30 98.60  ? ? 10 1 
# 
_refine.details                                  'HYDROGENS HAVE BEEN ADDED IN THE RIDING POSITIONS' 
_refine.B_iso_mean                               39.449 
_refine.aniso_B[1][1]                            -0.056 
_refine.aniso_B[2][2]                            -0.056 
_refine.aniso_B[3][3]                            0.085 
_refine.aniso_B[1][2]                            -0.028 
_refine.aniso_B[1][3]                            0.000 
_refine.aniso_B[2][3]                            0.000 
_refine.solvent_model_details                    'MASK BULK SOLVENT' 
_refine.pdbx_solvent_vdw_probe_radii             1.400 
_refine.pdbx_solvent_ion_probe_radii             0.800 
_refine.pdbx_solvent_shrinkage_radii             0.800 
_refine.ls_d_res_high                            2.100 
_refine.ls_d_res_low                             30.000 
_refine.ls_number_reflns_R_free                  615 
_refine.ls_number_reflns_obs                     12316 
_refine.ls_R_factor_R_work                       0.2412 
_refine.ls_R_factor_R_free                       0.2661 
_refine.ls_wR_factor_R_work                      0.246 
_refine.ls_wR_factor_R_free                      0.263 
_refine.ls_percent_reflns_obs                    99.467 
_refine.ls_percent_reflns_R_free                 4.994 
_refine.correlation_coeff_Fo_to_Fc               0.929 
_refine.correlation_coeff_Fo_to_Fc_free          0.919 
_refine.pdbx_overall_ESU_R                       0.240 
_refine.pdbx_overall_ESU_R_Free                  0.194 
_refine.entry_id                                 2IL1 
_refine.pdbx_ls_sigma_F                          ? 
_refine.pdbx_ls_sigma_I                          ? 
_refine.ls_number_reflns_all                     ? 
_refine.ls_R_factor_all                          ? 
_refine.ls_R_factor_obs                          ? 
_refine.ls_redundancy_reflns_obs                 ? 
_refine.pdbx_data_cutoff_high_absF               ? 
_refine.pdbx_data_cutoff_low_absF                ? 
_refine.ls_number_parameters                     ? 
_refine.ls_number_restraints                     ? 
_refine.ls_R_factor_R_free_error                 ? 
_refine.ls_R_factor_R_free_error_details         ? 
_refine.pdbx_method_to_determine_struct          'MOLECULAR REPLACEMENT' 
_refine.pdbx_starting_model                      'PDB entry 1G17, chain A' 
_refine.pdbx_ls_cross_valid_method               ? 
_refine.pdbx_R_Free_selection_details            ? 
_refine.pdbx_stereochem_target_val_spec_case     ? 
_refine.pdbx_stereochemistry_target_values       ? 
_refine.solvent_model_param_bsol                 ? 
_refine.solvent_model_param_ksol                 ? 
_refine.occupancy_max                            ? 
_refine.occupancy_min                            ? 
_refine.pdbx_isotropic_thermal_model             ? 
_refine.B_iso_min                                ? 
_refine.B_iso_max                                ? 
_refine.overall_SU_R_Cruickshank_DPI             ? 
_refine.overall_SU_R_free                        ? 
_refine.overall_SU_ML                            ? 
_refine.overall_SU_B                             ? 
_refine.pdbx_data_cutoff_high_rms_absF           ? 
_refine.overall_FOM_free_R_set                   ? 
_refine.overall_FOM_work_R_set                   ? 
_refine.pdbx_refine_id                           'X-RAY DIFFRACTION' 
_refine.pdbx_TLS_residual_ADP_flag               'LIKELY RESIDUAL' 
_refine.pdbx_diffrn_id                           1 
_refine.pdbx_overall_phase_error                 ? 
_refine.pdbx_overall_SU_R_free_Cruickshank_DPI   ? 
_refine.pdbx_overall_SU_R_Blow_DPI               ? 
_refine.pdbx_overall_SU_R_free_Blow_DPI          ? 
# 
_refine_hist.pdbx_refine_id                   'X-RAY DIFFRACTION' 
_refine_hist.cycle_id                         LAST 
_refine_hist.pdbx_number_atoms_protein        1278 
_refine_hist.pdbx_number_atoms_nucleic_acid   0 
_refine_hist.pdbx_number_atoms_ligand         36 
_refine_hist.number_atoms_solvent             24 
_refine_hist.number_atoms_total               1338 
_refine_hist.d_res_high                       2.100 
_refine_hist.d_res_low                        30.000 
# 
loop_
_refine_ls_restr.type 
_refine_ls_restr.number 
_refine_ls_restr.dev_ideal 
_refine_ls_restr.dev_ideal_target 
_refine_ls_restr.weight 
_refine_ls_restr.pdbx_refine_id 
_refine_ls_restr.pdbx_restraint_function 
r_bond_refined_d             1344 0.016  0.022  ? 'X-RAY DIFFRACTION' ? 
r_angle_refined_deg          1817 1.415  1.991  ? 'X-RAY DIFFRACTION' ? 
r_dihedral_angle_1_deg       167  5.825  5.000  ? 'X-RAY DIFFRACTION' ? 
r_dihedral_angle_2_deg       56   37.483 24.821 ? 'X-RAY DIFFRACTION' ? 
r_dihedral_angle_3_deg       252  13.407 15.000 ? 'X-RAY DIFFRACTION' ? 
r_dihedral_angle_4_deg       7    15.609 15.000 ? 'X-RAY DIFFRACTION' ? 
r_chiral_restr               209  0.094  0.200  ? 'X-RAY DIFFRACTION' ? 
r_gen_planes_refined         966  0.005  0.020  ? 'X-RAY DIFFRACTION' ? 
r_nbd_refined                562  0.206  0.200  ? 'X-RAY DIFFRACTION' ? 
r_nbtor_refined              945  0.294  0.200  ? 'X-RAY DIFFRACTION' ? 
r_xyhbond_nbd_refined        54   0.143  0.200  ? 'X-RAY DIFFRACTION' ? 
r_metal_ion_refined          1    0.221  0.200  ? 'X-RAY DIFFRACTION' ? 
r_symmetry_vdw_refined       29   0.241  0.200  ? 'X-RAY DIFFRACTION' ? 
r_symmetry_hbond_refined     6    0.154  0.200  ? 'X-RAY DIFFRACTION' ? 
r_symmetry_metal_ion_refined 1    0.092  0.200  ? 'X-RAY DIFFRACTION' ? 
r_mcbond_it                  853  2.439  2.000  ? 'X-RAY DIFFRACTION' ? 
r_mcangle_it                 1324 3.245  3.000  ? 'X-RAY DIFFRACTION' ? 
r_scbond_it                  584  2.740  2.000  ? 'X-RAY DIFFRACTION' ? 
r_scangle_it                 491  3.600  3.000  ? 'X-RAY DIFFRACTION' ? 
# 
loop_
_refine_ls_shell.pdbx_total_number_of_bins_used 
_refine_ls_shell.d_res_low 
_refine_ls_shell.d_res_high 
_refine_ls_shell.number_reflns_all 
_refine_ls_shell.percent_reflns_obs 
_refine_ls_shell.number_reflns_R_work 
_refine_ls_shell.R_factor_R_work 
_refine_ls_shell.number_reflns_R_free 
_refine_ls_shell.R_factor_R_free 
_refine_ls_shell.number_reflns_obs 
_refine_ls_shell.R_factor_R_free_error 
_refine_ls_shell.percent_reflns_R_free 
_refine_ls_shell.redundancy_reflns_obs 
_refine_ls_shell.R_factor_all 
_refine_ls_shell.pdbx_refine_id 
20 2.154  2.100 884 95.249  800 0.283 42 0.328 . . . . . 'X-RAY DIFFRACTION' 
20 2.213  2.154 832 98.438  767 0.249 52 0.283 . . . . . 'X-RAY DIFFRACTION' 
20 2.277  2.213 866 99.885  816 0.239 49 0.343 . . . . . 'X-RAY DIFFRACTION' 
20 2.347  2.277 782 99.872  745 0.237 36 0.266 . . . . . 'X-RAY DIFFRACTION' 
20 2.423  2.347 786 100.000 751 0.226 35 0.321 . . . . . 'X-RAY DIFFRACTION' 
20 2.507  2.423 790 100.000 751 0.239 39 0.304 . . . . . 'X-RAY DIFFRACTION' 
20 2.601  2.507 714 100.000 679 0.237 35 0.341 . . . . . 'X-RAY DIFFRACTION' 
20 2.707  2.601 721 100.000 676 0.23  45 0.227 . . . . . 'X-RAY DIFFRACTION' 
20 2.826  2.707 708 100.000 679 0.248 29 0.227 . . . . . 'X-RAY DIFFRACTION' 
20 2.963  2.826 644 100.000 617 0.235 27 0.271 . . . . . 'X-RAY DIFFRACTION' 
20 3.121  2.963 638 100.000 599 0.225 39 0.342 . . . . . 'X-RAY DIFFRACTION' 
20 3.308  3.121 621 99.839  588 0.245 32 0.272 . . . . . 'X-RAY DIFFRACTION' 
20 3.534  3.308 571 99.650  548 0.22  21 0.32  . . . . . 'X-RAY DIFFRACTION' 
20 3.812  3.534 547 100.000 516 0.21  31 0.22  . . . . . 'X-RAY DIFFRACTION' 
20 4.170  3.812 502 100.000 478 0.22  24 0.258 . . . . . 'X-RAY DIFFRACTION' 
20 4.651  4.170 467 99.572  435 0.201 30 0.2   . . . . . 'X-RAY DIFFRACTION' 
20 5.349  4.651 409 100.000 396 0.23  13 0.162 . . . . . 'X-RAY DIFFRACTION' 
20 6.499  5.349 385 100.000 370 0.301 15 0.27  . . . . . 'X-RAY DIFFRACTION' 
20 8.983  6.499 303 100.000 291 0.293 12 0.353 . . . . . 'X-RAY DIFFRACTION' 
20 30.000 8.983 212 98.113  199 0.323 9  0.297 . . . . . 'X-RAY DIFFRACTION' 
# 
_struct.entry_id                  2IL1 
_struct.title                     'Crystal structure of a predicted human GTPase in complex with GDP' 
_struct.pdbx_model_details        ? 
_struct.pdbx_CASP_flag            ? 
_struct.pdbx_model_type_details   ? 
# 
_struct_keywords.text            
'G-PROTEIN, RAB, GDP, GTPASE, PREDICTED, Structural Genomics, Structural Genomics Consortium, SGC, PROTEIN TRANSPORT' 
_struct_keywords.entry_id        2IL1 
_struct_keywords.pdbx_keywords   'PROTEIN TRANSPORT' 
# 
loop_
_struct_asym.id 
_struct_asym.pdbx_blank_PDB_chainid_flag 
_struct_asym.pdbx_modified 
_struct_asym.entity_id 
_struct_asym.details 
A N N 1 ? 
B N N 2 ? 
C N N 3 ? 
D N N 4 ? 
E N N 5 ? 
F N N 5 ? 
G N N 5 ? 
H N N 5 ? 
I N N 5 ? 
J N N 5 ? 
K N N 6 ? 
# 
_struct_biol.id                    1 
_struct_biol.details               'not known' 
_struct_biol.pdbx_parent_biol_id   ? 
# 
loop_
_struct_conf.conf_type_id 
_struct_conf.id 
_struct_conf.pdbx_PDB_helix_id 
_struct_conf.beg_label_comp_id 
_struct_conf.beg_label_asym_id 
_struct_conf.beg_label_seq_id 
_struct_conf.pdbx_beg_PDB_ins_code 
_struct_conf.end_label_comp_id 
_struct_conf.end_label_asym_id 
_struct_conf.end_label_seq_id 
_struct_conf.pdbx_end_PDB_ins_code 
_struct_conf.beg_auth_comp_id 
_struct_conf.beg_auth_asym_id 
_struct_conf.beg_auth_seq_id 
_struct_conf.end_auth_comp_id 
_struct_conf.end_auth_asym_id 
_struct_conf.end_auth_seq_id 
_struct_conf.pdbx_PDB_helix_class 
_struct_conf.details 
_struct_conf.pdbx_PDB_helix_length 
HELX_P HELX_P1 1 GLY A 38  ? THR A 47  ? GLY A 150 THR A 159 1 ? 10 
HELX_P HELX_P2 2 GLN A 85  ? ARG A 87  ? GLN A 197 ARG A 199 5 ? 3  
HELX_P HELX_P3 3 PHE A 88  ? ALA A 99  ? PHE A 200 ALA A 211 1 ? 12 
HELX_P HELX_P4 4 LYS A 110 ? ASP A 116 ? LYS A 222 ASP A 228 1 ? 7  
HELX_P HELX_P5 5 ASP A 116 ? ALA A 128 ? ASP A 228 ALA A 240 1 ? 13 
HELX_P HELX_P6 6 LYS A 140 ? ARG A 147 ? LYS A 252 ARG A 259 5 ? 8  
HELX_P HELX_P7 7 THR A 150 ? GLN A 160 ? THR A 262 GLN A 272 1 ? 11 
HELX_P HELX_P8 8 ASN A 176 ? LYS A 191 ? ASN A 288 LYS A 303 1 ? 16 
# 
_struct_conf_type.id          HELX_P 
_struct_conf_type.criteria    ? 
_struct_conf_type.reference   ? 
# 
loop_
_struct_conn.id 
_struct_conn.conn_type_id 
_struct_conn.pdbx_leaving_atom_flag 
_struct_conn.pdbx_PDB_id 
_struct_conn.ptnr1_label_asym_id 
_struct_conn.ptnr1_label_comp_id 
_struct_conn.ptnr1_label_seq_id 
_struct_conn.ptnr1_label_atom_id 
_struct_conn.pdbx_ptnr1_label_alt_id 
_struct_conn.pdbx_ptnr1_PDB_ins_code 
_struct_conn.pdbx_ptnr1_standard_comp_id 
_struct_conn.ptnr1_symmetry 
_struct_conn.ptnr2_label_asym_id 
_struct_conn.ptnr2_label_comp_id 
_struct_conn.ptnr2_label_seq_id 
_struct_conn.ptnr2_label_atom_id 
_struct_conn.pdbx_ptnr2_label_alt_id 
_struct_conn.pdbx_ptnr2_PDB_ins_code 
_struct_conn.ptnr1_auth_asym_id 
_struct_conn.ptnr1_auth_comp_id 
_struct_conn.ptnr1_auth_seq_id 
_struct_conn.ptnr2_auth_asym_id 
_struct_conn.ptnr2_auth_comp_id 
_struct_conn.ptnr2_auth_seq_id 
_struct_conn.ptnr2_symmetry 
_struct_conn.pdbx_ptnr3_label_atom_id 
_struct_conn.pdbx_ptnr3_label_seq_id 
_struct_conn.pdbx_ptnr3_label_comp_id 
_struct_conn.pdbx_ptnr3_label_asym_id 
_struct_conn.pdbx_ptnr3_label_alt_id 
_struct_conn.pdbx_ptnr3_PDB_ins_code 
_struct_conn.details 
_struct_conn.pdbx_dist_value 
_struct_conn.pdbx_value_order 
_struct_conn.pdbx_role 
metalc1  metalc ? ? A THR 40  OG1 ? ? ? 1_555  B MG  . MG ? ? A THR 152 A MG  402  1_555  ? ? ? ? ? ? ? 2.345 ? ? 
metalc2  metalc ? ? A ASP 178 OD2 ? ? ? 1_555  C CA  . CA ? ? A ASP 290 A CA  501  1_555  ? ? ? ? ? ? ? 2.199 ? ? 
metalc3  metalc ? ? A ASP 178 OD2 ? ? ? 10_665 C CA  . CA ? ? A ASP 290 A CA  501  1_555  ? ? ? ? ? ? ? 2.328 ? ? 
metalc4  metalc ? ? A GLU 179 OE1 ? ? ? 1_555  C CA  . CA ? ? A GLU 291 A CA  501  1_555  ? ? ? ? ? ? ? 2.484 ? ? 
metalc5  metalc ? ? A GLU 179 OE2 ? ? ? 1_555  C CA  . CA ? ? A GLU 291 A CA  501  1_555  ? ? ? ? ? ? ? 2.559 ? ? 
metalc6  metalc ? ? A GLU 179 OE1 ? ? ? 10_665 C CA  . CA ? ? A GLU 291 A CA  501  1_555  ? ? ? ? ? ? ? 2.584 ? ? 
metalc7  metalc ? ? A GLU 179 OE2 ? ? ? 10_665 C CA  . CA ? ? A GLU 291 A CA  501  1_555  ? ? ? ? ? ? ? 2.722 ? ? 
metalc8  metalc ? ? D GDP .   O3B ? ? ? 1_555  B MG  . MG ? ? A GDP 401 A MG  402  1_555  ? ? ? ? ? ? ? 2.431 ? ? 
metalc9  metalc ? ? B MG  .   MG  ? ? ? 1_555  K HOH . O  ? ? A MG  402 A HOH 1013 1_555  ? ? ? ? ? ? ? 2.020 ? ? 
metalc10 metalc ? ? B MG  .   MG  ? ? ? 1_555  K HOH . O  ? ? A MG  402 A HOH 1014 1_555  ? ? ? ? ? ? ? 2.500 ? ? 
metalc11 metalc ? ? B MG  .   MG  ? ? ? 1_555  K HOH . O  ? ? A MG  402 A HOH 1015 1_555  ? ? ? ? ? ? ? 2.423 ? ? 
metalc12 metalc ? ? C CA  .   CA  ? ? ? 1_555  K HOH . O  ? ? A CA  501 A HOH 1001 1_555  ? ? ? ? ? ? ? 2.586 ? ? 
metalc13 metalc ? ? C CA  .   CA  ? ? ? 1_555  K HOH . O  ? ? A CA  501 A HOH 1001 10_665 ? ? ? ? ? ? ? 2.497 ? ? 
# 
_struct_conn_type.id          metalc 
_struct_conn_type.criteria    ? 
_struct_conn_type.reference   ? 
# 
_struct_sheet.id               A 
_struct_sheet.type             ? 
_struct_sheet.number_strands   6 
_struct_sheet.details          ? 
# 
loop_
_struct_sheet_order.sheet_id 
_struct_sheet_order.range_id_1 
_struct_sheet_order.range_id_2 
_struct_sheet_order.offset 
_struct_sheet_order.sense 
A 1 2 ? anti-parallel 
A 2 3 ? parallel      
A 3 4 ? parallel      
A 4 5 ? parallel      
A 5 6 ? parallel      
# 
loop_
_struct_sheet_range.sheet_id 
_struct_sheet_range.id 
_struct_sheet_range.beg_label_comp_id 
_struct_sheet_range.beg_label_asym_id 
_struct_sheet_range.beg_label_seq_id 
_struct_sheet_range.pdbx_beg_PDB_ins_code 
_struct_sheet_range.end_label_comp_id 
_struct_sheet_range.end_label_asym_id 
_struct_sheet_range.end_label_seq_id 
_struct_sheet_range.pdbx_end_PDB_ins_code 
_struct_sheet_range.beg_auth_comp_id 
_struct_sheet_range.beg_auth_asym_id 
_struct_sheet_range.beg_auth_seq_id 
_struct_sheet_range.end_auth_comp_id 
_struct_sheet_range.end_auth_asym_id 
_struct_sheet_range.end_auth_seq_id 
A 1 VAL A 61  ? LEU A 70  ? VAL A 173 LEU A 182 
A 2 LYS A 73  ? THR A 82  ? LYS A 185 THR A 194 
A 3 PHE A 25  ? ILE A 32  ? PHE A 137 ILE A 144 
A 4 GLY A 101 ? ASP A 107 ? GLY A 213 ASP A 219 
A 5 GLU A 133 ? ASN A 139 ? GLU A 245 ASN A 251 
A 6 ARG A 165 ? GLU A 168 ? ARG A 277 GLU A 280 
# 
loop_
_pdbx_struct_sheet_hbond.sheet_id 
_pdbx_struct_sheet_hbond.range_id_1 
_pdbx_struct_sheet_hbond.range_id_2 
_pdbx_struct_sheet_hbond.range_1_label_atom_id 
_pdbx_struct_sheet_hbond.range_1_label_comp_id 
_pdbx_struct_sheet_hbond.range_1_label_asym_id 
_pdbx_struct_sheet_hbond.range_1_label_seq_id 
_pdbx_struct_sheet_hbond.range_1_PDB_ins_code 
_pdbx_struct_sheet_hbond.range_1_auth_atom_id 
_pdbx_struct_sheet_hbond.range_1_auth_comp_id 
_pdbx_struct_sheet_hbond.range_1_auth_asym_id 
_pdbx_struct_sheet_hbond.range_1_auth_seq_id 
_pdbx_struct_sheet_hbond.range_2_label_atom_id 
_pdbx_struct_sheet_hbond.range_2_label_comp_id 
_pdbx_struct_sheet_hbond.range_2_label_asym_id 
_pdbx_struct_sheet_hbond.range_2_label_seq_id 
_pdbx_struct_sheet_hbond.range_2_PDB_ins_code 
_pdbx_struct_sheet_hbond.range_2_auth_atom_id 
_pdbx_struct_sheet_hbond.range_2_auth_comp_id 
_pdbx_struct_sheet_hbond.range_2_auth_asym_id 
_pdbx_struct_sheet_hbond.range_2_auth_seq_id 
A 1 2 N LYS A 66  ? N LYS A 178 O LEU A 77  ? O LEU A 189 
A 2 3 O ARG A 76  ? O ARG A 188 N PHE A 25  ? N PHE A 137 
A 3 4 N ILE A 32  ? N ILE A 144 O ILE A 103 ? O ILE A 215 
A 4 5 N TYR A 106 ? N TYR A 218 O ASN A 139 ? O ASN A 251 
A 5 6 N LEU A 136 ? N LEU A 248 O ARG A 165 ? O ARG A 277 
# 
loop_
_struct_site.id 
_struct_site.pdbx_evidence_code 
_struct_site.pdbx_auth_asym_id 
_struct_site.pdbx_auth_comp_id 
_struct_site.pdbx_auth_seq_id 
_struct_site.pdbx_auth_ins_code 
_struct_site.pdbx_num_residues 
_struct_site.details 
AC1 Software A MG  402  ? 5  'BINDING SITE FOR RESIDUE MG A 402'   
AC2 Software A CA  501  ? 6  'BINDING SITE FOR RESIDUE CA A 501'   
AC3 Software A GDP 401  ? 17 'BINDING SITE FOR RESIDUE GDP A 401'  
AC4 Software A UNX 1401 ? 2  'BINDING SITE FOR RESIDUE UNX A 1401' 
AC5 Software A UNX 1402 ? 5  'BINDING SITE FOR RESIDUE UNX A 1402' 
AC6 Software A UNX 1403 ? 2  'BINDING SITE FOR RESIDUE UNX A 1403' 
AC7 Software A UNX 1404 ? 2  'BINDING SITE FOR RESIDUE UNX A 1404' 
AC8 Software A UNX 1405 ? 3  'BINDING SITE FOR RESIDUE UNX A 1405' 
AC9 Software A UNX 1406 ? 3  'BINDING SITE FOR RESIDUE UNX A 1406' 
# 
loop_
_struct_site_gen.id 
_struct_site_gen.site_id 
_struct_site_gen.pdbx_num_res 
_struct_site_gen.label_comp_id 
_struct_site_gen.label_asym_id 
_struct_site_gen.label_seq_id 
_struct_site_gen.pdbx_auth_ins_code 
_struct_site_gen.auth_comp_id 
_struct_site_gen.auth_asym_id 
_struct_site_gen.auth_seq_id 
_struct_site_gen.label_atom_id 
_struct_site_gen.label_alt_id 
_struct_site_gen.symmetry 
_struct_site_gen.details 
1  AC1 5  THR A 40  ? THR A 152  . ? 1_555  ? 
2  AC1 5  GDP D .   ? GDP A 401  . ? 1_555  ? 
3  AC1 5  HOH K .   ? HOH A 1013 . ? 1_555  ? 
4  AC1 5  HOH K .   ? HOH A 1014 . ? 1_555  ? 
5  AC1 5  HOH K .   ? HOH A 1015 . ? 1_555  ? 
6  AC2 6  ASP A 178 ? ASP A 290  . ? 10_665 ? 
7  AC2 6  ASP A 178 ? ASP A 290  . ? 1_555  ? 
8  AC2 6  GLU A 179 ? GLU A 291  . ? 1_555  ? 
9  AC2 6  GLU A 179 ? GLU A 291  . ? 10_665 ? 
10 AC2 6  HOH K .   ? HOH A 1001 . ? 10_665 ? 
11 AC2 6  HOH K .   ? HOH A 1001 . ? 1_555  ? 
12 AC3 17 ARG A 35  ? ARG A 147  . ? 1_555  ? 
13 AC3 17 GLY A 36  ? GLY A 148  . ? 1_555  ? 
14 AC3 17 VAL A 37  ? VAL A 149  . ? 1_555  ? 
15 AC3 17 GLY A 38  ? GLY A 150  . ? 1_555  ? 
16 AC3 17 LYS A 39  ? LYS A 151  . ? 1_555  ? 
17 AC3 17 THR A 40  ? THR A 152  . ? 1_555  ? 
18 AC3 17 SER A 41  ? SER A 153  . ? 1_555  ? 
19 AC3 17 ASN A 139 ? ASN A 251  . ? 1_555  ? 
20 AC3 17 LYS A 140 ? LYS A 252  . ? 1_555  ? 
21 AC3 17 ASP A 142 ? ASP A 254  . ? 1_555  ? 
22 AC3 17 CYS A 143 ? CYS A 255  . ? 1_555  ? 
23 AC3 17 SER A 170 ? SER A 282  . ? 1_555  ? 
24 AC3 17 ALA A 171 ? ALA A 283  . ? 1_555  ? 
25 AC3 17 LYS A 172 ? LYS A 284  . ? 1_555  ? 
26 AC3 17 MG  B .   ? MG  A 402  . ? 1_555  ? 
27 AC3 17 HOH K .   ? HOH A 1014 . ? 1_555  ? 
28 AC3 17 UNX H .   ? UNX A 1404 . ? 1_555  ? 
29 AC4 2  CYS A 167 ? CYS A 279  . ? 1_555  ? 
30 AC4 2  ASN A 176 ? ASN A 288  . ? 1_555  ? 
31 AC5 5  ARG A 87  ? ARG A 199  . ? 8_665  ? 
32 AC5 5  PHE A 88  ? PHE A 200  . ? 8_665  ? 
33 AC5 5  SER A 90  ? SER A 202  . ? 8_665  ? 
34 AC5 5  ILE A 91  ? ILE A 203  . ? 8_665  ? 
35 AC5 5  GLN A 160 ? GLN A 272  . ? 1_555  ? 
36 AC6 2  ASP A 142 ? ASP A 254  . ? 1_555  ? 
37 AC6 2  ASP A 173 ? ASP A 285  . ? 1_555  ? 
38 AC7 2  CYS A 143 ? CYS A 255  . ? 1_555  ? 
39 AC7 2  GDP D .   ? GDP A 401  . ? 1_555  ? 
40 AC8 3  ALA A 83  ? ALA A 195  . ? 8_665  ? 
41 AC8 3  LYS A 122 ? LYS A 234  . ? 1_555  ? 
42 AC8 3  ASP A 125 ? ASP A 237  . ? 1_555  ? 
43 AC9 3  ASP A 142 ? ASP A 254  . ? 1_555  ? 
44 AC9 3  GLU A 144 ? GLU A 256  . ? 1_555  ? 
45 AC9 3  THR A 145 ? THR A 257  . ? 1_555  ? 
# 
_atom_sites.entry_id                    2IL1 
_atom_sites.fract_transf_matrix[1][1]   0.01082394 
_atom_sites.fract_transf_matrix[1][2]   -0.02122386 
_atom_sites.fract_transf_matrix[1][3]   -0.00880219 
_atom_sites.fract_transf_matrix[2][1]   0.02497378 
_atom_sites.fract_transf_matrix[2][2]   -0.00364407 
_atom_sites.fract_transf_matrix[2][3]   0.00285313 
_atom_sites.fract_transf_matrix[3][1]   -0.00052560 
_atom_sites.fract_transf_matrix[3][2]   -0.00142254 
_atom_sites.fract_transf_matrix[3][3]   0.00278371 
_atom_sites.fract_transf_vector[1]      0.388543 
_atom_sites.fract_transf_vector[2]      0.596163 
_atom_sites.fract_transf_vector[3]      0.036165 
# 
loop_
_atom_type.symbol 
C  
CA 
MG 
N  
O  
P  
S  
X  
# 
loop_
_atom_site.group_PDB 
_atom_site.id 
_atom_site.type_symbol 
_atom_site.label_atom_id 
_atom_site.label_alt_id 
_atom_site.label_comp_id 
_atom_site.label_asym_id 
_atom_site.label_entity_id 
_atom_site.label_seq_id 
_atom_site.pdbx_PDB_ins_code 
_atom_site.Cartn_x 
_atom_site.Cartn_y 
_atom_site.Cartn_z 
_atom_site.occupancy 
_atom_site.B_iso_or_equiv 
_atom_site.pdbx_formal_charge 
_atom_site.auth_seq_id 
_atom_site.auth_comp_id 
_atom_site.auth_asym_id 
_atom_site.auth_atom_id 
_atom_site.pdbx_PDB_model_num 
ATOM   1    N  N     . PRO A 1 22  ? 24.719  -3.866  9.790   1.00 51.97 ? 134  PRO A N     1 
ATOM   2    C  CA    . PRO A 1 22  ? 24.207  -3.417  8.498   1.00 51.07 ? 134  PRO A CA    1 
ATOM   3    C  C     . PRO A 1 22  ? 23.016  -4.265  8.037   1.00 50.53 ? 134  PRO A C     1 
ATOM   4    O  O     . PRO A 1 22  ? 22.790  -5.366  8.551   1.00 52.28 ? 134  PRO A O     1 
ATOM   5    C  CB    . PRO A 1 22  ? 25.410  -3.598  7.555   1.00 50.96 ? 134  PRO A CB    1 
ATOM   6    C  CG    . PRO A 1 22  ? 26.599  -3.573  8.442   1.00 52.54 ? 134  PRO A CG    1 
ATOM   7    C  CD    . PRO A 1 22  ? 26.154  -4.196  9.740   1.00 52.83 ? 134  PRO A CD    1 
ATOM   8    N  N     . ALA A 1 23  ? 22.253  -3.749  7.083   1.00 50.26 ? 135  ALA A N     1 
ATOM   9    C  CA    . ALA A 1 23  ? 21.014  -4.404  6.662   1.00 48.27 ? 135  ALA A CA    1 
ATOM   10   C  C     . ALA A 1 23  ? 21.300  -5.628  5.790   1.00 47.19 ? 135  ALA A C     1 
ATOM   11   O  O     . ALA A 1 23  ? 22.296  -5.660  5.069   1.00 47.04 ? 135  ALA A O     1 
ATOM   12   C  CB    . ALA A 1 23  ? 20.113  -3.419  5.946   1.00 48.20 ? 135  ALA A CB    1 
ATOM   13   N  N     . ASP A 1 24  ? 20.443  -6.642  5.890   1.00 43.80 ? 136  ASP A N     1 
ATOM   14   C  CA    . ASP A 1 24  ? 20.535  -7.810  5.010   1.00 44.23 ? 136  ASP A CA    1 
ATOM   15   C  C     . ASP A 1 24  ? 19.912  -7.490  3.643   1.00 44.86 ? 136  ASP A C     1 
ATOM   16   O  O     . ASP A 1 24  ? 20.387  -7.981  2.611   1.00 46.41 ? 136  ASP A O     1 
ATOM   17   C  CB    . ASP A 1 24  ? 19.861  -9.045  5.630   1.00 42.12 ? 136  ASP A CB    1 
ATOM   18   C  CG    . ASP A 1 24  ? 20.465  -9.439  6.969   1.00 43.23 ? 136  ASP A CG    1 
ATOM   19   O  OD1   . ASP A 1 24  ? 21.661  -9.824  7.017   1.00 43.98 ? 136  ASP A OD1   1 
ATOM   20   O  OD2   . ASP A 1 24  ? 19.732  -9.372  7.980   1.00 42.03 ? 136  ASP A OD2   1 
ATOM   21   N  N     . PHE A 1 25  ? 18.853  -6.668  3.652   1.00 42.02 ? 137  PHE A N     1 
ATOM   22   C  CA    . PHE A 1 25  ? 18.157  -6.245  2.429   1.00 41.31 ? 137  PHE A CA    1 
ATOM   23   C  C     . PHE A 1 25  ? 17.791  -4.763  2.453   1.00 36.96 ? 137  PHE A C     1 
ATOM   24   O  O     . PHE A 1 25  ? 17.497  -4.199  3.511   1.00 35.64 ? 137  PHE A O     1 
ATOM   25   C  CB    . PHE A 1 25  ? 16.867  -7.061  2.209   1.00 43.78 ? 137  PHE A CB    1 
ATOM   26   C  CG    . PHE A 1 25  ? 17.092  -8.534  2.061   1.00 44.89 ? 137  PHE A CG    1 
ATOM   27   C  CD1   . PHE A 1 25  ? 17.510  -9.068  0.843   1.00 47.14 ? 137  PHE A CD1   1 
ATOM   28   C  CD2   . PHE A 1 25  ? 16.893  -9.394  3.143   1.00 45.27 ? 137  PHE A CD2   1 
ATOM   29   C  CE1   . PHE A 1 25  ? 17.719  -10.439 0.701   1.00 46.00 ? 137  PHE A CE1   1 
ATOM   30   C  CE2   . PHE A 1 25  ? 17.096  -10.760 3.020   1.00 47.17 ? 137  PHE A CE2   1 
ATOM   31   C  CZ    . PHE A 1 25  ? 17.516  -11.289 1.793   1.00 47.04 ? 137  PHE A CZ    1 
ATOM   32   N  N     . LYS A 1 26  ? 17.809  -4.144  1.276   1.00 34.88 ? 138  LYS A N     1 
ATOM   33   C  CA    . LYS A 1 26  ? 17.142  -2.859  1.059   1.00 34.84 ? 138  LYS A CA    1 
ATOM   34   C  C     . LYS A 1 26  ? 15.964  -3.109  0.130   1.00 37.85 ? 138  LYS A C     1 
ATOM   35   O  O     . LYS A 1 26  ? 16.111  -3.767  -0.907  1.00 38.91 ? 138  LYS A O     1 
ATOM   36   C  CB    . LYS A 1 26  ? 18.109  -1.825  0.457   1.00 37.71 ? 138  LYS A CB    1 
ATOM   37   C  CG    . LYS A 1 26  ? 19.287  -1.467  1.381   1.00 38.04 ? 138  LYS A CG    1 
ATOM   38   C  CD    . LYS A 1 26  ? 20.031  -0.211  0.910   1.00 36.84 ? 138  LYS A CD    1 
ATOM   39   C  CE    . LYS A 1 26  ? 21.326  0.004   1.736   1.00 40.07 ? 138  LYS A CE    1 
ATOM   40   N  N     . LEU A 1 27  ? 14.788  -2.624  0.518   1.00 38.53 ? 139  LEU A N     1 
ATOM   41   C  CA    . LEU A 1 27  ? 13.570  -2.835  -0.268  1.00 40.43 ? 139  LEU A CA    1 
ATOM   42   C  C     . LEU A 1 27  ? 12.811  -1.547  -0.414  1.00 36.79 ? 139  LEU A C     1 
ATOM   43   O  O     . LEU A 1 27  ? 12.730  -0.765  0.529   1.00 36.97 ? 139  LEU A O     1 
ATOM   44   C  CB    . LEU A 1 27  ? 12.643  -3.896  0.379   1.00 40.15 ? 139  LEU A CB    1 
ATOM   45   C  CG    . LEU A 1 27  ? 13.150  -5.310  0.697   1.00 41.86 ? 139  LEU A CG    1 
ATOM   46   C  CD1   . LEU A 1 27  ? 12.063  -6.094  1.402   1.00 43.91 ? 139  LEU A CD1   1 
ATOM   47   C  CD2   . LEU A 1 27  ? 13.628  -6.074  -0.538  1.00 41.21 ? 139  LEU A CD2   1 
ATOM   48   N  N     . GLN A 1 28  ? 12.243  -1.338  -1.599  1.00 36.89 ? 140  GLN A N     1 
ATOM   49   C  CA    . GLN A 1 28  ? 11.317  -0.240  -1.825  1.00 37.22 ? 140  GLN A CA    1 
ATOM   50   C  C     . GLN A 1 28  ? 9.902   -0.732  -1.935  1.00 39.61 ? 140  GLN A C     1 
ATOM   51   O  O     . GLN A 1 28  ? 9.629   -1.721  -2.586  1.00 38.54 ? 140  GLN A O     1 
ATOM   52   C  CB    . GLN A 1 28  ? 11.649  0.530   -3.108  1.00 37.91 ? 140  GLN A CB    1 
ATOM   53   C  CG    . GLN A 1 28  ? 12.919  1.344   -3.058  1.00 42.06 ? 140  GLN A CG    1 
ATOM   54   C  CD    . GLN A 1 28  ? 13.195  2.021   -4.375  1.00 42.85 ? 140  GLN A CD    1 
ATOM   55   O  OE1   . GLN A 1 28  ? 12.426  2.872   -4.821  1.00 42.69 ? 140  GLN A OE1   1 
ATOM   56   N  NE2   . GLN A 1 28  ? 14.286  1.638   -5.016  1.00 43.83 ? 140  GLN A NE2   1 
ATOM   57   N  N     . VAL A 1 29  ? 9.008   -0.005  -1.282  1.00 40.06 ? 141  VAL A N     1 
ATOM   58   C  CA    . VAL A 1 29  ? 7.592   -0.236  -1.375  1.00 40.73 ? 141  VAL A CA    1 
ATOM   59   C  C     . VAL A 1 29  ? 6.979   1.116   -1.630  1.00 38.98 ? 141  VAL A C     1 
ATOM   60   O  O     . VAL A 1 29  ? 7.578   2.130   -1.286  1.00 37.69 ? 141  VAL A O     1 
ATOM   61   C  CB    . VAL A 1 29  ? 6.987   -0.923  -0.107  1.00 39.12 ? 141  VAL A CB    1 
ATOM   62   C  CG1   . VAL A 1 29  ? 7.645   -2.290  0.121   1.00 39.18 ? 141  VAL A CG1   1 
ATOM   63   C  CG2   . VAL A 1 29  ? 7.138   -0.085  1.128   1.00 38.14 ? 141  VAL A CG2   1 
ATOM   64   N  N     . ILE A 1 30  ? 5.832   1.104   -2.300  1.00 34.83 ? 142  ILE A N     1 
ATOM   65   C  CA    A ILE A 1 30  ? 5.086   2.323   -2.606  0.50 37.15 ? 142  ILE A CA    1 
ATOM   66   C  CA    B ILE A 1 30  ? 5.096   2.309   -2.621  0.50 37.09 ? 142  ILE A CA    1 
ATOM   67   C  C     . ILE A 1 30  ? 3.651   2.206   -2.101  1.00 38.58 ? 142  ILE A C     1 
ATOM   68   O  O     . ILE A 1 30  ? 3.064   1.110   -2.078  1.00 40.43 ? 142  ILE A O     1 
ATOM   69   C  CB    A ILE A 1 30  ? 5.132   2.710   -4.153  0.50 34.16 ? 142  ILE A CB    1 
ATOM   70   C  CB    B ILE A 1 30  ? 5.174   2.586   -4.167  0.50 33.59 ? 142  ILE A CB    1 
ATOM   71   C  CG1   A ILE A 1 30  ? 4.383   1.702   -5.020  0.50 37.65 ? 142  ILE A CG1   1 
ATOM   72   C  CG1   B ILE A 1 30  ? 4.788   4.019   -4.496  0.50 33.42 ? 142  ILE A CG1   1 
ATOM   73   C  CG2   A ILE A 1 30  ? 6.571   2.847   -4.643  0.50 35.63 ? 142  ILE A CG2   1 
ATOM   74   C  CG2   B ILE A 1 30  ? 4.373   1.572   -4.971  0.50 38.05 ? 142  ILE A CG2   1 
ATOM   75   C  CD1   A ILE A 1 30  ? 4.091   2.190   -6.438  0.50 35.79 ? 142  ILE A CD1   1 
ATOM   76   C  CD1   B ILE A 1 30  ? 5.214   4.422   -5.920  0.50 36.58 ? 142  ILE A CD1   1 
ATOM   77   N  N     . ILE A 1 31  ? 3.091   3.327   -1.666  1.00 36.34 ? 143  ILE A N     1 
ATOM   78   C  CA    . ILE A 1 31  ? 1.713   3.358   -1.207  1.00 37.19 ? 143  ILE A CA    1 
ATOM   79   C  C     . ILE A 1 31  ? 0.921   4.205   -2.180  1.00 38.09 ? 143  ILE A C     1 
ATOM   80   O  O     . ILE A 1 31  ? 1.242   5.380   -2.396  1.00 35.96 ? 143  ILE A O     1 
ATOM   81   C  CB    . ILE A 1 31  ? 1.564   3.981   0.200   1.00 39.96 ? 143  ILE A CB    1 
ATOM   82   C  CG1   . ILE A 1 31  ? 2.571   3.376   1.201   1.00 40.75 ? 143  ILE A CG1   1 
ATOM   83   C  CG2   . ILE A 1 31  ? 0.138   3.796   0.664   1.00 37.94 ? 143  ILE A CG2   1 
ATOM   84   C  CD1   . ILE A 1 31  ? 2.669   4.147   2.550   1.00 40.84 ? 143  ILE A CD1   1 
ATOM   85   N  N     . ILE A 1 32  ? -0.107  3.606   -2.766  1.00 38.09 ? 144  ILE A N     1 
ATOM   86   C  CA    . ILE A 1 32  ? -0.934  4.277   -3.799  1.00 36.18 ? 144  ILE A CA    1 
ATOM   87   C  C     . ILE A 1 32  ? -2.409  4.198   -3.428  1.00 37.09 ? 144  ILE A C     1 
ATOM   88   O  O     . ILE A 1 32  ? -2.796  3.468   -2.512  1.00 36.88 ? 144  ILE A O     1 
ATOM   89   C  CB    . ILE A 1 32  ? -0.716  3.643   -5.222  1.00 38.61 ? 144  ILE A CB    1 
ATOM   90   C  CG1   . ILE A 1 32  ? -1.149  2.147   -5.251  1.00 33.27 ? 144  ILE A CG1   1 
ATOM   91   C  CG2   . ILE A 1 32  ? 0.732   3.755   -5.637  1.00 37.05 ? 144  ILE A CG2   1 
ATOM   92   C  CD1   . ILE A 1 32  ? -1.106  1.490   -6.686  1.00 30.48 ? 144  ILE A CD1   1 
ATOM   93   N  N     . GLY A 1 33  ? -3.233  4.950   -4.144  1.00 36.23 ? 145  GLY A N     1 
ATOM   94   C  CA    . GLY A 1 33  ? -4.629  5.071   -3.806  1.00 35.22 ? 145  GLY A CA    1 
ATOM   95   C  C     . GLY A 1 33  ? -5.107  6.506   -3.912  1.00 35.39 ? 145  GLY A C     1 
ATOM   96   O  O     . GLY A 1 33  ? -4.318  7.441   -3.947  1.00 36.67 ? 145  GLY A O     1 
ATOM   97   N  N     . SER A 1 34  ? -6.412  6.665   -3.917  1.00 36.86 ? 146  SER A N     1 
ATOM   98   C  CA    . SER A 1 34  ? -7.028  7.974   -4.153  1.00 40.39 ? 146  SER A CA    1 
ATOM   99   C  C     . SER A 1 34  ? -6.776  8.894   -2.983  1.00 39.76 ? 146  SER A C     1 
ATOM   100  O  O     . SER A 1 34  ? -6.397  8.463   -1.916  1.00 36.01 ? 146  SER A O     1 
ATOM   101  C  CB    . SER A 1 34  ? -8.510  7.800   -4.386  1.00 39.15 ? 146  SER A CB    1 
ATOM   102  O  OG    . SER A 1 34  ? -8.699  6.955   -5.495  1.00 42.61 ? 146  SER A OG    1 
ATOM   103  N  N     . ARG A 1 35  ? -6.970  10.182  -3.196  1.00 42.89 ? 147  ARG A N     1 
ATOM   104  C  CA    . ARG A 1 35  ? -6.680  11.146  -2.167  1.00 40.23 ? 147  ARG A CA    1 
ATOM   105  C  C     . ARG A 1 35  ? -7.626  10.944  -0.982  1.00 39.21 ? 147  ARG A C     1 
ATOM   106  O  O     . ARG A 1 35  ? -8.820  10.660  -1.164  1.00 37.11 ? 147  ARG A O     1 
ATOM   107  C  CB    . ARG A 1 35  ? -6.809  12.568  -2.738  1.00 46.46 ? 147  ARG A CB    1 
ATOM   108  C  CG    . ARG A 1 35  ? -8.237  13.027  -2.948  1.00 52.61 ? 147  ARG A CG    1 
ATOM   109  C  CD    . ARG A 1 35  ? -8.621  14.213  -2.027  1.00 52.19 ? 147  ARG A CD    1 
ATOM   110  N  NE    . ARG A 1 35  ? -7.869  15.366  -2.452  1.00 51.75 ? 147  ARG A NE    1 
ATOM   111  C  CZ    . ARG A 1 35  ? -8.320  16.382  -3.181  1.00 49.70 ? 147  ARG A CZ    1 
ATOM   112  N  NH1   . ARG A 1 35  ? -7.481  17.339  -3.487  1.00 44.91 ? 147  ARG A NH1   1 
ATOM   113  N  NH2   . ARG A 1 35  ? -9.590  16.472  -3.587  1.00 53.51 ? 147  ARG A NH2   1 
ATOM   114  N  N     . GLY A 1 36  ? -7.087  11.097  0.221   1.00 35.48 ? 148  GLY A N     1 
ATOM   115  C  CA    . GLY A 1 36  ? -7.907  11.165  1.443   1.00 38.04 ? 148  GLY A CA    1 
ATOM   116  C  C     . GLY A 1 36  ? -8.185  9.794   2.068   1.00 37.25 ? 148  GLY A C     1 
ATOM   117  O  O     . GLY A 1 36  ? -8.918  9.683   3.053   1.00 36.45 ? 148  GLY A O     1 
ATOM   118  N  N     . VAL A 1 37  ? -7.584  8.754   1.513   1.00 38.78 ? 149  VAL A N     1 
ATOM   119  C  CA    . VAL A 1 37  ? -7.807  7.391   2.036   1.00 38.35 ? 149  VAL A CA    1 
ATOM   120  C  C     . VAL A 1 37  ? -6.953  7.065   3.272   1.00 38.98 ? 149  VAL A C     1 
ATOM   121  O  O     . VAL A 1 37  ? -7.301  6.146   4.023   1.00 39.99 ? 149  VAL A O     1 
ATOM   122  C  CB    . VAL A 1 37  ? -7.672  6.303   0.945   1.00 36.35 ? 149  VAL A CB    1 
ATOM   123  C  CG1   . VAL A 1 37  ? -8.688  6.575   -0.163  1.00 37.86 ? 149  VAL A CG1   1 
ATOM   124  C  CG2   . VAL A 1 37  ? -6.251  6.250   0.364   1.00 33.63 ? 149  VAL A CG2   1 
ATOM   125  N  N     . GLY A 1 38  ? -5.851  7.820   3.465   1.00 37.21 ? 150  GLY A N     1 
ATOM   126  C  CA    . GLY A 1 38  ? -4.966  7.689   4.654   1.00 33.46 ? 150  GLY A CA    1 
ATOM   127  C  C     . GLY A 1 38  ? -3.599  7.099   4.362   1.00 34.17 ? 150  GLY A C     1 
ATOM   128  O  O     . GLY A 1 38  ? -2.961  6.519   5.254   1.00 34.90 ? 150  GLY A O     1 
ATOM   129  N  N     . LYS A 1 39  ? -3.146  7.230   3.116   1.00 35.04 ? 151  LYS A N     1 
ATOM   130  C  CA    . LYS A 1 39  ? -1.827  6.720   2.681   1.00 37.29 ? 151  LYS A CA    1 
ATOM   131  C  C     . LYS A 1 39  ? -0.682  7.349   3.503   1.00 36.40 ? 151  LYS A C     1 
ATOM   132  O  O     . LYS A 1 39  ? 0.241   6.658   3.962   1.00 37.59 ? 151  LYS A O     1 
ATOM   133  C  CB    . LYS A 1 39  ? -1.582  7.032   1.192   1.00 36.40 ? 151  LYS A CB    1 
ATOM   134  C  CG    . LYS A 1 39  ? -2.527  6.414   0.191   1.00 37.61 ? 151  LYS A CG    1 
ATOM   135  C  CD    . LYS A 1 39  ? -2.152  6.779   -1.280  1.00 32.41 ? 151  LYS A CD    1 
ATOM   136  C  CE    . LYS A 1 39  ? -2.000  8.249   -1.529  1.00 35.43 ? 151  LYS A CE    1 
ATOM   137  N  NZ    . LYS A 1 39  ? -3.325  8.882   -1.569  1.00 33.11 ? 151  LYS A NZ    1 
ATOM   138  N  N     . THR A 1 40  ? -0.723  8.661   3.656   1.00 37.08 ? 152  THR A N     1 
ATOM   139  C  CA    . THR A 1 40  ? 0.293   9.368   4.451   1.00 35.63 ? 152  THR A CA    1 
ATOM   140  C  C     . THR A 1 40  ? 0.141   9.018   5.913   1.00 35.89 ? 152  THR A C     1 
ATOM   141  O  O     . THR A 1 40  ? 1.152   8.754   6.603   1.00 35.68 ? 152  THR A O     1 
ATOM   142  C  CB    . THR A 1 40  ? 0.275   10.912  4.198   1.00 33.43 ? 152  THR A CB    1 
ATOM   143  O  OG1   . THR A 1 40  ? 0.668   11.142  2.835   1.00 38.23 ? 152  THR A OG1   1 
ATOM   144  C  CG2   . THR A 1 40  ? 1.270   11.651  5.109   1.00 31.79 ? 152  THR A CG2   1 
ATOM   145  N  N     . SER A 1 41  ? -1.103  8.948   6.394   1.00 36.75 ? 153  SER A N     1 
ATOM   146  C  CA    . SER A 1 41  ? -1.320  8.624   7.815   1.00 37.10 ? 153  SER A CA    1 
ATOM   147  C  C     . SER A 1 41  ? -0.810  7.224   8.154   1.00 36.54 ? 153  SER A C     1 
ATOM   148  O  O     . SER A 1 41  ? -0.258  6.998   9.238   1.00 36.99 ? 153  SER A O     1 
ATOM   149  C  CB    . SER A 1 41  ? -2.786  8.757   8.195   1.00 38.29 ? 153  SER A CB    1 
ATOM   150  O  OG    . SER A 1 41  ? -3.262  10.049  7.905   1.00 36.30 ? 153  SER A OG    1 
ATOM   151  N  N     . LEU A 1 42  ? -1.018  6.280   7.231   1.00 39.29 ? 154  LEU A N     1 
ATOM   152  C  CA    . LEU A 1 42  ? -0.573  4.933   7.432   1.00 36.55 ? 154  LEU A CA    1 
ATOM   153  C  C     . LEU A 1 42  ? 0.948   4.887   7.498   1.00 35.53 ? 154  LEU A C     1 
ATOM   154  O  O     . LEU A 1 42  ? 1.509   4.283   8.413   1.00 35.38 ? 154  LEU A O     1 
ATOM   155  C  CB    . LEU A 1 42  ? -1.111  3.990   6.354   1.00 37.42 ? 154  LEU A CB    1 
ATOM   156  C  CG    . LEU A 1 42  ? -2.560  3.490   6.542   1.00 37.64 ? 154  LEU A CG    1 
ATOM   157  C  CD1   . LEU A 1 42  ? -3.074  2.806   5.246   1.00 39.32 ? 154  LEU A CD1   1 
ATOM   158  C  CD2   . LEU A 1 42  ? -2.660  2.554   7.734   1.00 35.84 ? 154  LEU A CD2   1 
ATOM   159  N  N     . MET A 1 43  ? 1.603   5.534   6.539   1.00 36.33 ? 155  MET A N     1 
ATOM   160  C  CA    . MET A 1 43  ? 3.066   5.601   6.526   1.00 38.77 ? 155  MET A CA    1 
ATOM   161  C  C     . MET A 1 43  ? 3.617   6.284   7.780   1.00 35.66 ? 155  MET A C     1 
ATOM   162  O  O     . MET A 1 43  ? 4.576   5.787   8.383   1.00 36.91 ? 155  MET A O     1 
ATOM   163  C  CB    . MET A 1 43  ? 3.588   6.304   5.266   1.00 39.87 ? 155  MET A CB    1 
ATOM   164  C  CG    . MET A 1 43  ? 5.142   6.353   5.206   1.00 42.96 ? 155  MET A CG    1 
ATOM   165  S  SD    . MET A 1 43  ? 5.823   7.272   3.798   1.00 42.42 ? 155  MET A SD    1 
ATOM   166  C  CE    . MET A 1 43  ? 5.400   8.981   4.259   1.00 43.06 ? 155  MET A CE    1 
ATOM   167  N  N     . GLU A 1 44  ? 3.027   7.418   8.176   1.00 35.27 ? 156  GLU A N     1 
ATOM   168  C  CA    . GLU A 1 44  ? 3.510   8.140   9.370   1.00 39.34 ? 156  GLU A CA    1 
ATOM   169  C  C     . GLU A 1 44  ? 3.248   7.416   10.695  1.00 35.90 ? 156  GLU A C     1 
ATOM   170  O  O     . GLU A 1 44  ? 4.069   7.488   11.593  1.00 36.87 ? 156  GLU A O     1 
ATOM   171  C  CB    . GLU A 1 44  ? 2.994   9.586   9.421   1.00 41.24 ? 156  GLU A CB    1 
ATOM   172  C  CG    . GLU A 1 44  ? 3.540   10.411  8.256   1.00 47.10 ? 156  GLU A CG    1 
ATOM   173  C  CD    . GLU A 1 44  ? 3.035   11.835  8.210   1.00 48.69 ? 156  GLU A CD    1 
ATOM   174  O  OE1   . GLU A 1 44  ? 1.987   12.143  8.837   1.00 49.47 ? 156  GLU A OE1   1 
ATOM   175  O  OE2   . GLU A 1 44  ? 3.691   12.643  7.512   1.00 51.94 ? 156  GLU A OE2   1 
ATOM   176  N  N     . ARG A 1 45  ? 2.119   6.724   10.819  1.00 36.04 ? 157  ARG A N     1 
ATOM   177  C  CA    . ARG A 1 45  ? 1.870   5.898   12.019  1.00 38.94 ? 157  ARG A CA    1 
ATOM   178  C  C     . ARG A 1 45  ? 2.919   4.770   12.179  1.00 39.20 ? 157  ARG A C     1 
ATOM   179  O  O     . ARG A 1 45  ? 3.312   4.420   13.298  1.00 36.55 ? 157  ARG A O     1 
ATOM   180  C  CB    . ARG A 1 45  ? 0.457   5.293   12.002  1.00 40.75 ? 157  ARG A CB    1 
ATOM   181  C  CG    . ARG A 1 45  ? 0.007   4.695   13.371  1.00 47.41 ? 157  ARG A CG    1 
ATOM   182  C  CD    . ARG A 1 45  ? -0.116  5.823   14.432  1.00 55.67 ? 157  ARG A CD    1 
ATOM   183  N  NE    . ARG A 1 45  ? -1.317  5.735   15.274  1.00 60.92 ? 157  ARG A NE    1 
ATOM   184  C  CZ    . ARG A 1 45  ? -1.318  5.444   16.576  1.00 62.15 ? 157  ARG A CZ    1 
ATOM   185  N  NH1   . ARG A 1 45  ? -0.176  5.206   17.218  1.00 64.07 ? 157  ARG A NH1   1 
ATOM   186  N  NH2   . ARG A 1 45  ? -2.471  5.393   17.244  1.00 62.29 ? 157  ARG A NH2   1 
ATOM   187  N  N     . PHE A 1 46  ? 3.365   4.217   11.054  1.00 37.51 ? 158  PHE A N     1 
ATOM   188  C  CA    . PHE A 1 46  ? 4.331   3.132   11.049  1.00 38.22 ? 158  PHE A CA    1 
ATOM   189  C  C     . PHE A 1 46  ? 5.750   3.619   11.307  1.00 40.94 ? 158  PHE A C     1 
ATOM   190  O  O     . PHE A 1 46  ? 6.524   2.937   11.978  1.00 39.61 ? 158  PHE A O     1 
ATOM   191  C  CB    . PHE A 1 46  ? 4.258   2.379   9.720   1.00 38.91 ? 158  PHE A CB    1 
ATOM   192  C  CG    . PHE A 1 46  ? 5.216   1.206   9.617   1.00 37.83 ? 158  PHE A CG    1 
ATOM   193  C  CD1   . PHE A 1 46  ? 5.147   0.141   10.525  1.00 40.71 ? 158  PHE A CD1   1 
ATOM   194  C  CD2   . PHE A 1 46  ? 6.153   1.142   8.581   1.00 37.85 ? 158  PHE A CD2   1 
ATOM   195  C  CE1   . PHE A 1 46  ? 6.027   -0.967  10.415  1.00 42.71 ? 158  PHE A CE1   1 
ATOM   196  C  CE2   . PHE A 1 46  ? 7.018   0.047   8.462   1.00 39.48 ? 158  PHE A CE2   1 
ATOM   197  C  CZ    . PHE A 1 46  ? 6.969   -0.998  9.384   1.00 39.05 ? 158  PHE A CZ    1 
ATOM   198  N  N     . THR A 1 47  ? 6.080   4.802   10.776  1.00 39.81 ? 159  THR A N     1 
ATOM   199  C  CA    . THR A 1 47  ? 7.392   5.410   10.941  1.00 42.29 ? 159  THR A CA    1 
ATOM   200  C  C     . THR A 1 47  ? 7.361   6.567   11.976  1.00 46.96 ? 159  THR A C     1 
ATOM   201  O  O     . THR A 1 47  ? 7.226   6.334   13.167  1.00 46.71 ? 159  THR A O     1 
ATOM   202  C  CB    . THR A 1 47  ? 7.929   5.922   9.591   1.00 40.94 ? 159  THR A CB    1 
ATOM   203  O  OG1   . THR A 1 47  ? 7.054   6.936   9.094   1.00 42.56 ? 159  THR A OG1   1 
ATOM   204  C  CG2   . THR A 1 47  ? 8.008   4.777   8.548   1.00 43.24 ? 159  THR A CG2   1 
ATOM   205  N  N     . ASP A 1 48  ? 7.500   7.807   11.494  1.00 52.57 ? 160  ASP A N     1 
ATOM   206  C  CA    . ASP A 1 48  ? 7.376   9.017   12.322  1.00 52.93 ? 160  ASP A CA    1 
ATOM   207  C  C     . ASP A 1 48  ? 6.644   10.145  11.565  1.00 54.15 ? 160  ASP A C     1 
ATOM   208  O  O     . ASP A 1 48  ? 6.434   10.065  10.339  1.00 51.05 ? 160  ASP A O     1 
ATOM   209  C  CB    . ASP A 1 48  ? 8.753   9.497   12.800  1.00 58.16 ? 160  ASP A CB    1 
ATOM   210  C  CG    . ASP A 1 48  ? 9.737   9.713   11.651  1.00 61.97 ? 160  ASP A CG    1 
ATOM   211  O  OD1   . ASP A 1 48  ? 10.669  8.891   11.511  1.00 64.21 ? 160  ASP A OD1   1 
ATOM   212  O  OD2   . ASP A 1 48  ? 9.581   10.701  10.889  1.00 64.15 ? 160  ASP A OD2   1 
ATOM   213  N  N     . SER A 1 57  ? 13.164  18.875  -1.954  1.00 47.83 ? 169  SER A N     1 
ATOM   214  C  CA    . SER A 1 57  ? 11.842  18.362  -2.307  1.00 48.80 ? 169  SER A CA    1 
ATOM   215  C  C     . SER A 1 57  ? 11.753  17.798  -3.723  1.00 48.23 ? 169  SER A C     1 
ATOM   216  O  O     . SER A 1 57  ? 12.409  18.278  -4.655  1.00 48.11 ? 169  SER A O     1 
ATOM   217  C  CB    . SER A 1 57  ? 10.769  19.430  -2.100  1.00 48.04 ? 169  SER A CB    1 
ATOM   218  O  OG    . SER A 1 57  ? 11.170  20.677  -2.651  1.00 53.19 ? 169  SER A OG    1 
ATOM   219  N  N     . THR A 1 58  ? 10.914  16.778  -3.861  1.00 46.08 ? 170  THR A N     1 
ATOM   220  C  CA    . THR A 1 58  ? 10.686  16.095  -5.113  1.00 46.49 ? 170  THR A CA    1 
ATOM   221  C  C     . THR A 1 58  ? 9.178   16.067  -5.367  1.00 42.33 ? 170  THR A C     1 
ATOM   222  O  O     . THR A 1 58  ? 8.406   15.657  -4.513  1.00 36.32 ? 170  THR A O     1 
ATOM   223  C  CB    . THR A 1 58  ? 11.249  14.634  -5.065  1.00 49.89 ? 170  THR A CB    1 
ATOM   224  O  OG1   . THR A 1 58  ? 10.938  14.039  -3.793  1.00 55.59 ? 170  THR A OG1   1 
ATOM   225  C  CG2   . THR A 1 58  ? 12.763  14.633  -5.242  1.00 52.10 ? 170  THR A CG2   1 
ATOM   226  N  N     . VAL A 1 59  ? 8.757   16.499  -6.539  1.00 39.88 ? 171  VAL A N     1 
ATOM   227  C  CA    . VAL A 1 59  ? 7.322   16.627  -6.810  1.00 41.20 ? 171  VAL A CA    1 
ATOM   228  C  C     . VAL A 1 59  ? 6.604   15.283  -6.849  1.00 40.49 ? 171  VAL A C     1 
ATOM   229  O  O     . VAL A 1 59  ? 7.122   14.275  -7.375  1.00 40.15 ? 171  VAL A O     1 
ATOM   230  C  CB    . VAL A 1 59  ? 7.017   17.522  -8.085  1.00 42.07 ? 171  VAL A CB    1 
ATOM   231  C  CG1   . VAL A 1 59  ? 7.759   17.026  -9.288  1.00 42.90 ? 171  VAL A CG1   1 
ATOM   232  C  CG2   . VAL A 1 59  ? 5.522   17.605  -8.352  1.00 41.32 ? 171  VAL A CG2   1 
ATOM   233  N  N     . GLY A 1 60  ? 5.422   15.252  -6.245  1.00 38.25 ? 172  GLY A N     1 
ATOM   234  C  CA    . GLY A 1 60  ? 4.540   14.094  -6.394  1.00 32.70 ? 172  GLY A CA    1 
ATOM   235  C  C     . GLY A 1 60  ? 4.852   12.908  -5.500  1.00 36.30 ? 172  GLY A C     1 
ATOM   236  O  O     . GLY A 1 60  ? 4.070   11.958  -5.450  1.00 33.99 ? 172  GLY A O     1 
ATOM   237  N  N     . VAL A 1 61  ? 5.979   12.961  -4.774  1.00 37.23 ? 173  VAL A N     1 
ATOM   238  C  CA    . VAL A 1 61  ? 6.377   11.865  -3.874  1.00 38.94 ? 173  VAL A CA    1 
ATOM   239  C  C     . VAL A 1 61  ? 7.146   12.361  -2.653  1.00 40.59 ? 173  VAL A C     1 
ATOM   240  O  O     . VAL A 1 61  ? 7.859   13.377  -2.710  1.00 41.10 ? 173  VAL A O     1 
ATOM   241  C  CB    . VAL A 1 61  ? 7.269   10.773  -4.560  1.00 40.62 ? 173  VAL A CB    1 
ATOM   242  C  CG1   . VAL A 1 61  ? 6.540   10.068  -5.662  1.00 44.82 ? 173  VAL A CG1   1 
ATOM   243  C  CG2   . VAL A 1 61  ? 8.595   11.356  -5.051  1.00 42.13 ? 173  VAL A CG2   1 
ATOM   244  N  N     . ASP A 1 62  ? 6.959   11.648  -1.553  1.00 42.08 ? 174  ASP A N     1 
ATOM   245  C  CA    . ASP A 1 62  ? 7.772   11.761  -0.347  1.00 44.41 ? 174  ASP A CA    1 
ATOM   246  C  C     . ASP A 1 62  ? 8.199   10.334  -0.050  1.00 39.96 ? 174  ASP A C     1 
ATOM   247  O  O     . ASP A 1 62  ? 7.680   9.404   -0.654  1.00 36.99 ? 174  ASP A O     1 
ATOM   248  C  CB    . ASP A 1 62  ? 6.949   12.269  0.843   1.00 49.13 ? 174  ASP A CB    1 
ATOM   249  C  CG    . ASP A 1 62  ? 6.305   13.611  0.592   1.00 53.95 ? 174  ASP A CG    1 
ATOM   250  O  OD1   . ASP A 1 62  ? 6.979   14.647  0.776   1.00 53.34 ? 174  ASP A OD1   1 
ATOM   251  O  OD2   . ASP A 1 62  ? 5.104   13.632  0.244   1.00 58.01 ? 174  ASP A OD2   1 
ATOM   252  N  N     . PHE A 1 63  ? 9.140   10.165  0.874   1.00 36.60 ? 175  PHE A N     1 
ATOM   253  C  CA    . PHE A 1 63  ? 9.551   8.851   1.337   1.00 42.82 ? 175  PHE A CA    1 
ATOM   254  C  C     . PHE A 1 63  ? 10.001  8.944   2.780   1.00 43.45 ? 175  PHE A C     1 
ATOM   255  O  O     . PHE A 1 63  ? 10.456  10.012  3.217   1.00 42.18 ? 175  PHE A O     1 
ATOM   256  C  CB    . PHE A 1 63  ? 10.663  8.240   0.459   1.00 43.39 ? 175  PHE A CB    1 
ATOM   257  C  CG    . PHE A 1 63  ? 12.040  8.818   0.712   1.00 47.21 ? 175  PHE A CG    1 
ATOM   258  C  CD1   . PHE A 1 63  ? 12.862  8.297   1.721   1.00 47.49 ? 175  PHE A CD1   1 
ATOM   259  C  CD2   . PHE A 1 63  ? 12.516  9.881   -0.063  1.00 46.01 ? 175  PHE A CD2   1 
ATOM   260  C  CE1   . PHE A 1 63  ? 14.130  8.832   1.967   1.00 47.81 ? 175  PHE A CE1   1 
ATOM   261  C  CE2   . PHE A 1 63  ? 13.782  10.425  0.175   1.00 50.97 ? 175  PHE A CE2   1 
ATOM   262  C  CZ    . PHE A 1 63  ? 14.593  9.899   1.193   1.00 47.55 ? 175  PHE A CZ    1 
ATOM   263  N  N     . LYS A 1 64  ? 9.839   7.826   3.505   1.00 46.42 ? 176  LYS A N     1 
ATOM   264  C  CA    . LYS A 1 64  ? 10.430  7.582   4.845   1.00 43.25 ? 176  LYS A CA    1 
ATOM   265  C  C     . LYS A 1 64  ? 11.273  6.304   4.771   1.00 45.73 ? 176  LYS A C     1 
ATOM   266  O  O     . LYS A 1 64  ? 10.965  5.381   3.998   1.00 40.68 ? 176  LYS A O     1 
ATOM   267  C  CB    . LYS A 1 64  ? 9.353   7.360   5.900   1.00 45.51 ? 176  LYS A CB    1 
ATOM   268  C  CG    . LYS A 1 64  ? 8.441   8.530   6.252   1.00 48.66 ? 176  LYS A CG    1 
ATOM   269  C  CD    . LYS A 1 64  ? 9.061   9.508   7.231   1.00 50.42 ? 176  LYS A CD    1 
ATOM   270  C  CE    . LYS A 1 64  ? 8.074   10.641  7.547   1.00 54.24 ? 176  LYS A CE    1 
ATOM   271  N  NZ    . LYS A 1 64  ? 8.733   11.976  7.812   1.00 56.53 ? 176  LYS A NZ    1 
ATOM   272  N  N     . ILE A 1 65  ? 12.328  6.247   5.573   1.00 43.60 ? 177  ILE A N     1 
ATOM   273  C  CA    . ILE A 1 65  ? 13.183  5.074   5.659   1.00 44.72 ? 177  ILE A CA    1 
ATOM   274  C  C     . ILE A 1 65  ? 13.007  4.458   7.036   1.00 46.95 ? 177  ILE A C     1 
ATOM   275  O  O     . ILE A 1 65  ? 13.102  5.159   8.059   1.00 48.15 ? 177  ILE A O     1 
ATOM   276  C  CB    . ILE A 1 65  ? 14.676  5.440   5.442   1.00 45.43 ? 177  ILE A CB    1 
ATOM   277  C  CG1   . ILE A 1 65  ? 14.885  6.100   4.066   1.00 42.45 ? 177  ILE A CG1   1 
ATOM   278  C  CG2   . ILE A 1 65  ? 15.594  4.210   5.678   1.00 45.51 ? 177  ILE A CG2   1 
ATOM   279  C  CD1   . ILE A 1 65  ? 15.119  5.149   2.895   1.00 41.59 ? 177  ILE A CD1   1 
ATOM   280  N  N     . LYS A 1 66  ? 12.747  3.153   7.065   1.00 45.05 ? 178  LYS A N     1 
ATOM   281  C  CA    . LYS A 1 66  ? 12.549  2.423   8.312   1.00 45.34 ? 178  LYS A CA    1 
ATOM   282  C  C     . LYS A 1 66  ? 13.327  1.093   8.263   1.00 45.70 ? 178  LYS A C     1 
ATOM   283  O  O     . LYS A 1 66  ? 13.197  0.327   7.311   1.00 43.70 ? 178  LYS A O     1 
ATOM   284  C  CB    . LYS A 1 66  ? 11.046  2.214   8.549   1.00 47.26 ? 178  LYS A CB    1 
ATOM   285  C  CG    . LYS A 1 66  ? 10.650  1.384   9.789   1.00 50.03 ? 178  LYS A CG    1 
ATOM   286  C  CD    . LYS A 1 66  ? 10.564  2.225   11.025  1.00 51.84 ? 178  LYS A CD    1 
ATOM   287  C  CE    . LYS A 1 66  ? 10.133  1.405   12.236  1.00 54.16 ? 178  LYS A CE    1 
ATOM   288  N  NZ    . LYS A 1 66  ? 8.719   0.948   12.138  1.00 54.30 ? 178  LYS A NZ    1 
ATOM   289  N  N     . THR A 1 67  ? 14.142  0.846   9.283   1.00 41.43 ? 179  THR A N     1 
ATOM   290  C  CA    . THR A 1 67  ? 14.844  -0.411  9.419   1.00 44.35 ? 179  THR A CA    1 
ATOM   291  C  C     . THR A 1 67  ? 14.010  -1.377  10.259  1.00 44.29 ? 179  THR A C     1 
ATOM   292  O  O     . THR A 1 67  ? 13.733  -1.120  11.443  1.00 46.59 ? 179  THR A O     1 
ATOM   293  C  CB    . THR A 1 67  ? 16.241  -0.233  10.056  1.00 43.38 ? 179  THR A CB    1 
ATOM   294  O  OG1   . THR A 1 67  ? 17.084  0.513   9.169   1.00 47.84 ? 179  THR A OG1   1 
ATOM   295  C  CG2   . THR A 1 67  ? 16.890  -1.594  10.333  1.00 42.92 ? 179  THR A CG2   1 
ATOM   296  N  N     . VAL A 1 68  ? 13.593  -2.477  9.643   1.00 43.71 ? 180  VAL A N     1 
ATOM   297  C  CA    . VAL A 1 68  ? 12.766  -3.443  10.344  1.00 43.61 ? 180  VAL A CA    1 
ATOM   298  C  C     . VAL A 1 68  ? 13.526  -4.757  10.584  1.00 45.55 ? 180  VAL A C     1 
ATOM   299  O  O     . VAL A 1 68  ? 14.383  -5.160  9.785   1.00 43.77 ? 180  VAL A O     1 
ATOM   300  C  CB    . VAL A 1 68  ? 11.374  -3.674  9.661   1.00 43.72 ? 180  VAL A CB    1 
ATOM   301  C  CG1   . VAL A 1 68  ? 10.631  -2.348  9.458   1.00 44.33 ? 180  VAL A CG1   1 
ATOM   302  C  CG2   . VAL A 1 68  ? 11.493  -4.431  8.335   1.00 43.46 ? 180  VAL A CG2   1 
ATOM   303  N  N     . GLU A 1 69  ? 13.253  -5.381  11.723  1.00 47.67 ? 181  GLU A N     1 
ATOM   304  C  CA    . GLU A 1 69  ? 13.796  -6.697  12.025  1.00 49.47 ? 181  GLU A CA    1 
ATOM   305  C  C     . GLU A 1 69  ? 12.650  -7.660  11.820  1.00 49.41 ? 181  GLU A C     1 
ATOM   306  O  O     . GLU A 1 69  ? 11.579  -7.476  12.389  1.00 54.82 ? 181  GLU A O     1 
ATOM   307  C  CB    . GLU A 1 69  ? 14.337  -6.758  13.449  1.00 51.86 ? 181  GLU A CB    1 
ATOM   308  C  CG    . GLU A 1 69  ? 15.829  -6.407  13.571  1.00 54.87 ? 181  GLU A CG    1 
ATOM   309  N  N     . LEU A 1 70  ? 12.859  -8.641  10.953  1.00 46.91 ? 182  LEU A N     1 
ATOM   310  C  CA    . LEU A 1 70  ? 11.823  -9.564  10.549  1.00 47.76 ? 182  LEU A CA    1 
ATOM   311  C  C     . LEU A 1 70  ? 12.430  -10.950 10.343  1.00 46.22 ? 182  LEU A C     1 
ATOM   312  O  O     . LEU A 1 70  ? 13.272  -11.132 9.455   1.00 44.51 ? 182  LEU A O     1 
ATOM   313  C  CB    . LEU A 1 70  ? 11.178  -9.091  9.255   1.00 49.28 ? 182  LEU A CB    1 
ATOM   314  C  CG    . LEU A 1 70  ? 9.978   -9.889  8.744   1.00 55.91 ? 182  LEU A CG    1 
ATOM   315  C  CD1   . LEU A 1 70  ? 8.659   -9.282  9.245   1.00 54.87 ? 182  LEU A CD1   1 
ATOM   316  C  CD2   . LEU A 1 70  ? 9.975   -9.936  7.227   1.00 56.57 ? 182  LEU A CD2   1 
ATOM   317  N  N     . ARG A 1 71  ? 11.977  -11.918 11.148  1.00 45.69 ? 183  ARG A N     1 
ATOM   318  C  CA    . ARG A 1 71  ? 12.494  -13.304 11.126  1.00 43.42 ? 183  ARG A CA    1 
ATOM   319  C  C     . ARG A 1 71  ? 14.015  -13.346 11.171  1.00 40.90 ? 183  ARG A C     1 
ATOM   320  O  O     . ARG A 1 71  ? 14.647  -14.083 10.411  1.00 43.03 ? 183  ARG A O     1 
ATOM   321  C  CB    . ARG A 1 71  ? 11.998  -14.058 9.887   1.00 46.33 ? 183  ARG A CB    1 
ATOM   322  C  CG    . ARG A 1 71  ? 10.505  -14.235 9.781   1.00 44.50 ? 183  ARG A CG    1 
ATOM   323  C  CD    . ARG A 1 71  ? 10.127  -14.678 8.378   1.00 46.85 ? 183  ARG A CD    1 
ATOM   324  N  N     . GLY A 1 72  ? 14.597  -12.531 12.047  1.00 38.76 ? 184  GLY A N     1 
ATOM   325  C  CA    . GLY A 1 72  ? 16.044  -12.465 12.218  1.00 40.21 ? 184  GLY A CA    1 
ATOM   326  C  C     . GLY A 1 72  ? 16.816  -11.647 11.193  1.00 39.63 ? 184  GLY A C     1 
ATOM   327  O  O     . GLY A 1 72  ? 18.036  -11.490 11.325  1.00 41.57 ? 184  GLY A O     1 
ATOM   328  N  N     . LYS A 1 73  ? 16.110  -11.154 10.170  1.00 39.53 ? 185  LYS A N     1 
ATOM   329  C  CA    . LYS A 1 73  ? 16.687  -10.340 9.087   1.00 39.15 ? 185  LYS A CA    1 
ATOM   330  C  C     . LYS A 1 73  ? 16.444  -8.843  9.300   1.00 37.54 ? 185  LYS A C     1 
ATOM   331  O  O     . LYS A 1 73  ? 15.346  -8.422  9.670   1.00 39.67 ? 185  LYS A O     1 
ATOM   332  C  CB    . LYS A 1 73  ? 16.133  -10.765 7.717   1.00 39.99 ? 185  LYS A CB    1 
ATOM   333  C  CG    . LYS A 1 73  ? 16.613  -12.146 7.253   1.00 43.09 ? 185  LYS A CG    1 
ATOM   334  N  N     . LYS A 1 74  ? 17.499  -8.067  9.087   1.00 36.49 ? 186  LYS A N     1 
ATOM   335  C  CA    . LYS A 1 74  ? 17.471  -6.623  9.162   1.00 34.89 ? 186  LYS A CA    1 
ATOM   336  C  C     . LYS A 1 74  ? 17.173  -6.136  7.754   1.00 34.60 ? 186  LYS A C     1 
ATOM   337  O  O     . LYS A 1 74  ? 17.888  -6.480  6.815   1.00 34.28 ? 186  LYS A O     1 
ATOM   338  C  CB    . LYS A 1 74  ? 18.845  -6.105  9.628   1.00 35.65 ? 186  LYS A CB    1 
ATOM   339  C  CG    . LYS A 1 74  ? 18.924  -4.621  9.808   1.00 34.85 ? 186  LYS A CG    1 
ATOM   340  C  CD    . LYS A 1 74  ? 20.088  -4.214  10.677  1.00 34.98 ? 186  LYS A CD    1 
ATOM   341  N  N     . ILE A 1 75  ? 16.106  -5.363  7.607   1.00 33.25 ? 187  ILE A N     1 
ATOM   342  C  CA    . ILE A 1 75  ? 15.663  -4.906  6.309   1.00 34.82 ? 187  ILE A CA    1 
ATOM   343  C  C     . ILE A 1 75  ? 15.544  -3.392  6.330   1.00 33.52 ? 187  ILE A C     1 
ATOM   344  O  O     . ILE A 1 75  ? 14.739  -2.829  7.085   1.00 31.60 ? 187  ILE A O     1 
ATOM   345  C  CB    . ILE A 1 75  ? 14.236  -5.472  5.924   1.00 38.66 ? 187  ILE A CB    1 
ATOM   346  C  CG1   . ILE A 1 75  ? 14.090  -6.995  6.161   1.00 42.00 ? 187  ILE A CG1   1 
ATOM   347  C  CG2   . ILE A 1 75  ? 13.825  -5.015  4.507   1.00 39.69 ? 187  ILE A CG2   1 
ATOM   348  C  CD1   . ILE A 1 75  ? 14.894  -7.881  5.233   1.00 45.65 ? 187  ILE A CD1   1 
ATOM   349  N  N     . ARG A 1 76  ? 16.308  -2.724  5.476   1.00 32.93 ? 188  ARG A N     1 
ATOM   350  C  CA    . ARG A 1 76  ? 16.160  -1.277  5.343   1.00 34.76 ? 188  ARG A CA    1 
ATOM   351  C  C     . ARG A 1 76  ? 15.029  -0.956  4.358   1.00 33.35 ? 188  ARG A C     1 
ATOM   352  O  O     . ARG A 1 76  ? 15.163  -1.161  3.161   1.00 35.34 ? 188  ARG A O     1 
ATOM   353  C  CB    . ARG A 1 76  ? 17.485  -0.650  4.907   1.00 35.31 ? 188  ARG A CB    1 
ATOM   354  C  CG    . ARG A 1 76  ? 17.449  0.837   4.804   1.00 35.64 ? 188  ARG A CG    1 
ATOM   355  C  CD    . ARG A 1 76  ? 18.710  1.332   4.132   1.00 43.93 ? 188  ARG A CD    1 
ATOM   356  N  NE    . ARG A 1 76  ? 18.848  2.780   4.230   1.00 49.79 ? 188  ARG A NE    1 
ATOM   357  C  CZ    . ARG A 1 76  ? 18.557  3.637   3.248   1.00 53.94 ? 188  ARG A CZ    1 
ATOM   358  N  NH1   . ARG A 1 76  ? 18.106  3.196   2.072   1.00 54.17 ? 188  ARG A NH1   1 
ATOM   359  N  NH2   . ARG A 1 76  ? 18.729  4.945   3.444   1.00 54.13 ? 188  ARG A NH2   1 
ATOM   360  N  N     . LEU A 1 77  ? 13.913  -0.463  4.864   1.00 35.05 ? 189  LEU A N     1 
ATOM   361  C  CA    . LEU A 1 77  ? 12.725  -0.300  4.043   1.00 37.28 ? 189  LEU A CA    1 
ATOM   362  C  C     . LEU A 1 77  ? 12.559  1.144   3.626   1.00 39.60 ? 189  LEU A C     1 
ATOM   363  O  O     . LEU A 1 77  ? 12.542  2.042   4.490   1.00 37.80 ? 189  LEU A O     1 
ATOM   364  C  CB    . LEU A 1 77  ? 11.485  -0.772  4.819   1.00 42.27 ? 189  LEU A CB    1 
ATOM   365  C  CG    . LEU A 1 77  ? 10.126  -0.966  4.136   1.00 42.83 ? 189  LEU A CG    1 
ATOM   366  C  CD1   . LEU A 1 77  ? 10.203  -2.037  3.072   1.00 44.85 ? 189  LEU A CD1   1 
ATOM   367  C  CD2   . LEU A 1 77  ? 9.049   -1.353  5.187   1.00 43.94 ? 189  LEU A CD2   1 
ATOM   368  N  N     . GLN A 1 78  ? 12.464  1.377   2.309   1.00 36.65 ? 190  GLN A N     1 
ATOM   369  C  CA    . GLN A 1 78  ? 12.178  2.724   1.788   1.00 39.38 ? 190  GLN A CA    1 
ATOM   370  C  C     . GLN A 1 78  ? 10.729  2.750   1.339   1.00 39.37 ? 190  GLN A C     1 
ATOM   371  O  O     . GLN A 1 78  ? 10.329  1.980   0.458   1.00 42.03 ? 190  GLN A O     1 
ATOM   372  C  CB    . GLN A 1 78  ? 13.099  3.089   0.634   1.00 37.42 ? 190  GLN A CB    1 
ATOM   373  C  CG    . GLN A 1 78  ? 12.809  4.473   0.054   1.00 41.43 ? 190  GLN A CG    1 
ATOM   374  C  CD    . GLN A 1 78  ? 13.857  4.951   -0.934  1.00 41.94 ? 190  GLN A CD    1 
ATOM   375  O  OE1   . GLN A 1 78  ? 14.318  4.201   -1.801  1.00 43.17 ? 190  GLN A OE1   1 
ATOM   376  N  NE2   . GLN A 1 78  ? 14.218  6.224   -0.827  1.00 43.19 ? 190  GLN A NE2   1 
ATOM   377  N  N     . ILE A 1 79  ? 9.941   3.609   1.966   1.00 36.38 ? 191  ILE A N     1 
ATOM   378  C  CA    . ILE A 1 79  ? 8.523   3.656   1.725   1.00 39.64 ? 191  ILE A CA    1 
ATOM   379  C  C     . ILE A 1 79  ? 8.250   4.925   0.980   1.00 40.73 ? 191  ILE A C     1 
ATOM   380  O  O     . ILE A 1 79  ? 8.480   5.990   1.513   1.00 38.33 ? 191  ILE A O     1 
ATOM   381  C  CB    . ILE A 1 79  ? 7.716   3.637   3.051   1.00 40.97 ? 191  ILE A CB    1 
ATOM   382  C  CG1   . ILE A 1 79  ? 8.053   2.365   3.887   1.00 42.44 ? 191  ILE A CG1   1 
ATOM   383  C  CG2   . ILE A 1 79  ? 6.198   3.752   2.772   1.00 37.80 ? 191  ILE A CG2   1 
ATOM   384  C  CD1   . ILE A 1 79  ? 7.500   2.408   5.312   1.00 39.73 ? 191  ILE A CD1   1 
ATOM   385  N  N     . TRP A 1 80  ? 7.791   4.799   -0.278  1.00 41.31 ? 192  TRP A N     1 
ATOM   386  C  CA    . TRP A 1 80  ? 7.391   5.961   -1.075  1.00 40.66 ? 192  TRP A CA    1 
ATOM   387  C  C     . TRP A 1 80  ? 5.921   6.275   -0.911  1.00 38.86 ? 192  TRP A C     1 
ATOM   388  O  O     . TRP A 1 80  ? 5.045   5.412   -1.063  1.00 38.86 ? 192  TRP A O     1 
ATOM   389  C  CB    . TRP A 1 80  ? 7.652   5.742   -2.564  1.00 41.43 ? 192  TRP A CB    1 
ATOM   390  C  CG    . TRP A 1 80  ? 9.066   5.556   -2.909  1.00 41.48 ? 192  TRP A CG    1 
ATOM   391  C  CD1   . TRP A 1 80  ? 9.707   4.371   -3.131  1.00 40.40 ? 192  TRP A CD1   1 
ATOM   392  C  CD2   . TRP A 1 80  ? 10.029  6.581   -3.106  1.00 41.16 ? 192  TRP A CD2   1 
ATOM   393  N  NE1   . TRP A 1 80  ? 11.011  4.595   -3.459  1.00 40.03 ? 192  TRP A NE1   1 
ATOM   394  C  CE2   . TRP A 1 80  ? 11.248  5.945   -3.448  1.00 42.25 ? 192  TRP A CE2   1 
ATOM   395  C  CE3   . TRP A 1 80  ? 9.991   7.974   -3.031  1.00 41.00 ? 192  TRP A CE3   1 
ATOM   396  C  CZ2   . TRP A 1 80  ? 12.425  6.662   -3.712  1.00 39.51 ? 192  TRP A CZ2   1 
ATOM   397  C  CZ3   . TRP A 1 80  ? 11.176  8.695   -3.296  1.00 41.78 ? 192  TRP A CZ3   1 
ATOM   398  C  CH2   . TRP A 1 80  ? 12.366  8.032   -3.630  1.00 41.39 ? 192  TRP A CH2   1 
ATOM   399  N  N     . ASP A 1 81  ? 5.658   7.527   -0.650  1.00 39.48 ? 193  ASP A N     1 
ATOM   400  C  CA    . ASP A 1 81  ? 4.321   8.017   -0.489  1.00 40.80 ? 193  ASP A CA    1 
ATOM   401  C  C     . ASP A 1 81  ? 4.021   8.915   -1.697  1.00 42.80 ? 193  ASP A C     1 
ATOM   402  O  O     . ASP A 1 81  ? 4.647   9.959   -1.872  1.00 43.44 ? 193  ASP A O     1 
ATOM   403  C  CB    . ASP A 1 81  ? 4.277   8.818   0.814   1.00 38.52 ? 193  ASP A CB    1 
ATOM   404  C  CG    . ASP A 1 81  ? 2.876   9.265   1.200   1.00 42.12 ? 193  ASP A CG    1 
ATOM   405  O  OD1   . ASP A 1 81  ? 1.901   8.743   0.638   1.00 44.10 ? 193  ASP A OD1   1 
ATOM   406  O  OD2   . ASP A 1 81  ? 2.760   10.173  2.080   1.00 42.32 ? 193  ASP A OD2   1 
ATOM   407  N  N     . THR A 1 82  ? 3.045   8.509   -2.499  1.00 41.56 ? 194  THR A N     1 
ATOM   408  C  CA    . THR A 1 82  ? 2.748   9.132   -3.790  1.00 41.67 ? 194  THR A CA    1 
ATOM   409  C  C     . THR A 1 82  ? 1.495   10.009  -3.760  1.00 42.19 ? 194  THR A C     1 
ATOM   410  O  O     . THR A 1 82  ? 0.623   9.842   -2.907  1.00 43.62 ? 194  THR A O     1 
ATOM   411  C  CB    . THR A 1 82  ? 2.583   8.036   -4.900  1.00 42.69 ? 194  THR A CB    1 
ATOM   412  O  OG1   . THR A 1 82  ? 1.448   7.201   -4.596  1.00 43.77 ? 194  THR A OG1   1 
ATOM   413  C  CG2   . THR A 1 82  ? 3.850   7.174   -4.968  1.00 41.08 ? 194  THR A CG2   1 
ATOM   414  N  N     . ALA A 1 83  ? 1.457   10.986  -4.656  1.00 39.86 ? 195  ALA A N     1 
ATOM   415  C  CA    . ALA A 1 83  ? 0.273   11.811  -4.876  1.00 43.10 ? 195  ALA A CA    1 
ATOM   416  C  C     . ALA A 1 83  ? -0.926  10.996  -5.400  1.00 41.92 ? 195  ALA A C     1 
ATOM   417  O  O     . ALA A 1 83  ? -0.763  9.998   -6.116  1.00 41.56 ? 195  ALA A O     1 
ATOM   418  C  CB    . ALA A 1 83  ? 0.598   12.969  -5.820  1.00 39.14 ? 195  ALA A CB    1 
ATOM   419  N  N     . GLY A 1 84  ? -2.127  11.454  -5.046  1.00 40.05 ? 196  GLY A N     1 
ATOM   420  C  CA    . GLY A 1 84  ? -3.359  10.730  -5.310  1.00 38.50 ? 196  GLY A CA    1 
ATOM   421  C  C     . GLY A 1 84  ? -4.097  11.162  -6.558  1.00 38.26 ? 196  GLY A C     1 
ATOM   422  O  O     . GLY A 1 84  ? -4.829  10.371  -7.141  1.00 41.42 ? 196  GLY A O     1 
ATOM   423  N  N     . GLN A 1 85  ? -3.928  12.406  -6.980  1.00 37.32 ? 197  GLN A N     1 
ATOM   424  C  CA    . GLN A 1 85  ? -4.689  12.893  -8.137  1.00 37.86 ? 197  GLN A CA    1 
ATOM   425  C  C     . GLN A 1 85  ? -4.091  12.401  -9.432  1.00 37.14 ? 197  GLN A C     1 
ATOM   426  O  O     . GLN A 1 85  ? -2.875  12.201  -9.522  1.00 39.73 ? 197  GLN A O     1 
ATOM   427  C  CB    . GLN A 1 85  ? -4.811  14.423  -8.160  1.00 36.41 ? 197  GLN A CB    1 
ATOM   428  C  CG    . GLN A 1 85  ? -5.674  14.999  -7.055  1.00 39.35 ? 197  GLN A CG    1 
ATOM   429  C  CD    . GLN A 1 85  ? -5.892  16.495  -7.221  1.00 41.35 ? 197  GLN A CD    1 
ATOM   430  O  OE1   . GLN A 1 85  ? -5.419  17.102  -8.174  1.00 45.86 ? 197  GLN A OE1   1 
ATOM   431  N  NE2   . GLN A 1 85  ? -6.621  17.086  -6.302  1.00 46.05 ? 197  GLN A NE2   1 
ATOM   432  N  N     . GLU A 1 86  ? -4.964  12.239  -10.432 1.00 34.65 ? 198  GLU A N     1 
ATOM   433  C  CA    . GLU A 1 86  ? -4.638  11.657  -11.733 1.00 43.62 ? 198  GLU A CA    1 
ATOM   434  C  C     . GLU A 1 86  ? -3.577  12.435  -12.492 1.00 39.37 ? 198  GLU A C     1 
ATOM   435  O  O     . GLU A 1 86  ? -2.812  11.842  -13.253 1.00 37.90 ? 198  GLU A O     1 
ATOM   436  C  CB    . GLU A 1 86  ? -5.918  11.583  -12.589 1.00 48.88 ? 198  GLU A CB    1 
ATOM   437  C  CG    . GLU A 1 86  ? -5.789  10.882  -13.959 1.00 55.22 ? 198  GLU A CG    1 
ATOM   438  C  CD    . GLU A 1 86  ? -7.147  10.738  -14.653 1.00 57.18 ? 198  GLU A CD    1 
ATOM   439  O  OE1   . GLU A 1 86  ? -8.138  10.414  -13.933 1.00 63.40 ? 198  GLU A OE1   1 
ATOM   440  O  OE2   . GLU A 1 86  ? -7.233  10.961  -15.901 1.00 59.80 ? 198  GLU A OE2   1 
ATOM   441  N  N     . ARG A 1 87  ? -3.566  13.765  -12.329 1.00 37.34 ? 199  ARG A N     1 
ATOM   442  C  CA    . ARG A 1 87  ? -2.585  14.639  -12.992 1.00 37.32 ? 199  ARG A CA    1 
ATOM   443  C  C     . ARG A 1 87  ? -1.141  14.267  -12.571 1.00 35.15 ? 199  ARG A C     1 
ATOM   444  O  O     . ARG A 1 87  ? -0.170  14.613  -13.256 1.00 34.84 ? 199  ARG A O     1 
ATOM   445  C  CB    . ARG A 1 87  ? -2.874  16.122  -12.671 1.00 35.88 ? 199  ARG A CB    1 
ATOM   446  C  CG    . ARG A 1 87  ? -2.659  16.482  -11.206 1.00 37.74 ? 199  ARG A CG    1 
ATOM   447  C  CD    . ARG A 1 87  ? -2.989  17.919  -10.896 1.00 39.26 ? 199  ARG A CD    1 
ATOM   448  N  NE    . ARG A 1 87  ? -4.323  18.158  -10.336 1.00 38.00 ? 199  ARG A NE    1 
ATOM   449  C  CZ    . ARG A 1 87  ? -5.280  18.887  -10.930 1.00 37.16 ? 199  ARG A CZ    1 
ATOM   450  N  NH1   . ARG A 1 87  ? -5.091  19.437  -12.115 1.00 33.46 ? 199  ARG A NH1   1 
ATOM   451  N  NH2   . ARG A 1 87  ? -6.443  19.073  -10.319 1.00 39.68 ? 199  ARG A NH2   1 
ATOM   452  N  N     . PHE A 1 88  ? -1.030  13.553  -11.454 1.00 32.61 ? 200  PHE A N     1 
ATOM   453  C  CA    . PHE A 1 88  ? 0.268   13.116  -10.934 1.00 38.11 ? 200  PHE A CA    1 
ATOM   454  C  C     . PHE A 1 88  ? 0.632   11.684  -11.339 1.00 38.54 ? 200  PHE A C     1 
ATOM   455  O  O     . PHE A 1 88  ? 1.669   11.200  -10.941 1.00 41.54 ? 200  PHE A O     1 
ATOM   456  C  CB    . PHE A 1 88  ? 0.339   13.235  -9.410  1.00 34.25 ? 200  PHE A CB    1 
ATOM   457  C  CG    . PHE A 1 88  ? 0.213   14.652  -8.894  1.00 37.37 ? 200  PHE A CG    1 
ATOM   458  C  CD1   . PHE A 1 88  ? 1.263   15.559  -9.033  1.00 36.24 ? 200  PHE A CD1   1 
ATOM   459  C  CD2   . PHE A 1 88  ? -0.957  15.076  -8.246  1.00 36.94 ? 200  PHE A CD2   1 
ATOM   460  C  CE1   . PHE A 1 88  ? 1.153   16.885  -8.521  1.00 37.25 ? 200  PHE A CE1   1 
ATOM   461  C  CE2   . PHE A 1 88  ? -1.075  16.405  -7.753  1.00 35.66 ? 200  PHE A CE2   1 
ATOM   462  C  CZ    . PHE A 1 88  ? -0.018  17.295  -7.891  1.00 33.47 ? 200  PHE A CZ    1 
ATOM   463  N  N     . ASN A 1 89  ? -0.203  11.022  -12.134 1.00 39.51 ? 201  ASN A N     1 
ATOM   464  C  CA    . ASN A 1 89  ? 0.088   9.617   -12.542 1.00 41.30 ? 201  ASN A CA    1 
ATOM   465  C  C     . ASN A 1 89  ? 1.405   9.518   -13.309 1.00 41.47 ? 201  ASN A C     1 
ATOM   466  O  O     . ASN A 1 89  ? 2.225   8.636   -13.045 1.00 42.10 ? 201  ASN A O     1 
ATOM   467  C  CB    . ASN A 1 89  ? -1.056  9.027   -13.374 1.00 42.55 ? 201  ASN A CB    1 
ATOM   468  C  CG    . ASN A 1 89  ? -2.280  8.730   -12.535 1.00 43.48 ? 201  ASN A CG    1 
ATOM   469  O  OD1   . ASN A 1 89  ? -2.239  8.807   -11.295 1.00 43.68 ? 201  ASN A OD1   1 
ATOM   470  N  ND2   . ASN A 1 89  ? -3.385  8.410   -13.197 1.00 44.19 ? 201  ASN A ND2   1 
ATOM   471  N  N     . SER A 1 90  ? 1.610   10.440  -14.235 1.00 40.79 ? 202  SER A N     1 
ATOM   472  C  CA    . SER A 1 90  ? 2.841   10.500  -15.017 1.00 43.00 ? 202  SER A CA    1 
ATOM   473  C  C     . SER A 1 90  ? 4.099   10.549  -14.144 1.00 43.25 ? 202  SER A C     1 
ATOM   474  O  O     . SER A 1 90  ? 4.951   9.667   -14.289 1.00 45.38 ? 202  SER A O     1 
ATOM   475  C  CB    . SER A 1 90  ? 2.779   11.628  -16.055 1.00 46.76 ? 202  SER A CB    1 
ATOM   476  O  OG    . SER A 1 90  ? 3.957   11.693  -16.829 1.00 51.95 ? 202  SER A OG    1 
ATOM   477  N  N     . ILE A 1 91  ? 4.187   11.506  -13.195 1.00 40.06 ? 203  ILE A N     1 
ATOM   478  C  CA    . ILE A 1 91  ? 5.348   11.580  -12.253 1.00 37.53 ? 203  ILE A CA    1 
ATOM   479  C  C     . ILE A 1 91  ? 5.529   10.363  -11.387 1.00 37.25 ? 203  ILE A C     1 
ATOM   480  O  O     . ILE A 1 91  ? 6.654   9.882   -11.207 1.00 40.29 ? 203  ILE A O     1 
ATOM   481  C  CB    . ILE A 1 91  ? 5.319   12.847  -11.304 1.00 37.04 ? 203  ILE A CB    1 
ATOM   482  C  CG1   . ILE A 1 91  ? 5.754   14.066  -12.063 1.00 35.47 ? 203  ILE A CG1   1 
ATOM   483  C  CG2   . ILE A 1 91  ? 6.285   12.680  -10.115 1.00 37.87 ? 203  ILE A CG2   1 
ATOM   484  C  CD1   . ILE A 1 91  ? 5.352   15.370  -11.407 1.00 41.67 ? 203  ILE A CD1   1 
ATOM   485  N  N     . THR A 1 92  ? 4.428   9.870   -10.820 1.00 34.76 ? 204  THR A N     1 
ATOM   486  C  CA    . THR A 1 92  ? 4.511   8.824   -9.839  1.00 32.75 ? 204  THR A CA    1 
ATOM   487  C  C     . THR A 1 92  ? 4.825   7.480   -10.504 1.00 33.38 ? 204  THR A C     1 
ATOM   488  O  O     . THR A 1 92  ? 5.372   6.612   -9.865  1.00 32.46 ? 204  THR A O     1 
ATOM   489  C  CB    . THR A 1 92  ? 3.230   8.738   -8.966  1.00 34.26 ? 204  THR A CB    1 
ATOM   490  O  OG1   . THR A 1 92  ? 2.115   8.407   -9.795  1.00 34.90 ? 204  THR A OG1   1 
ATOM   491  C  CG2   . THR A 1 92  ? 2.965   10.099  -8.275  1.00 30.45 ? 204  THR A CG2   1 
ATOM   492  N  N     . SER A 1 93  ? 4.504   7.350   -11.798 1.00 32.05 ? 205  SER A N     1 
ATOM   493  C  CA    . SER A 1 93  ? 4.725   6.112   -12.547 1.00 35.14 ? 205  SER A CA    1 
ATOM   494  C  C     . SER A 1 93  ? 6.175   5.568   -12.443 1.00 36.14 ? 205  SER A C     1 
ATOM   495  O  O     . SER A 1 93  ? 6.387   4.348   -12.372 1.00 35.79 ? 205  SER A O     1 
ATOM   496  C  CB    . SER A 1 93  ? 4.294   6.258   -14.007 1.00 32.66 ? 205  SER A CB    1 
ATOM   497  O  OG    . SER A 1 93  ? 5.128   7.172   -14.722 1.00 38.88 ? 205  SER A OG    1 
ATOM   498  N  N     . ALA A 1 94  ? 7.134   6.475   -12.425 1.00 36.85 ? 206  ALA A N     1 
ATOM   499  C  CA    . ALA A 1 94  ? 8.559   6.162   -12.282 1.00 41.92 ? 206  ALA A CA    1 
ATOM   500  C  C     . ALA A 1 94  ? 8.883   5.348   -11.058 1.00 43.08 ? 206  ALA A C     1 
ATOM   501  O  O     . ALA A 1 94  ? 9.779   4.497   -11.084 1.00 48.74 ? 206  ALA A O     1 
ATOM   502  C  CB    . ALA A 1 94  ? 9.354   7.439   -12.259 1.00 44.92 ? 206  ALA A CB    1 
ATOM   503  N  N     . TYR A 1 95  ? 8.159   5.617   -9.971  1.00 42.96 ? 207  TYR A N     1 
ATOM   504  C  CA    . TYR A 1 95  ? 8.383   4.950   -8.702  1.00 38.75 ? 207  TYR A CA    1 
ATOM   505  C  C     . TYR A 1 95  ? 7.744   3.578   -8.623  1.00 39.97 ? 207  TYR A C     1 
ATOM   506  O  O     . TYR A 1 95  ? 8.054   2.794   -7.729  1.00 37.66 ? 207  TYR A O     1 
ATOM   507  C  CB    . TYR A 1 95  ? 7.943   5.852   -7.554  1.00 41.51 ? 207  TYR A CB    1 
ATOM   508  C  CG    . TYR A 1 95  ? 8.711   7.169   -7.545  1.00 42.05 ? 207  TYR A CG    1 
ATOM   509  C  CD1   . TYR A 1 95  ? 9.914   7.300   -6.840  1.00 39.69 ? 207  TYR A CD1   1 
ATOM   510  C  CD2   . TYR A 1 95  ? 8.256   8.266   -8.278  1.00 41.83 ? 207  TYR A CD2   1 
ATOM   511  C  CE1   . TYR A 1 95  ? 10.631  8.493   -6.856  1.00 40.44 ? 207  TYR A CE1   1 
ATOM   512  C  CE2   . TYR A 1 95  ? 8.969   9.469   -8.302  1.00 42.07 ? 207  TYR A CE2   1 
ATOM   513  C  CZ    . TYR A 1 95  ? 10.147  9.574   -7.578  1.00 42.72 ? 207  TYR A CZ    1 
ATOM   514  O  OH    . TYR A 1 95  ? 10.845  10.771  -7.602  1.00 45.62 ? 207  TYR A OH    1 
ATOM   515  N  N     . TYR A 1 96  ? 6.847   3.270   -9.565  1.00 43.08 ? 208  TYR A N     1 
ATOM   516  C  CA    . TYR A 1 96  ? 6.219   1.950   -9.606  1.00 39.96 ? 208  TYR A CA    1 
ATOM   517  C  C     . TYR A 1 96  ? 7.204   0.881   -10.003 1.00 40.79 ? 208  TYR A C     1 
ATOM   518  O  O     . TYR A 1 96  ? 7.186   -0.187  -9.424  1.00 42.14 ? 208  TYR A O     1 
ATOM   519  C  CB    . TYR A 1 96  ? 5.061   1.909   -10.593 1.00 39.54 ? 208  TYR A CB    1 
ATOM   520  C  CG    . TYR A 1 96  ? 3.752   2.484   -10.114 1.00 38.99 ? 208  TYR A CG    1 
ATOM   521  C  CD1   . TYR A 1 96  ? 2.578   1.698   -10.111 1.00 41.05 ? 208  TYR A CD1   1 
ATOM   522  C  CD2   . TYR A 1 96  ? 3.660   3.815   -9.713  1.00 38.57 ? 208  TYR A CD2   1 
ATOM   523  C  CE1   . TYR A 1 96  ? 1.344   2.251   -9.702  1.00 37.65 ? 208  TYR A CE1   1 
ATOM   524  C  CE2   . TYR A 1 96  ? 2.467   4.362   -9.314  1.00 36.46 ? 208  TYR A CE2   1 
ATOM   525  C  CZ    . TYR A 1 96  ? 1.303   3.566   -9.313  1.00 37.71 ? 208  TYR A CZ    1 
ATOM   526  O  OH    . TYR A 1 96  ? 0.112   4.134   -8.907  1.00 38.37 ? 208  TYR A OH    1 
ATOM   527  N  N     . ARG A 1 97  ? 8.063   1.152   -10.999 1.00 41.47 ? 209  ARG A N     1 
ATOM   528  C  CA    . ARG A 1 97  ? 8.922   0.096   -11.546 1.00 42.77 ? 209  ARG A CA    1 
ATOM   529  C  C     . ARG A 1 97  ? 9.895   -0.408  -10.512 1.00 41.96 ? 209  ARG A C     1 
ATOM   530  O  O     . ARG A 1 97  ? 10.155  -1.607  -10.439 1.00 43.80 ? 209  ARG A O     1 
ATOM   531  C  CB    . ARG A 1 97  ? 9.675   0.540   -12.817 1.00 43.75 ? 209  ARG A CB    1 
ATOM   532  C  CG    . ARG A 1 97  ? 10.569  -0.555  -13.421 1.00 44.18 ? 209  ARG A CG    1 
ATOM   533  C  CD    . ARG A 1 97  ? 11.449  -0.015  -14.534 1.00 47.98 ? 209  ARG A CD    1 
ATOM   534  N  N     . SER A 1 98  ? 10.408  0.508   -9.703  1.00 43.19 ? 210  SER A N     1 
ATOM   535  C  CA    . SER A 1 98  ? 11.371  0.176   -8.649  1.00 43.90 ? 210  SER A CA    1 
ATOM   536  C  C     . SER A 1 98  ? 10.757  -0.552  -7.432  1.00 41.24 ? 210  SER A C     1 
ATOM   537  O  O     . SER A 1 98  ? 11.476  -1.237  -6.686  1.00 41.63 ? 210  SER A O     1 
ATOM   538  C  CB    . SER A 1 98  ? 12.140  1.446   -8.209  1.00 45.20 ? 210  SER A CB    1 
ATOM   539  O  OG    . SER A 1 98  ? 11.269  2.529   -7.846  1.00 43.81 ? 210  SER A OG    1 
ATOM   540  N  N     . ALA A 1 99  ? 9.440   -0.419  -7.247  1.00 40.09 ? 211  ALA A N     1 
ATOM   541  C  CA    . ALA A 1 99  ? 8.747   -1.005  -6.072  1.00 38.49 ? 211  ALA A CA    1 
ATOM   542  C  C     . ALA A 1 99  ? 8.748   -2.512  -6.090  1.00 39.87 ? 211  ALA A C     1 
ATOM   543  O  O     . ALA A 1 99  ? 8.400   -3.136  -7.078  1.00 37.03 ? 211  ALA A O     1 
ATOM   544  C  CB    . ALA A 1 99  ? 7.333   -0.476  -5.949  1.00 41.30 ? 211  ALA A CB    1 
ATOM   545  N  N     . LYS A 1 100 ? 9.165   -3.104  -4.978  1.00 38.81 ? 212  LYS A N     1 
ATOM   546  C  CA    . LYS A 1 100 ? 9.071   -4.529  -4.818  1.00 37.42 ? 212  LYS A CA    1 
ATOM   547  C  C     . LYS A 1 100 ? 7.706   -4.915  -4.219  1.00 34.82 ? 212  LYS A C     1 
ATOM   548  O  O     . LYS A 1 100 ? 7.244   -6.028  -4.363  1.00 36.85 ? 212  LYS A O     1 
ATOM   549  C  CB    . LYS A 1 100 ? 10.254  -5.047  -3.994  1.00 42.72 ? 212  LYS A CB    1 
ATOM   550  C  CG    . LYS A 1 100 ? 11.554  -5.176  -4.837  1.00 45.08 ? 212  LYS A CG    1 
ATOM   551  C  CD    . LYS A 1 100 ? 12.770  -5.371  -3.954  1.00 50.18 ? 212  LYS A CD    1 
ATOM   552  C  CE    . LYS A 1 100 ? 14.071  -5.540  -4.757  1.00 50.27 ? 212  LYS A CE    1 
ATOM   553  N  NZ    . LYS A 1 100 ? 15.292  -5.236  -3.916  1.00 52.05 ? 212  LYS A NZ    1 
ATOM   554  N  N     . GLY A 1 101 ? 7.073   -3.969  -3.571  1.00 34.61 ? 213  GLY A N     1 
ATOM   555  C  CA    . GLY A 1 101 ? 5.742   -4.158  -3.054  1.00 33.59 ? 213  GLY A CA    1 
ATOM   556  C  C     . GLY A 1 101 ? 4.957   -2.882  -3.215  1.00 32.33 ? 213  GLY A C     1 
ATOM   557  O  O     . GLY A 1 101 ? 5.505   -1.776  -3.193  1.00 32.80 ? 213  GLY A O     1 
ATOM   558  N  N     . ILE A 1 102 ? 3.659   -3.050  -3.352  1.00 32.17 ? 214  ILE A N     1 
ATOM   559  C  CA    . ILE A 1 102 ? 2.747   -1.956  -3.585  1.00 34.57 ? 214  ILE A CA    1 
ATOM   560  C  C     . ILE A 1 102 ? 1.575   -2.170  -2.641  1.00 34.99 ? 214  ILE A C     1 
ATOM   561  O  O     . ILE A 1 102 ? 0.971   -3.289  -2.559  1.00 31.87 ? 214  ILE A O     1 
ATOM   562  C  CB    . ILE A 1 102 ? 2.235   -1.934  -5.074  1.00 34.45 ? 214  ILE A CB    1 
ATOM   563  C  CG1   . ILE A 1 102 ? 3.418   -1.779  -6.045  1.00 32.43 ? 214  ILE A CG1   1 
ATOM   564  C  CG2   . ILE A 1 102 ? 1.176   -0.794  -5.263  1.00 34.01 ? 214  ILE A CG2   1 
ATOM   565  C  CD1   . ILE A 1 102 ? 3.099   -1.928  -7.540  1.00 36.41 ? 214  ILE A CD1   1 
ATOM   566  N  N     . ILE A 1 103 ? 1.285   -1.126  -1.905  1.00 34.29 ? 215  ILE A N     1 
ATOM   567  C  CA    . ILE A 1 103 ? 0.151   -1.099  -1.011  1.00 37.38 ? 215  ILE A CA    1 
ATOM   568  C  C     . ILE A 1 103 ? -0.876  -0.173  -1.670  1.00 36.52 ? 215  ILE A C     1 
ATOM   569  O  O     . ILE A 1 103 ? -0.624  1.001   -1.866  1.00 37.61 ? 215  ILE A O     1 
ATOM   570  C  CB    . ILE A 1 103 ? 0.554   -0.588  0.423   1.00 33.83 ? 215  ILE A CB    1 
ATOM   571  C  CG1   . ILE A 1 103 ? 1.557   -1.562  1.069   1.00 41.02 ? 215  ILE A CG1   1 
ATOM   572  C  CG2   . ILE A 1 103 ? -0.676  -0.449  1.299   1.00 35.12 ? 215  ILE A CG2   1 
ATOM   573  C  CD1   . ILE A 1 103 ? 2.416   -0.990  2.182   1.00 38.28 ? 215  ILE A CD1   1 
ATOM   574  N  N     . LEU A 1 104 ? -2.021  -0.732  -2.022  1.00 34.72 ? 216  LEU A N     1 
ATOM   575  C  CA    . LEU A 1 104 ? -3.120  0.028   -2.602  1.00 31.52 ? 216  LEU A CA    1 
ATOM   576  C  C     . LEU A 1 104 ? -4.227  0.241   -1.518  1.00 34.15 ? 216  LEU A C     1 
ATOM   577  O  O     . LEU A 1 104 ? -4.740  -0.709  -0.918  1.00 33.89 ? 216  LEU A O     1 
ATOM   578  C  CB    . LEU A 1 104 ? -3.634  -0.702  -3.856  1.00 29.10 ? 216  LEU A CB    1 
ATOM   579  C  CG    . LEU A 1 104 ? -4.900  -0.192  -4.548  1.00 33.75 ? 216  LEU A CG    1 
ATOM   580  C  CD1   . LEU A 1 104 ? -4.868  1.309   -4.913  1.00 30.46 ? 216  LEU A CD1   1 
ATOM   581  C  CD2   . LEU A 1 104 ? -5.143  -1.042  -5.796  1.00 31.87 ? 216  LEU A CD2   1 
ATOM   582  N  N     . VAL A 1 105 ? -4.532  1.501   -1.230  1.00 33.38 ? 217  VAL A N     1 
ATOM   583  C  CA    . VAL A 1 105 ? -5.372  1.823   -0.086  1.00 38.48 ? 217  VAL A CA    1 
ATOM   584  C  C     . VAL A 1 105 ? -6.701  2.417   -0.552  1.00 38.05 ? 217  VAL A C     1 
ATOM   585  O  O     . VAL A 1 105 ? -6.729  3.246   -1.480  1.00 32.34 ? 217  VAL A O     1 
ATOM   586  C  CB    . VAL A 1 105 ? -4.658  2.844   0.860   1.00 36.46 ? 217  VAL A CB    1 
ATOM   587  C  CG1   . VAL A 1 105 ? -5.474  3.119   2.106   1.00 34.18 ? 217  VAL A CG1   1 
ATOM   588  C  CG2   . VAL A 1 105 ? -3.225  2.355   1.262   1.00 33.10 ? 217  VAL A CG2   1 
ATOM   589  N  N     . TYR A 1 106 ? -7.806  2.003   0.083   1.00 35.60 ? 218  TYR A N     1 
ATOM   590  C  CA    . TYR A 1 106 ? -9.081  2.735   -0.088  1.00 35.99 ? 218  TYR A CA    1 
ATOM   591  C  C     . TYR A 1 106 ? -9.631  3.061   1.305   1.00 38.19 ? 218  TYR A C     1 
ATOM   592  O  O     . TYR A 1 106 ? -9.080  2.628   2.341   1.00 34.23 ? 218  TYR A O     1 
ATOM   593  C  CB    . TYR A 1 106 ? -10.101 1.980   -1.007  1.00 34.82 ? 218  TYR A CB    1 
ATOM   594  C  CG    . TYR A 1 106 ? -10.568 0.678   -0.435  1.00 35.34 ? 218  TYR A CG    1 
ATOM   595  C  CD1   . TYR A 1 106 ? -11.748 0.614   0.308   1.00 32.70 ? 218  TYR A CD1   1 
ATOM   596  C  CD2   . TYR A 1 106 ? -9.809  -0.507  -0.605  1.00 34.08 ? 218  TYR A CD2   1 
ATOM   597  C  CE1   . TYR A 1 106 ? -12.176 -0.567  0.848   1.00 32.18 ? 218  TYR A CE1   1 
ATOM   598  C  CE2   . TYR A 1 106 ? -10.234 -1.695  -0.061  1.00 32.54 ? 218  TYR A CE2   1 
ATOM   599  C  CZ    . TYR A 1 106 ? -11.406 -1.727  0.667   1.00 32.69 ? 218  TYR A CZ    1 
ATOM   600  O  OH    . TYR A 1 106 ? -11.845 -2.909  1.211   1.00 36.99 ? 218  TYR A OH    1 
ATOM   601  N  N     . ASP A 1 107 ? -10.683 3.856   1.328   1.00 37.06 ? 219  ASP A N     1 
ATOM   602  C  CA    . ASP A 1 107 ? -11.301 4.290   2.550   1.00 36.12 ? 219  ASP A CA    1 
ATOM   603  C  C     . ASP A 1 107 ? -12.616 3.526   2.623   1.00 35.02 ? 219  ASP A C     1 
ATOM   604  O  O     . ASP A 1 107 ? -13.472 3.704   1.780   1.00 36.14 ? 219  ASP A O     1 
ATOM   605  C  CB    . ASP A 1 107 ? -11.502 5.814   2.462   1.00 38.34 ? 219  ASP A CB    1 
ATOM   606  C  CG    . ASP A 1 107 ? -12.221 6.417   3.664   1.00 41.15 ? 219  ASP A CG    1 
ATOM   607  O  OD1   . ASP A 1 107 ? -12.744 5.690   4.540   1.00 41.73 ? 219  ASP A OD1   1 
ATOM   608  O  OD2   . ASP A 1 107 ? -12.248 7.660   3.717   1.00 37.96 ? 219  ASP A OD2   1 
ATOM   609  N  N     . ILE A 1 108 ? -12.753 2.642   3.614   1.00 33.18 ? 220  ILE A N     1 
ATOM   610  C  CA    . ILE A 1 108 ? -13.990 1.861   3.784   1.00 35.94 ? 220  ILE A CA    1 
ATOM   611  C  C     . ILE A 1 108 ? -15.263 2.719   3.940   1.00 38.66 ? 220  ILE A C     1 
ATOM   612  O  O     . ILE A 1 108 ? -16.366 2.213   3.705   1.00 35.58 ? 220  ILE A O     1 
ATOM   613  C  CB    . ILE A 1 108 ? -13.930 0.857   4.992   1.00 35.42 ? 220  ILE A CB    1 
ATOM   614  C  CG1   . ILE A 1 108 ? -13.965 1.609   6.340   1.00 35.26 ? 220  ILE A CG1   1 
ATOM   615  C  CG2   . ILE A 1 108 ? -12.718 -0.104  4.873   1.00 35.13 ? 220  ILE A CG2   1 
ATOM   616  C  CD1   . ILE A 1 108 ? -14.189 0.711   7.559   1.00 36.93 ? 220  ILE A CD1   1 
ATOM   617  N  N     . THR A 1 109 ? -15.110 3.989   4.353   1.00 36.81 ? 221  THR A N     1 
ATOM   618  C  CA    . THR A 1 109 ? -16.263 4.920   4.485   1.00 39.01 ? 221  THR A CA    1 
ATOM   619  C  C     . THR A 1 109 ? -16.563 5.798   3.248   1.00 39.75 ? 221  THR A C     1 
ATOM   620  O  O     . THR A 1 109 ? -17.503 6.565   3.267   1.00 37.69 ? 221  THR A O     1 
ATOM   621  C  CB    . THR A 1 109 ? -16.147 5.850   5.750   1.00 42.01 ? 221  THR A CB    1 
ATOM   622  O  OG1   . THR A 1 109 ? -15.197 6.908   5.505   1.00 43.23 ? 221  THR A OG1   1 
ATOM   623  C  CG2   . THR A 1 109 ? -15.739 5.037   6.987   1.00 35.19 ? 221  THR A CG2   1 
ATOM   624  N  N     . LYS A 1 110 ? -15.756 5.682   2.196   1.00 39.21 ? 222  LYS A N     1 
ATOM   625  C  CA    . LYS A 1 110 ? -15.923 6.474   0.991   1.00 41.91 ? 222  LYS A CA    1 
ATOM   626  C  C     . LYS A 1 110 ? -15.926 5.553   -0.221  1.00 42.12 ? 222  LYS A C     1 
ATOM   627  O  O     . LYS A 1 110 ? -14.875 5.242   -0.776  1.00 43.54 ? 222  LYS A O     1 
ATOM   628  C  CB    . LYS A 1 110 ? -14.837 7.582   0.877   1.00 44.44 ? 222  LYS A CB    1 
ATOM   629  C  CG    . LYS A 1 110 ? -14.935 8.433   -0.415  1.00 48.16 ? 222  LYS A CG    1 
ATOM   630  C  CD    . LYS A 1 110 ? -14.280 9.838   -0.329  1.00 48.08 ? 222  LYS A CD    1 
ATOM   631  C  CE    . LYS A 1 110 ? -14.185 10.486  -1.746  1.00 47.84 ? 222  LYS A CE    1 
ATOM   632  N  NZ    . LYS A 1 110 ? -14.006 11.991  -1.723  1.00 49.88 ? 222  LYS A NZ    1 
ATOM   633  N  N     . LYS A 1 111 ? -17.124 5.131   -0.636  1.00 41.72 ? 223  LYS A N     1 
ATOM   634  C  CA    . LYS A 1 111 ? -17.276 4.135   -1.702  1.00 41.22 ? 223  LYS A CA    1 
ATOM   635  C  C     . LYS A 1 111 ? -16.558 4.467   -3.023  1.00 41.60 ? 223  LYS A C     1 
ATOM   636  O  O     . LYS A 1 111 ? -16.058 3.550   -3.719  1.00 38.03 ? 223  LYS A O     1 
ATOM   637  C  CB    . LYS A 1 111 ? -18.756 3.766   -1.928  1.00 42.47 ? 223  LYS A CB    1 
ATOM   638  C  CG    . LYS A 1 111 ? -19.644 4.857   -2.412  1.00 45.65 ? 223  LYS A CG    1 
ATOM   639  C  CD    . LYS A 1 111 ? -20.917 4.277   -3.021  1.00 48.55 ? 223  LYS A CD    1 
ATOM   640  N  N     . GLU A 1 112 ? -16.488 5.755   -3.369  1.00 36.64 ? 224  GLU A N     1 
ATOM   641  C  CA    . GLU A 1 112 ? -15.762 6.162   -4.589  1.00 37.87 ? 224  GLU A CA    1 
ATOM   642  C  C     . GLU A 1 112 ? -14.254 5.861   -4.567  1.00 34.53 ? 224  GLU A C     1 
ATOM   643  O  O     . GLU A 1 112 ? -13.665 5.700   -5.610  1.00 33.15 ? 224  GLU A O     1 
ATOM   644  C  CB    . GLU A 1 112 ? -16.004 7.623   -4.960  1.00 43.29 ? 224  GLU A CB    1 
ATOM   645  C  CG    . GLU A 1 112 ? -16.021 8.555   -3.793  1.00 49.27 ? 224  GLU A CG    1 
ATOM   646  C  CD    . GLU A 1 112 ? -17.423 8.770   -3.252  1.00 52.32 ? 224  GLU A CD    1 
ATOM   647  O  OE1   . GLU A 1 112 ? -18.235 9.415   -3.963  1.00 57.02 ? 224  GLU A OE1   1 
ATOM   648  O  OE2   . GLU A 1 112 ? -17.709 8.302   -2.124  1.00 51.62 ? 224  GLU A OE2   1 
ATOM   649  N  N     . THR A 1 113 ? -13.635 5.808   -3.397  1.00 34.79 ? 225  THR A N     1 
ATOM   650  C  CA    . THR A 1 113 ? -12.229 5.402   -3.337  1.00 36.29 ? 225  THR A CA    1 
ATOM   651  C  C     . THR A 1 113 ? -12.052 3.895   -3.619  1.00 36.06 ? 225  THR A C     1 
ATOM   652  O  O     . THR A 1 113 ? -10.951 3.447   -3.993  1.00 38.93 ? 225  THR A O     1 
ATOM   653  C  CB    . THR A 1 113 ? -11.580 5.773   -2.003  1.00 34.17 ? 225  THR A CB    1 
ATOM   654  O  OG1   . THR A 1 113 ? -12.094 4.937   -0.958  1.00 33.57 ? 225  THR A OG1   1 
ATOM   655  C  CG2   . THR A 1 113 ? -11.827 7.292   -1.674  1.00 32.93 ? 225  THR A CG2   1 
ATOM   656  N  N     . PHE A 1 114 ? -13.130 3.129   -3.411  1.00 34.56 ? 226  PHE A N     1 
ATOM   657  C  CA    . PHE A 1 114 ? -13.174 1.708   -3.737  1.00 34.58 ? 226  PHE A CA    1 
ATOM   658  C  C     . PHE A 1 114 ? -13.518 1.565   -5.227  1.00 35.73 ? 226  PHE A C     1 
ATOM   659  O  O     . PHE A 1 114 ? -13.005 0.669   -5.929  1.00 32.41 ? 226  PHE A O     1 
ATOM   660  C  CB    . PHE A 1 114 ? -14.229 0.988   -2.873  1.00 37.22 ? 226  PHE A CB    1 
ATOM   661  C  CG    . PHE A 1 114 ? -14.317 -0.503  -3.126  1.00 37.89 ? 226  PHE A CG    1 
ATOM   662  C  CD1   . PHE A 1 114 ? -13.418 -1.389  -2.494  1.00 39.10 ? 226  PHE A CD1   1 
ATOM   663  C  CD2   . PHE A 1 114 ? -15.280 -1.027  -3.990  1.00 39.77 ? 226  PHE A CD2   1 
ATOM   664  C  CE1   . PHE A 1 114 ? -13.477 -2.768  -2.726  1.00 40.28 ? 226  PHE A CE1   1 
ATOM   665  C  CE2   . PHE A 1 114 ? -15.355 -2.419  -4.233  1.00 39.80 ? 226  PHE A CE2   1 
ATOM   666  C  CZ    . PHE A 1 114 ? -14.438 -3.283  -3.591  1.00 40.23 ? 226  PHE A CZ    1 
ATOM   667  N  N     . ASP A 1 115 ? -14.371 2.471   -5.705  1.00 35.72 ? 227  ASP A N     1 
ATOM   668  C  CA    . ASP A 1 115 ? -14.762 2.522   -7.111  1.00 37.74 ? 227  ASP A CA    1 
ATOM   669  C  C     . ASP A 1 115 ? -13.614 2.911   -8.027  1.00 35.60 ? 227  ASP A C     1 
ATOM   670  O  O     . ASP A 1 115 ? -13.645 2.603   -9.202  1.00 35.00 ? 227  ASP A O     1 
ATOM   671  C  CB    . ASP A 1 115 ? -15.932 3.485   -7.309  1.00 42.67 ? 227  ASP A CB    1 
ATOM   672  C  CG    . ASP A 1 115 ? -17.240 2.915   -6.823  1.00 45.71 ? 227  ASP A CG    1 
ATOM   673  O  OD1   . ASP A 1 115 ? -17.278 1.706   -6.481  1.00 45.09 ? 227  ASP A OD1   1 
ATOM   674  O  OD2   . ASP A 1 115 ? -18.225 3.679   -6.777  1.00 48.79 ? 227  ASP A OD2   1 
ATOM   675  N  N     . ASP A 1 116 ? -12.618 3.602   -7.471  1.00 34.94 ? 228  ASP A N     1 
ATOM   676  C  CA    . ASP A 1 116 ? -11.415 3.988   -8.192  1.00 36.29 ? 228  ASP A CA    1 
ATOM   677  C  C     . ASP A 1 116 ? -10.399 2.847   -8.377  1.00 37.16 ? 228  ASP A C     1 
ATOM   678  O  O     . ASP A 1 116 ? -9.443  2.987   -9.153  1.00 37.31 ? 228  ASP A O     1 
ATOM   679  C  CB    . ASP A 1 116 ? -10.691 5.079   -7.408  1.00 38.35 ? 228  ASP A CB    1 
ATOM   680  C  CG    . ASP A 1 116 ? -11.383 6.420   -7.494  1.00 41.51 ? 228  ASP A CG    1 
ATOM   681  O  OD1   . ASP A 1 116 ? -12.267 6.597   -8.386  1.00 39.74 ? 228  ASP A OD1   1 
ATOM   682  O  OD2   . ASP A 1 116 ? -11.026 7.296   -6.667  1.00 39.00 ? 228  ASP A OD2   1 
ATOM   683  N  N     . LEU A 1 117 ? -10.570 1.754   -7.641  1.00 35.68 ? 229  LEU A N     1 
ATOM   684  C  CA    . LEU A 1 117 ? -9.542  0.681   -7.626  1.00 38.18 ? 229  LEU A CA    1 
ATOM   685  C  C     . LEU A 1 117 ? -9.137  0.133   -9.021  1.00 35.34 ? 229  LEU A C     1 
ATOM   686  O  O     . LEU A 1 117 ? -7.943  -0.106  -9.241  1.00 37.39 ? 229  LEU A O     1 
ATOM   687  C  CB    . LEU A 1 117 ? -9.904  -0.445  -6.640  1.00 34.23 ? 229  LEU A CB    1 
ATOM   688  C  CG    . LEU A 1 117 ? -9.880  -0.085  -5.137  1.00 36.97 ? 229  LEU A CG    1 
ATOM   689  C  CD1   . LEU A 1 117 ? -10.310 -1.272  -4.301  1.00 34.58 ? 229  LEU A CD1   1 
ATOM   690  C  CD2   . LEU A 1 117 ? -8.542  0.495   -4.651  1.00 37.46 ? 229  LEU A CD2   1 
ATOM   691  N  N     . PRO A 1 118 ? -10.112 -0.040  -9.973  1.00 32.23 ? 230  PRO A N     1 
ATOM   692  C  CA    . PRO A 1 118 ? -9.714  -0.465  -11.321 1.00 31.93 ? 230  PRO A CA    1 
ATOM   693  C  C     . PRO A 1 118 ? -8.739  0.492   -12.026 1.00 34.94 ? 230  PRO A C     1 
ATOM   694  O  O     . PRO A 1 118 ? -7.876  0.048   -12.740 1.00 34.88 ? 230  PRO A O     1 
ATOM   695  C  CB    . PRO A 1 118 ? -11.047 -0.484  -12.105 1.00 35.05 ? 230  PRO A CB    1 
ATOM   696  C  CG    . PRO A 1 118 ? -12.070 -0.717  -11.110 1.00 34.54 ? 230  PRO A CG    1 
ATOM   697  C  CD    . PRO A 1 118 ? -11.581 0.054   -9.867  1.00 33.51 ? 230  PRO A CD    1 
ATOM   698  N  N     . LYS A 1 119 ? -8.895  1.796   -11.821 1.00 37.89 ? 231  LYS A N     1 
ATOM   699  C  CA    . LYS A 1 119 ? -7.920  2.772   -12.282 1.00 42.16 ? 231  LYS A CA    1 
ATOM   700  C  C     . LYS A 1 119 ? -6.531  2.566   -11.666 1.00 38.98 ? 231  LYS A C     1 
ATOM   701  O  O     . LYS A 1 119 ? -5.531  2.639   -12.374 1.00 37.19 ? 231  LYS A O     1 
ATOM   702  C  CB    . LYS A 1 119 ? -8.442  4.217   -12.032 1.00 45.32 ? 231  LYS A CB    1 
ATOM   703  C  CG    . LYS A 1 119 ? -7.378  5.236   -11.695 1.00 46.69 ? 231  LYS A CG    1 
ATOM   704  C  CD    . LYS A 1 119 ? -7.982  6.638   -11.386 1.00 51.63 ? 231  LYS A CD    1 
ATOM   705  C  CE    . LYS A 1 119 ? -8.364  6.783   -9.949  1.00 52.07 ? 231  LYS A CE    1 
ATOM   706  N  NZ    . LYS A 1 119 ? -8.747  8.197   -9.624  1.00 56.38 ? 231  LYS A NZ    1 
ATOM   707  N  N     . TRP A 1 120 ? -6.469  2.346   -10.351 1.00 34.45 ? 232  TRP A N     1 
ATOM   708  C  CA    . TRP A 1 120 ? -5.221  2.002   -9.699  1.00 36.21 ? 232  TRP A CA    1 
ATOM   709  C  C     . TRP A 1 120 ? -4.605  0.698   -10.203 1.00 34.35 ? 232  TRP A C     1 
ATOM   710  O  O     . TRP A 1 120 ? -3.381  0.630   -10.370 1.00 40.40 ? 232  TRP A O     1 
ATOM   711  C  CB    . TRP A 1 120 ? -5.375  2.022   -8.168  1.00 35.47 ? 232  TRP A CB    1 
ATOM   712  C  CG    . TRP A 1 120 ? -5.655  3.409   -7.717  1.00 37.60 ? 232  TRP A CG    1 
ATOM   713  C  CD1   . TRP A 1 120 ? -6.781  3.863   -7.099  1.00 35.91 ? 232  TRP A CD1   1 
ATOM   714  C  CD2   . TRP A 1 120 ? -4.829  4.561   -7.946  1.00 36.67 ? 232  TRP A CD2   1 
ATOM   715  N  NE1   . TRP A 1 120 ? -6.688  5.216   -6.884  1.00 35.17 ? 232  TRP A NE1   1 
ATOM   716  C  CE2   . TRP A 1 120 ? -5.502  5.669   -7.397  1.00 37.40 ? 232  TRP A CE2   1 
ATOM   717  C  CE3   . TRP A 1 120 ? -3.563  4.752   -8.529  1.00 37.69 ? 232  TRP A CE3   1 
ATOM   718  C  CZ2   . TRP A 1 120 ? -4.958  6.981   -7.427  1.00 36.80 ? 232  TRP A CZ2   1 
ATOM   719  C  CZ3   . TRP A 1 120 ? -3.024  6.037   -8.553  1.00 39.09 ? 232  TRP A CZ3   1 
ATOM   720  C  CH2   . TRP A 1 120 ? -3.724  7.134   -8.006  1.00 37.01 ? 232  TRP A CH2   1 
ATOM   721  N  N     . MET A 1 121 ? -5.449  -0.309  -10.474 1.00 34.19 ? 233  MET A N     1 
ATOM   722  C  CA    . MET A 1 121 ? -4.994  -1.608  -11.034 1.00 35.98 ? 233  MET A CA    1 
ATOM   723  C  C     . MET A 1 121 ? -4.437  -1.441  -12.441 1.00 38.21 ? 233  MET A C     1 
ATOM   724  O  O     . MET A 1 121 ? -3.513  -2.155  -12.854 1.00 36.93 ? 233  MET A O     1 
ATOM   725  C  CB    . MET A 1 121 ? -6.136  -2.634  -11.063 1.00 37.35 ? 233  MET A CB    1 
ATOM   726  C  CG    . MET A 1 121 ? -6.602  -3.143  -9.673  1.00 37.24 ? 233  MET A CG    1 
ATOM   727  S  SD    . MET A 1 121 ? -5.297  -3.419  -8.465  1.00 40.53 ? 233  MET A SD    1 
ATOM   728  C  CE    . MET A 1 121 ? -4.305  -4.678  -9.266  1.00 34.70 ? 233  MET A CE    1 
ATOM   729  N  N     . LYS A 1 122 ? -5.005  -0.499  -13.184 1.00 35.45 ? 234  LYS A N     1 
ATOM   730  C  CA    . LYS A 1 122 ? -4.484  -0.167  -14.496 1.00 36.45 ? 234  LYS A CA    1 
ATOM   731  C  C     . LYS A 1 122 ? -3.093  0.495   -14.404 1.00 34.42 ? 234  LYS A C     1 
ATOM   732  O  O     . LYS A 1 122 ? -2.212  0.181   -15.196 1.00 32.54 ? 234  LYS A O     1 
ATOM   733  C  CB    . LYS A 1 122 ? -5.494  0.716   -15.263 1.00 42.33 ? 234  LYS A CB    1 
ATOM   734  C  CG    . LYS A 1 122 ? -6.604  -0.115  -15.875 1.00 47.14 ? 234  LYS A CG    1 
ATOM   735  C  CD    . LYS A 1 122 ? -7.973  0.568   -16.039 1.00 47.37 ? 234  LYS A CD    1 
ATOM   736  C  CE    . LYS A 1 122 ? -8.992  -0.516  -16.500 1.00 46.59 ? 234  LYS A CE    1 
ATOM   737  N  NZ    . LYS A 1 122 ? -10.398 -0.153  -16.233 1.00 48.62 ? 234  LYS A NZ    1 
ATOM   738  N  N     . MET A 1 123 ? -2.901  1.385   -13.421 1.00 35.31 ? 235  MET A N     1 
ATOM   739  C  CA    . MET A 1 123 ? -1.581  1.973   -13.140 1.00 36.30 ? 235  MET A CA    1 
ATOM   740  C  C     . MET A 1 123 ? -0.556  0.866   -12.849 1.00 38.40 ? 235  MET A C     1 
ATOM   741  O  O     . MET A 1 123 ? 0.544   0.850   -13.422 1.00 39.57 ? 235  MET A O     1 
ATOM   742  C  CB    . MET A 1 123 ? -1.646  2.983   -11.959 1.00 39.39 ? 235  MET A CB    1 
ATOM   743  C  CG    . MET A 1 123 ? -2.189  4.375   -12.319 1.00 40.76 ? 235  MET A CG    1 
ATOM   744  S  SD    . MET A 1 123 ? -1.031  5.282   -13.391 1.00 44.05 ? 235  MET A SD    1 
ATOM   745  C  CE    . MET A 1 123 ? 0.313   5.582   -12.266 1.00 38.11 ? 235  MET A CE    1 
ATOM   746  N  N     . ILE A 1 124 ? -0.937  -0.082  -11.995 1.00 38.45 ? 236  ILE A N     1 
ATOM   747  C  CA    . ILE A 1 124 ? -0.106  -1.253  -11.725 1.00 34.29 ? 236  ILE A CA    1 
ATOM   748  C  C     . ILE A 1 124 ? 0.261   -2.087  -12.988 1.00 36.81 ? 236  ILE A C     1 
ATOM   749  O  O     . ILE A 1 124 ? 1.425   -2.437  -13.195 1.00 35.12 ? 236  ILE A O     1 
ATOM   750  C  CB    . ILE A 1 124 ? -0.729  -2.147  -10.594 1.00 35.76 ? 236  ILE A CB    1 
ATOM   751  C  CG1   . ILE A 1 124 ? -0.652  -1.430  -9.234  1.00 35.74 ? 236  ILE A CG1   1 
ATOM   752  C  CG2   . ILE A 1 124 ? -0.020  -3.540  -10.513 1.00 34.12 ? 236  ILE A CG2   1 
ATOM   753  C  CD1   . ILE A 1 124 ? -1.682  -1.968  -8.222  1.00 34.84 ? 236  ILE A CD1   1 
ATOM   754  N  N     . ASP A 1 125 ? -0.718  -2.389  -13.834 1.00 37.65 ? 237  ASP A N     1 
ATOM   755  C  CA    . ASP A 1 125 ? -0.444  -3.141  -15.073 1.00 37.87 ? 237  ASP A CA    1 
ATOM   756  C  C     . ASP A 1 125 ? 0.576   -2.457  -15.993 1.00 37.26 ? 237  ASP A C     1 
ATOM   757  O  O     . ASP A 1 125 ? 1.434   -3.119  -16.608 1.00 34.73 ? 237  ASP A O     1 
ATOM   758  C  CB    . ASP A 1 125 ? -1.725  -3.378  -15.869 1.00 34.18 ? 237  ASP A CB    1 
ATOM   759  C  CG    . ASP A 1 125 ? -1.525  -4.368  -16.973 1.00 37.41 ? 237  ASP A CG    1 
ATOM   760  O  OD1   . ASP A 1 125 ? -1.100  -5.495  -16.651 1.00 36.64 ? 237  ASP A OD1   1 
ATOM   761  O  OD2   . ASP A 1 125 ? -1.768  -4.018  -18.163 1.00 33.33 ? 237  ASP A OD2   1 
ATOM   762  N  N     . LYS A 1 126 ? 0.449   -1.148  -16.113 1.00 36.04 ? 238  LYS A N     1 
ATOM   763  C  CA    . LYS A 1 126 ? 1.318   -0.361  -16.982 1.00 41.48 ? 238  LYS A CA    1 
ATOM   764  C  C     . LYS A 1 126 ? 2.743   -0.228  -16.479 1.00 39.49 ? 238  LYS A C     1 
ATOM   765  O  O     . LYS A 1 126 ? 3.684   -0.289  -17.264 1.00 38.61 ? 238  LYS A O     1 
ATOM   766  C  CB    . LYS A 1 126 ? 0.737   1.038   -17.202 1.00 41.14 ? 238  LYS A CB    1 
ATOM   767  C  CG    . LYS A 1 126 ? -0.507  1.055   -18.072 1.00 51.48 ? 238  LYS A CG    1 
ATOM   768  C  CD    . LYS A 1 126 ? -1.041  2.456   -18.271 1.00 53.49 ? 238  LYS A CD    1 
ATOM   769  C  CE    . LYS A 1 126 ? -0.345  3.181   -19.384 1.00 56.08 ? 238  LYS A CE    1 
ATOM   770  N  NZ    . LYS A 1 126 ? -1.125  4.421   -19.711 1.00 57.20 ? 238  LYS A NZ    1 
ATOM   771  N  N     . TYR A 1 127 ? 2.903   -0.055  -15.166 1.00 41.57 ? 239  TYR A N     1 
ATOM   772  C  CA    . TYR A 1 127 ? 4.158   0.456   -14.636 1.00 40.29 ? 239  TYR A CA    1 
ATOM   773  C  C     . TYR A 1 127 ? 4.877   -0.411  -13.616 1.00 39.06 ? 239  TYR A C     1 
ATOM   774  O  O     . TYR A 1 127 ? 6.108   -0.329  -13.498 1.00 38.30 ? 239  TYR A O     1 
ATOM   775  C  CB    . TYR A 1 127 ? 3.922   1.838   -14.033 1.00 42.66 ? 239  TYR A CB    1 
ATOM   776  C  CG    . TYR A 1 127 ? 3.403   2.855   -15.018 1.00 43.95 ? 239  TYR A CG    1 
ATOM   777  C  CD1   . TYR A 1 127 ? 4.192   3.278   -16.099 1.00 43.37 ? 239  TYR A CD1   1 
ATOM   778  C  CD2   . TYR A 1 127 ? 2.137   3.418   -14.859 1.00 41.53 ? 239  TYR A CD2   1 
ATOM   779  C  CE1   . TYR A 1 127 ? 3.725   4.238   -16.998 1.00 44.33 ? 239  TYR A CE1   1 
ATOM   780  C  CE2   . TYR A 1 127 ? 1.663   4.383   -15.749 1.00 45.42 ? 239  TYR A CE2   1 
ATOM   781  C  CZ    . TYR A 1 127 ? 2.462   4.788   -16.815 1.00 44.50 ? 239  TYR A CZ    1 
ATOM   782  O  OH    . TYR A 1 127 ? 1.987   5.744   -17.688 1.00 44.86 ? 239  TYR A OH    1 
ATOM   783  N  N     . ALA A 1 128 ? 4.130   -1.212  -12.863 1.00 37.11 ? 240  ALA A N     1 
ATOM   784  C  CA    . ALA A 1 128 ? 4.744   -2.082  -11.855 1.00 35.80 ? 240  ALA A CA    1 
ATOM   785  C  C     . ALA A 1 128 ? 5.563   -3.193  -12.506 1.00 39.37 ? 240  ALA A C     1 
ATOM   786  O  O     . ALA A 1 128 ? 5.339   -3.545  -13.680 1.00 38.68 ? 240  ALA A O     1 
ATOM   787  C  CB    . ALA A 1 128 ? 3.675   -2.676  -10.944 1.00 33.48 ? 240  ALA A CB    1 
ATOM   788  N  N     . SER A 1 129 ? 6.509   -3.755  -11.760 1.00 34.96 ? 241  SER A N     1 
ATOM   789  C  CA    . SER A 1 129 ? 7.108   -5.031  -12.159 1.00 40.75 ? 241  SER A CA    1 
ATOM   790  C  C     . SER A 1 129 ? 6.096   -6.165  -12.106 1.00 39.38 ? 241  SER A C     1 
ATOM   791  O  O     . SER A 1 129 ? 5.219   -6.174  -11.263 1.00 35.04 ? 241  SER A O     1 
ATOM   792  C  CB    . SER A 1 129 ? 8.299   -5.375  -11.274 1.00 40.34 ? 241  SER A CB    1 
ATOM   793  O  OG    . SER A 1 129 ? 9.175   -4.266  -11.250 1.00 46.68 ? 241  SER A OG    1 
ATOM   794  N  N     . GLU A 1 130 ? 6.243   -7.127  -13.015 1.00 39.27 ? 242  GLU A N     1 
ATOM   795  C  CA    . GLU A 1 130 ? 5.427   -8.351  -13.005 1.00 43.49 ? 242  GLU A CA    1 
ATOM   796  C  C     . GLU A 1 130 ? 5.543   -9.106  -11.667 1.00 42.56 ? 242  GLU A C     1 
ATOM   797  O  O     . GLU A 1 130 ? 4.577   -9.725  -11.204 1.00 43.94 ? 242  GLU A O     1 
ATOM   798  C  CB    . GLU A 1 130 ? 5.815   -9.260  -14.199 1.00 42.37 ? 242  GLU A CB    1 
ATOM   799  N  N     A ASP A 1 131 ? 6.712   -9.011  -11.038 0.50 41.76 ? 243  ASP A N     1 
ATOM   800  N  N     B ASP A 1 131 ? 6.720   -9.026  -11.043 0.50 42.73 ? 243  ASP A N     1 
ATOM   801  C  CA    A ASP A 1 131 ? 6.968   -9.700  -9.775  0.50 41.84 ? 243  ASP A CA    1 
ATOM   802  C  CA    B ASP A 1 131 ? 6.982   -9.696  -9.758  0.50 43.55 ? 243  ASP A CA    1 
ATOM   803  C  C     A ASP A 1 131 ? 6.662   -8.879  -8.506  0.50 42.31 ? 243  ASP A C     1 
ATOM   804  C  C     B ASP A 1 131 ? 6.810   -8.809  -8.505  0.50 43.51 ? 243  ASP A C     1 
ATOM   805  O  O     A ASP A 1 131 ? 6.811   -9.388  -7.391  0.50 41.99 ? 243  ASP A O     1 
ATOM   806  O  O     B ASP A 1 131 ? 7.217   -9.196  -7.406  0.50 44.29 ? 243  ASP A O     1 
ATOM   807  C  CB    A ASP A 1 131 ? 8.408   -10.228 -9.754  0.50 42.24 ? 243  ASP A CB    1 
ATOM   808  C  CB    B ASP A 1 131 ? 8.379   -10.334 -9.767  0.50 45.32 ? 243  ASP A CB    1 
ATOM   809  C  CG    A ASP A 1 131 ? 8.687   -11.202 -10.896 0.50 42.28 ? 243  ASP A CG    1 
ATOM   810  C  CG    B ASP A 1 131 ? 9.463   -9.360  -10.182 0.50 46.35 ? 243  ASP A CG    1 
ATOM   811  O  OD1   A ASP A 1 131 ? 7.884   -12.147 -11.087 0.50 41.84 ? 243  ASP A OD1   1 
ATOM   812  O  OD1   B ASP A 1 131 ? 9.610   -8.309  -9.525  0.50 45.90 ? 243  ASP A OD1   1 
ATOM   813  O  OD2   A ASP A 1 131 ? 9.708   -11.017 -11.598 0.50 41.78 ? 243  ASP A OD2   1 
ATOM   814  O  OD2   B ASP A 1 131 ? 10.177  -9.655  -11.169 0.50 48.01 ? 243  ASP A OD2   1 
ATOM   815  N  N     . ALA A 1 132 ? 6.213   -7.631  -8.672  1.00 41.25 ? 244  ALA A N     1 
ATOM   816  C  CA    . ALA A 1 132 ? 5.812   -6.804  -7.519  1.00 41.14 ? 244  ALA A CA    1 
ATOM   817  C  C     . ALA A 1 132 ? 4.754   -7.539  -6.718  1.00 39.23 ? 244  ALA A C     1 
ATOM   818  O  O     . ALA A 1 132 ? 3.849   -8.170  -7.304  1.00 39.59 ? 244  ALA A O     1 
ATOM   819  C  CB    . ALA A 1 132 ? 5.265   -5.443  -7.958  1.00 35.85 ? 244  ALA A CB    1 
ATOM   820  N  N     . GLU A 1 133 ? 4.889   -7.486  -5.397  1.00 36.39 ? 245  GLU A N     1 
ATOM   821  C  CA    . GLU A 1 133 ? 3.875   -8.031  -4.480  1.00 38.62 ? 245  GLU A CA    1 
ATOM   822  C  C     . GLU A 1 133 ? 2.863   -6.973  -4.146  1.00 36.02 ? 245  GLU A C     1 
ATOM   823  O  O     . GLU A 1 133 ? 3.207   -5.812  -4.007  1.00 35.98 ? 245  GLU A O     1 
ATOM   824  C  CB    . GLU A 1 133 ? 4.497   -8.610  -3.197  1.00 37.73 ? 245  GLU A CB    1 
ATOM   825  C  CG    . GLU A 1 133 ? 5.249   -9.945  -3.401  1.00 43.13 ? 245  GLU A CG    1 
ATOM   826  C  CD    . GLU A 1 133 ? 4.332   -11.106 -3.842  1.00 48.42 ? 245  GLU A CD    1 
ATOM   827  O  OE1   . GLU A 1 133 ? 3.313   -11.384 -3.159  1.00 51.50 ? 245  GLU A OE1   1 
ATOM   828  O  OE2   . GLU A 1 133 ? 4.639   -11.741 -4.871  1.00 51.46 ? 245  GLU A OE2   1 
ATOM   829  N  N     . LEU A 1 134 ? 1.597   -7.369  -4.040  1.00 37.66 ? 246  LEU A N     1 
ATOM   830  C  CA    . LEU A 1 134 ? 0.535   -6.394  -3.887  1.00 38.06 ? 246  LEU A CA    1 
ATOM   831  C  C     . LEU A 1 134 ? -0.263  -6.670  -2.637  1.00 37.03 ? 246  LEU A C     1 
ATOM   832  O  O     . LEU A 1 134 ? -0.509  -7.841  -2.278  1.00 32.96 ? 246  LEU A O     1 
ATOM   833  C  CB    . LEU A 1 134 ? -0.404  -6.449  -5.093  1.00 37.99 ? 246  LEU A CB    1 
ATOM   834  C  CG    . LEU A 1 134 ? 0.135   -6.270  -6.516  1.00 40.17 ? 246  LEU A CG    1 
ATOM   835  C  CD1   . LEU A 1 134 ? -1.051  -6.204  -7.464  1.00 32.88 ? 246  LEU A CD1   1 
ATOM   836  C  CD2   . LEU A 1 134 ? 0.935   -5.004  -6.606  1.00 34.49 ? 246  LEU A CD2   1 
ATOM   837  N  N     . LEU A 1 135 ? -0.688  -5.596  -1.997  1.00 37.64 ? 247  LEU A N     1 
ATOM   838  C  CA    . LEU A 1 135 ? -1.550  -5.686  -0.830  1.00 39.94 ? 247  LEU A CA    1 
ATOM   839  C  C     . LEU A 1 135 ? -2.650  -4.615  -0.904  1.00 35.86 ? 247  LEU A C     1 
ATOM   840  O  O     . LEU A 1 135 ? -2.363  -3.439  -1.041  1.00 35.40 ? 247  LEU A O     1 
ATOM   841  C  CB    . LEU A 1 135 ? -0.731  -5.578  0.483   1.00 38.05 ? 247  LEU A CB    1 
ATOM   842  C  CG    . LEU A 1 135 ? -1.452  -5.912  1.810   1.00 41.27 ? 247  LEU A CG    1 
ATOM   843  C  CD1   . LEU A 1 135 ? -0.529  -6.630  2.802   1.00 47.21 ? 247  LEU A CD1   1 
ATOM   844  C  CD2   . LEU A 1 135 ? -1.923  -4.679  2.436   1.00 44.07 ? 247  LEU A CD2   1 
ATOM   845  N  N     . LEU A 1 136 ? -3.902  -5.054  -0.802  1.00 33.31 ? 248  LEU A N     1 
ATOM   846  C  CA    . LEU A 1 136 ? -5.051  -4.161  -0.782  1.00 32.17 ? 248  LEU A CA    1 
ATOM   847  C  C     . LEU A 1 136 ? -5.431  -3.873  0.679   1.00 35.62 ? 248  LEU A C     1 
ATOM   848  O  O     . LEU A 1 136 ? -5.549  -4.796  1.485   1.00 35.15 ? 248  LEU A O     1 
ATOM   849  C  CB    . LEU A 1 136 ? -6.246  -4.806  -1.519  1.00 31.00 ? 248  LEU A CB    1 
ATOM   850  C  CG    . LEU A 1 136 ? -7.508  -3.911  -1.612  1.00 32.67 ? 248  LEU A CG    1 
ATOM   851  C  CD1   . LEU A 1 136 ? -7.251  -2.702  -2.519  1.00 30.03 ? 248  LEU A CD1   1 
ATOM   852  C  CD2   . LEU A 1 136 ? -8.676  -4.762  -2.180  1.00 30.73 ? 248  LEU A CD2   1 
ATOM   853  N  N     . VAL A 1 137 ? -5.615  -2.597  0.996   1.00 33.25 ? 249  VAL A N     1 
ATOM   854  C  CA    . VAL A 1 137 ? -5.937  -2.161  2.346   1.00 38.27 ? 249  VAL A CA    1 
ATOM   855  C  C     . VAL A 1 137 ? -7.204  -1.352  2.370   1.00 37.79 ? 249  VAL A C     1 
ATOM   856  O  O     . VAL A 1 137 ? -7.263  -0.295  1.725   1.00 36.72 ? 249  VAL A O     1 
ATOM   857  C  CB    . VAL A 1 137 ? -4.796  -1.269  2.956   1.00 35.34 ? 249  VAL A CB    1 
ATOM   858  C  CG1   . VAL A 1 137 ? -5.158  -0.835  4.383   1.00 43.63 ? 249  VAL A CG1   1 
ATOM   859  C  CG2   . VAL A 1 137 ? -3.509  -2.078  3.008   1.00 40.82 ? 249  VAL A CG2   1 
ATOM   860  N  N     . GLY A 1 138 ? -8.205  -1.816  3.129   1.00 35.03 ? 250  GLY A N     1 
ATOM   861  C  CA    . GLY A 1 138 ? -9.344  -0.926  3.484   1.00 33.99 ? 250  GLY A CA    1 
ATOM   862  C  C     . GLY A 1 138 ? -9.051  -0.151  4.777   1.00 37.35 ? 250  GLY A C     1 
ATOM   863  O  O     . GLY A 1 138 ? -9.147  -0.718  5.866   1.00 33.76 ? 250  GLY A O     1 
ATOM   864  N  N     . ASN A 1 139 ? -8.678  1.134   4.664   1.00 35.99 ? 251  ASN A N     1 
ATOM   865  C  CA    . ASN A 1 139 ? -8.286  1.926   5.833   1.00 36.28 ? 251  ASN A CA    1 
ATOM   866  C  C     . ASN A 1 139 ? -9.515  2.621   6.464   1.00 38.16 ? 251  ASN A C     1 
ATOM   867  O  O     . ASN A 1 139 ? -10.588 2.686   5.833   1.00 36.87 ? 251  ASN A O     1 
ATOM   868  C  CB    . ASN A 1 139 ? -7.189  2.953   5.468   1.00 38.84 ? 251  ASN A CB    1 
ATOM   869  C  CG    . ASN A 1 139 ? -6.609  3.679   6.701   1.00 39.70 ? 251  ASN A CG    1 
ATOM   870  O  OD1   . ASN A 1 139 ? -6.449  3.084   7.757   1.00 39.64 ? 251  ASN A OD1   1 
ATOM   871  N  ND2   . ASN A 1 139 ? -6.337  4.978   6.562   1.00 34.95 ? 251  ASN A ND2   1 
ATOM   872  N  N     . LYS A 1 140 ? -9.331  3.133   7.691   1.00 34.91 ? 252  LYS A N     1 
ATOM   873  C  CA    . LYS A 1 140 ? -10.378 3.803   8.527   1.00 37.37 ? 252  LYS A CA    1 
ATOM   874  C  C     . LYS A 1 140 ? -11.382 2.824   9.166   1.00 35.60 ? 252  LYS A C     1 
ATOM   875  O  O     . LYS A 1 140 ? -12.548 3.142   9.339   1.00 36.99 ? 252  LYS A O     1 
ATOM   876  C  CB    . LYS A 1 140 ? -11.077 4.970   7.800   1.00 39.79 ? 252  LYS A CB    1 
ATOM   877  C  CG    . LYS A 1 140 ? -10.113 5.906   7.100   1.00 41.28 ? 252  LYS A CG    1 
ATOM   878  C  CD    . LYS A 1 140 ? -10.664 7.321   6.887   1.00 39.38 ? 252  LYS A CD    1 
ATOM   879  C  CE    . LYS A 1 140 ? -9.739  8.033   5.923   1.00 39.20 ? 252  LYS A CE    1 
ATOM   880  N  NZ    . LYS A 1 140 ? -10.300 9.273   5.309   1.00 37.97 ? 252  LYS A NZ    1 
ATOM   881  N  N     . LEU A 1 141 ? -10.883 1.643   9.532   1.00 39.01 ? 253  LEU A N     1 
ATOM   882  C  CA    . LEU A 1 141 ? -11.642 0.624   10.281  1.00 40.43 ? 253  LEU A CA    1 
ATOM   883  C  C     . LEU A 1 141 ? -12.251 1.148   11.584  1.00 39.87 ? 253  LEU A C     1 
ATOM   884  O  O     . LEU A 1 141 ? -13.284 0.634   12.035  1.00 40.79 ? 253  LEU A O     1 
ATOM   885  C  CB    . LEU A 1 141 ? -10.751 -0.590  10.608  1.00 38.69 ? 253  LEU A CB    1 
ATOM   886  C  CG    . LEU A 1 141 ? -11.468 -1.844  11.138  1.00 40.04 ? 253  LEU A CG    1 
ATOM   887  C  CD1   . LEU A 1 141 ? -12.622 -2.255  10.226  1.00 40.05 ? 253  LEU A CD1   1 
ATOM   888  C  CD2   . LEU A 1 141 ? -10.506 -3.010  11.339  1.00 40.30 ? 253  LEU A CD2   1 
ATOM   889  N  N     . ASP A 1 142 ? -11.615 2.155   12.186  1.00 37.61 ? 254  ASP A N     1 
ATOM   890  C  CA    . ASP A 1 142 ? -12.160 2.808   13.395  1.00 39.93 ? 254  ASP A CA    1 
ATOM   891  C  C     . ASP A 1 142 ? -13.503 3.523   13.124  1.00 43.27 ? 254  ASP A C     1 
ATOM   892  O  O     . ASP A 1 142 ? -14.297 3.782   14.068  1.00 41.49 ? 254  ASP A O     1 
ATOM   893  C  CB    . ASP A 1 142 ? -11.154 3.809   13.963  1.00 40.83 ? 254  ASP A CB    1 
ATOM   894  C  CG    . ASP A 1 142 ? -10.775 4.896   12.959  1.00 43.77 ? 254  ASP A CG    1 
ATOM   895  O  OD1   . ASP A 1 142 ? -10.151 4.560   11.934  1.00 44.98 ? 254  ASP A OD1   1 
ATOM   896  O  OD2   . ASP A 1 142 ? -11.109 6.085   13.192  1.00 42.72 ? 254  ASP A OD2   1 
ATOM   897  N  N     . CYS A 1 143 ? -13.737 3.857   11.847  1.00 42.03 ? 255  CYS A N     1 
ATOM   898  C  CA    . CYS A 1 143 ? -14.967 4.544   11.413  1.00 44.46 ? 255  CYS A CA    1 
ATOM   899  C  C     . CYS A 1 143 ? -16.007 3.557   10.904  1.00 45.50 ? 255  CYS A C     1 
ATOM   900  O  O     . CYS A 1 143 ? -16.752 3.848   9.967   1.00 46.06 ? 255  CYS A O     1 
ATOM   901  C  CB    . CYS A 1 143 ? -14.663 5.555   10.304  1.00 45.61 ? 255  CYS A CB    1 
ATOM   902  S  SG    . CYS A 1 143 ? -13.464 6.822   10.719  1.00 50.63 ? 255  CYS A SG    1 
ATOM   903  N  N     . GLU A 1 144 ? -16.045 2.397   11.538  1.00 46.98 ? 256  GLU A N     1 
ATOM   904  C  CA    . GLU A 1 144 ? -16.950 1.307   11.209  1.00 51.24 ? 256  GLU A CA    1 
ATOM   905  C  C     . GLU A 1 144 ? -18.437 1.703   11.063  1.00 52.54 ? 256  GLU A C     1 
ATOM   906  O  O     . GLU A 1 144 ? -19.159 1.087   10.264  1.00 55.49 ? 256  GLU A O     1 
ATOM   907  C  CB    . GLU A 1 144 ? -16.778 0.187   12.252  1.00 53.83 ? 256  GLU A CB    1 
ATOM   908  C  CG    . GLU A 1 144 ? -17.697 -1.013  12.115  1.00 56.82 ? 256  GLU A CG    1 
ATOM   909  C  CD    . GLU A 1 144 ? -17.380 -1.875  10.908  1.00 58.40 ? 256  GLU A CD    1 
ATOM   910  O  OE1   . GLU A 1 144 ? -16.208 -2.274  10.746  1.00 59.08 ? 256  GLU A OE1   1 
ATOM   911  O  OE2   . GLU A 1 144 ? -18.322 -2.163  10.128  1.00 58.59 ? 256  GLU A OE2   1 
ATOM   912  N  N     . THR A 1 145 ? -18.894 2.717   11.808  1.00 50.98 ? 257  THR A N     1 
ATOM   913  C  CA    . THR A 1 145 ? -20.306 3.128   11.721  1.00 51.12 ? 257  THR A CA    1 
ATOM   914  C  C     . THR A 1 145 ? -20.621 3.854   10.410  1.00 48.29 ? 257  THR A C     1 
ATOM   915  O  O     . THR A 1 145 ? -21.763 3.871   9.960   1.00 50.62 ? 257  THR A O     1 
ATOM   916  C  CB    . THR A 1 145 ? -20.794 3.967   12.951  1.00 50.75 ? 257  THR A CB    1 
ATOM   917  O  OG1   . THR A 1 145 ? -19.968 5.123   13.125  1.00 49.79 ? 257  THR A OG1   1 
ATOM   918  C  CG2   . THR A 1 145 ? -20.762 3.129   14.209  1.00 54.11 ? 257  THR A CG2   1 
ATOM   919  N  N     . ASP A 1 146 ? -19.592 4.444   9.808   1.00 45.68 ? 258  ASP A N     1 
ATOM   920  C  CA    . ASP A 1 146 ? -19.711 5.126   8.528   1.00 43.86 ? 258  ASP A CA    1 
ATOM   921  C  C     . ASP A 1 146 ? -19.330 4.243   7.336   1.00 40.24 ? 258  ASP A C     1 
ATOM   922  O  O     . ASP A 1 146 ? -19.198 4.736   6.227   1.00 37.29 ? 258  ASP A O     1 
ATOM   923  C  CB    . ASP A 1 146 ? -18.879 6.420   8.540   1.00 44.83 ? 258  ASP A CB    1 
ATOM   924  C  CG    . ASP A 1 146 ? -19.402 7.434   9.547   1.00 46.39 ? 258  ASP A CG    1 
ATOM   925  O  OD1   . ASP A 1 146 ? -20.638 7.615   9.619   1.00 47.66 ? 258  ASP A OD1   1 
ATOM   926  O  OD2   . ASP A 1 146 ? -18.580 8.041   10.274  1.00 49.01 ? 258  ASP A OD2   1 
ATOM   927  N  N     . ARG A 1 147 ? -19.147 2.944   7.579   1.00 42.11 ? 259  ARG A N     1 
ATOM   928  C  CA    . ARG A 1 147 ? -18.738 1.984   6.532   1.00 42.23 ? 259  ARG A CA    1 
ATOM   929  C  C     . ARG A 1 147 ? -19.669 2.038   5.299   1.00 43.52 ? 259  ARG A C     1 
ATOM   930  O  O     . ARG A 1 147 ? -20.889 1.878   5.418   1.00 42.42 ? 259  ARG A O     1 
ATOM   931  C  CB    . ARG A 1 147 ? -18.682 0.569   7.111   1.00 42.97 ? 259  ARG A CB    1 
ATOM   932  C  CG    . ARG A 1 147 ? -18.250 -0.494  6.138   1.00 44.96 ? 259  ARG A CG    1 
ATOM   933  C  CD    . ARG A 1 147 ? -18.432 -1.894  6.700   1.00 43.45 ? 259  ARG A CD    1 
ATOM   934  N  NE    . ARG A 1 147 ? -17.386 -2.290  7.654   1.00 46.70 ? 259  ARG A NE    1 
ATOM   935  C  CZ    . ARG A 1 147 ? -16.184 -2.760  7.315   1.00 44.83 ? 259  ARG A CZ    1 
ATOM   936  N  NH1   . ARG A 1 147 ? -15.831 -2.864  6.035   1.00 46.62 ? 259  ARG A NH1   1 
ATOM   937  N  NH2   . ARG A 1 147 ? -15.325 -3.101  8.251   1.00 43.43 ? 259  ARG A NH2   1 
ATOM   938  N  N     . GLU A 1 148 ? -19.071 2.301   4.136   1.00 41.23 ? 260  GLU A N     1 
ATOM   939  C  CA    . GLU A 1 148 ? -19.759 2.273   2.855   1.00 42.67 ? 260  GLU A CA    1 
ATOM   940  C  C     . GLU A 1 148 ? -19.438 1.003   2.050   1.00 41.37 ? 260  GLU A C     1 
ATOM   941  O  O     . GLU A 1 148 ? -20.249 0.564   1.254   1.00 42.44 ? 260  GLU A O     1 
ATOM   942  C  CB    . GLU A 1 148 ? -19.436 3.533   2.046   1.00 42.52 ? 260  GLU A CB    1 
ATOM   943  C  CG    . GLU A 1 148 ? -20.098 4.796   2.622   1.00 45.38 ? 260  GLU A CG    1 
ATOM   944  C  CD    . GLU A 1 148 ? -19.935 6.044   1.752   1.00 45.02 ? 260  GLU A CD    1 
ATOM   945  O  OE1   . GLU A 1 148 ? -19.298 5.964   0.670   1.00 41.86 ? 260  GLU A OE1   1 
ATOM   946  O  OE2   . GLU A 1 148 ? -20.443 7.114   2.173   1.00 44.96 ? 260  GLU A OE2   1 
ATOM   947  N  N     . ILE A 1 149 ? -18.262 0.415   2.284   1.00 38.32 ? 261  ILE A N     1 
ATOM   948  C  CA    . ILE A 1 149 ? -17.805 -0.786  1.564   1.00 38.31 ? 261  ILE A CA    1 
ATOM   949  C  C     . ILE A 1 149 ? -17.622 -1.960  2.561   1.00 36.14 ? 261  ILE A C     1 
ATOM   950  O  O     . ILE A 1 149 ? -16.970 -1.799  3.560   1.00 35.37 ? 261  ILE A O     1 
ATOM   951  C  CB    . ILE A 1 149 ? -16.428 -0.514  0.858   1.00 40.30 ? 261  ILE A CB    1 
ATOM   952  C  CG1   . ILE A 1 149 ? -16.531 0.640   -0.162  1.00 39.64 ? 261  ILE A CG1   1 
ATOM   953  C  CG2   . ILE A 1 149 ? -15.790 -1.814  0.288   1.00 36.36 ? 261  ILE A CG2   1 
ATOM   954  C  CD1   . ILE A 1 149 ? -17.590 0.448   -1.311  1.00 42.79 ? 261  ILE A CD1   1 
ATOM   955  N  N     . THR A 1 150 ? -18.177 -3.131  2.267   1.00 36.33 ? 262  THR A N     1 
ATOM   956  C  CA    . THR A 1 150 ? -18.060 -4.264  3.198   1.00 37.80 ? 262  THR A CA    1 
ATOM   957  C  C     . THR A 1 150 ? -16.695 -4.951  3.102   1.00 39.56 ? 262  THR A C     1 
ATOM   958  O  O     . THR A 1 150 ? -15.941 -4.738  2.148   1.00 37.47 ? 262  THR A O     1 
ATOM   959  C  CB    . THR A 1 150 ? -19.181 -5.314  3.019   1.00 37.42 ? 262  THR A CB    1 
ATOM   960  O  OG1   . THR A 1 150 ? -18.850 -6.186  1.933   1.00 38.04 ? 262  THR A OG1   1 
ATOM   961  C  CG2   . THR A 1 150 ? -20.571 -4.640  2.782   1.00 40.22 ? 262  THR A CG2   1 
ATOM   962  N  N     . ARG A 1 151 ? -16.387 -5.774  4.099   1.00 39.09 ? 263  ARG A N     1 
ATOM   963  C  CA    . ARG A 1 151 ? -15.113 -6.488  4.138   1.00 39.93 ? 263  ARG A CA    1 
ATOM   964  C  C     . ARG A 1 151 ? -15.085 -7.517  2.994   1.00 39.45 ? 263  ARG A C     1 
ATOM   965  O  O     . ARG A 1 151 ? -14.053 -7.723  2.357   1.00 36.10 ? 263  ARG A O     1 
ATOM   966  C  CB    . ARG A 1 151 ? -14.914 -7.148  5.497   1.00 40.33 ? 263  ARG A CB    1 
ATOM   967  C  CG    . ARG A 1 151 ? -13.491 -7.583  5.753   1.00 41.88 ? 263  ARG A CG    1 
ATOM   968  C  CD    . ARG A 1 151 ? -13.398 -8.767  6.697   1.00 48.24 ? 263  ARG A CD    1 
ATOM   969  N  NE    . ARG A 1 151 ? -12.198 -9.540  6.359   1.00 52.73 ? 263  ARG A NE    1 
ATOM   970  C  CZ    . ARG A 1 151 ? -10.948 -9.199  6.676   1.00 54.49 ? 263  ARG A CZ    1 
ATOM   971  N  NH1   . ARG A 1 151 ? -10.708 -8.099  7.393   1.00 54.46 ? 263  ARG A NH1   1 
ATOM   972  N  NH2   . ARG A 1 151 ? -9.932  -9.976  6.284   1.00 53.54 ? 263  ARG A NH2   1 
ATOM   973  N  N     . GLN A 1 152 ? -16.251 -8.093  2.688   1.00 39.60 ? 264  GLN A N     1 
ATOM   974  C  CA    A GLN A 1 152 ? -16.371 -9.106  1.638   0.50 38.52 ? 264  GLN A CA    1 
ATOM   975  C  CA    B GLN A 1 152 ? -16.359 -9.105  1.640   0.50 39.06 ? 264  GLN A CA    1 
ATOM   976  C  C     . GLN A 1 152 ? -16.054 -8.507  0.277   1.00 38.59 ? 264  GLN A C     1 
ATOM   977  O  O     . GLN A 1 152 ? -15.404 -9.151  -0.555  1.00 38.58 ? 264  GLN A O     1 
ATOM   978  C  CB    A GLN A 1 152 ? -17.763 -9.739  1.645   0.50 39.21 ? 264  GLN A CB    1 
ATOM   979  C  CB    B GLN A 1 152 ? -17.735 -9.768  1.658   0.50 40.38 ? 264  GLN A CB    1 
ATOM   980  C  CG    A GLN A 1 152 ? -17.909 -10.958 0.737   0.50 38.31 ? 264  GLN A CG    1 
ATOM   981  C  CG    B GLN A 1 152 ? -17.961 -10.688 2.850   0.50 41.29 ? 264  GLN A CG    1 
ATOM   982  N  N     . GLN A 1 153 ? -16.518 -7.274  0.062   1.00 35.93 ? 265  GLN A N     1 
ATOM   983  C  CA    . GLN A 1 153 ? -16.221 -6.516  -1.140  1.00 37.27 ? 265  GLN A CA    1 
ATOM   984  C  C     . GLN A 1 153 ? -14.714 -6.369  -1.313  1.00 35.16 ? 265  GLN A C     1 
ATOM   985  O  O     . GLN A 1 153 ? -14.191 -6.660  -2.372  1.00 34.94 ? 265  GLN A O     1 
ATOM   986  C  CB    . GLN A 1 153 ? -16.860 -5.133  -1.069  1.00 37.79 ? 265  GLN A CB    1 
ATOM   987  C  CG    . GLN A 1 153 ? -18.369 -5.142  -1.287  1.00 38.83 ? 265  GLN A CG    1 
ATOM   988  C  CD    . GLN A 1 153 ? -18.946 -3.758  -1.330  1.00 38.27 ? 265  GLN A CD    1 
ATOM   989  O  OE1   . GLN A 1 153 ? -19.238 -3.169  -0.301  1.00 39.73 ? 265  GLN A OE1   1 
ATOM   990  N  NE2   . GLN A 1 153 ? -19.122 -3.235  -2.525  1.00 36.94 ? 265  GLN A NE2   1 
ATOM   991  N  N     . GLY A 1 154 ? -14.015 -5.947  -0.257  1.00 33.87 ? 266  GLY A N     1 
ATOM   992  C  CA    . GLY A 1 154 ? -12.558 -5.836  -0.316  1.00 34.01 ? 266  GLY A CA    1 
ATOM   993  C  C     . GLY A 1 154 ? -11.884 -7.170  -0.542  1.00 35.27 ? 266  GLY A C     1 
ATOM   994  O  O     . GLY A 1 154 ? -10.929 -7.279  -1.327  1.00 34.52 ? 266  GLY A O     1 
ATOM   995  N  N     . GLU A 1 155 ? -12.375 -8.200  0.158   1.00 34.71 ? 267  GLU A N     1 
ATOM   996  C  CA    . GLU A 1 155 ? -11.820 -9.561  0.024   1.00 35.29 ? 267  GLU A CA    1 
ATOM   997  C  C     . GLU A 1 155 ? -12.037 -10.121 -1.386  1.00 33.43 ? 267  GLU A C     1 
ATOM   998  O  O     . GLU A 1 155 ? -11.143 -10.700 -1.973  1.00 34.12 ? 267  GLU A O     1 
ATOM   999  C  CB    . GLU A 1 155 ? -12.467 -10.515 1.036   1.00 36.13 ? 267  GLU A CB    1 
ATOM   1000 C  CG    . GLU A 1 155 ? -12.155 -10.186 2.489   1.00 39.11 ? 267  GLU A CG    1 
ATOM   1001 C  CD    . GLU A 1 155 ? -12.811 -11.152 3.472   1.00 44.03 ? 267  GLU A CD    1 
ATOM   1002 O  OE1   . GLU A 1 155 ? -13.720 -11.920 3.072   1.00 48.17 ? 267  GLU A OE1   1 
ATOM   1003 O  OE2   . GLU A 1 155 ? -12.396 -11.162 4.652   1.00 46.43 ? 267  GLU A OE2   1 
ATOM   1004 N  N     . LYS A 1 156 ? -13.236 -9.947  -1.915  1.00 33.14 ? 268  LYS A N     1 
ATOM   1005 C  CA    . LYS A 1 156 ? -13.534 -10.416 -3.231  1.00 33.77 ? 268  LYS A CA    1 
ATOM   1006 C  C     . LYS A 1 156 ? -12.704 -9.675  -4.290  1.00 34.28 ? 268  LYS A C     1 
ATOM   1007 O  O     . LYS A 1 156 ? -12.242 -10.287 -5.264  1.00 36.21 ? 268  LYS A O     1 
ATOM   1008 C  CB    . LYS A 1 156 ? -15.019 -10.258 -3.523  1.00 36.81 ? 268  LYS A CB    1 
ATOM   1009 C  CG    . LYS A 1 156 ? -15.929 -11.252 -2.801  1.00 44.32 ? 268  LYS A CG    1 
ATOM   1010 N  N     . PHE A 1 157 ? -12.523 -8.369  -4.113  1.00 34.88 ? 269  PHE A N     1 
ATOM   1011 C  CA    . PHE A 1 157 ? -11.677 -7.605  -5.041  1.00 36.27 ? 269  PHE A CA    1 
ATOM   1012 C  C     . PHE A 1 157 ? -10.264 -8.177  -5.083  1.00 35.27 ? 269  PHE A C     1 
ATOM   1013 O  O     . PHE A 1 157 ? -9.730  -8.417  -6.157  1.00 34.47 ? 269  PHE A O     1 
ATOM   1014 C  CB    . PHE A 1 157 ? -11.615 -6.108  -4.685  1.00 35.08 ? 269  PHE A CB    1 
ATOM   1015 C  CG    . PHE A 1 157 ? -11.037 -5.254  -5.793  1.00 34.85 ? 269  PHE A CG    1 
ATOM   1016 C  CD1   . PHE A 1 157 ? -11.870 -4.728  -6.768  1.00 34.45 ? 269  PHE A CD1   1 
ATOM   1017 C  CD2   . PHE A 1 157 ? -9.658  -5.048  -5.902  1.00 33.96 ? 269  PHE A CD2   1 
ATOM   1018 C  CE1   . PHE A 1 157 ? -11.351 -3.954  -7.826  1.00 36.48 ? 269  PHE A CE1   1 
ATOM   1019 C  CE2   . PHE A 1 157 ? -9.129  -4.277  -6.958  1.00 34.47 ? 269  PHE A CE2   1 
ATOM   1020 C  CZ    . PHE A 1 157 ? -9.990  -3.733  -7.910  1.00 36.07 ? 269  PHE A CZ    1 
ATOM   1021 N  N     . ALA A 1 158 ? -9.646  -8.366  -3.906  1.00 37.48 ? 270  ALA A N     1 
ATOM   1022 C  CA    . ALA A 1 158 ? -8.266  -8.860  -3.851  1.00 36.45 ? 270  ALA A CA    1 
ATOM   1023 C  C     . ALA A 1 158 ? -8.160  -10.247 -4.451  1.00 36.35 ? 270  ALA A C     1 
ATOM   1024 O  O     . ALA A 1 158 ? -7.178  -10.554 -5.138  1.00 36.43 ? 270  ALA A O     1 
ATOM   1025 C  CB    . ALA A 1 158 ? -7.732  -8.855  -2.419  1.00 37.46 ? 270  ALA A CB    1 
ATOM   1026 N  N     . GLN A 1 159 ? -9.193  -11.070 -4.203  1.00 35.64 ? 271  GLN A N     1 
ATOM   1027 C  CA    . GLN A 1 159 ? -9.232  -12.485 -4.600  1.00 37.95 ? 271  GLN A CA    1 
ATOM   1028 C  C     . GLN A 1 159 ? -9.179  -12.649 -6.141  1.00 36.22 ? 271  GLN A C     1 
ATOM   1029 O  O     . GLN A 1 159 ? -8.602  -13.632 -6.646  1.00 30.49 ? 271  GLN A O     1 
ATOM   1030 C  CB    . GLN A 1 159 ? -10.487 -13.157 -4.011  1.00 38.97 ? 271  GLN A CB    1 
ATOM   1031 C  CG    . GLN A 1 159 ? -10.602 -14.666 -4.256  1.00 43.20 ? 271  GLN A CG    1 
ATOM   1032 C  CD    . GLN A 1 159 ? -11.861 -15.260 -3.636  1.00 45.35 ? 271  GLN A CD    1 
ATOM   1033 N  N     . GLN A 1 160 ? -9.758  -11.668 -6.855  1.00 35.12 ? 272  GLN A N     1 
ATOM   1034 C  CA    . GLN A 1 160 ? -9.776  -11.599 -8.330  1.00 38.27 ? 272  GLN A CA    1 
ATOM   1035 C  C     . GLN A 1 160 ? -8.355  -11.370 -8.895  1.00 36.22 ? 272  GLN A C     1 
ATOM   1036 O  O     . GLN A 1 160 ? -8.102  -11.670 -10.047 1.00 35.71 ? 272  GLN A O     1 
ATOM   1037 C  CB    . GLN A 1 160 ? -10.645 -10.417 -8.818  1.00 42.43 ? 272  GLN A CB    1 
ATOM   1038 C  CG    . GLN A 1 160 ? -12.166 -10.421 -8.587  1.00 43.51 ? 272  GLN A CG    1 
ATOM   1039 C  CD    . GLN A 1 160 ? -12.858 -9.124  -9.174  1.00 45.67 ? 272  GLN A CD    1 
ATOM   1040 O  OE1   . GLN A 1 160 ? -12.696 -8.001  -8.652  1.00 46.48 ? 272  GLN A OE1   1 
ATOM   1041 N  NE2   . GLN A 1 160 ? -13.609 -9.300  -10.253 1.00 47.72 ? 272  GLN A NE2   1 
ATOM   1042 N  N     . ILE A 1 161 ? -7.460  -10.790 -8.090  1.00 33.35 ? 273  ILE A N     1 
ATOM   1043 C  CA    . ILE A 1 161 ? -6.074  -10.495 -8.513  1.00 36.88 ? 273  ILE A CA    1 
ATOM   1044 C  C     . ILE A 1 161 ? -5.096  -11.499 -7.912  1.00 35.10 ? 273  ILE A C     1 
ATOM   1045 O  O     . ILE A 1 161 ? -4.907  -11.516 -6.713  1.00 34.24 ? 273  ILE A O     1 
ATOM   1046 C  CB    . ILE A 1 161 ? -5.612  -9.052  -8.112  1.00 34.48 ? 273  ILE A CB    1 
ATOM   1047 C  CG1   . ILE A 1 161 ? -6.690  -8.002  -8.425  1.00 38.19 ? 273  ILE A CG1   1 
ATOM   1048 C  CG2   . ILE A 1 161 ? -4.292  -8.672  -8.800  1.00 33.70 ? 273  ILE A CG2   1 
ATOM   1049 C  CD1   . ILE A 1 161 ? -7.057  -7.937  -9.844  1.00 34.79 ? 273  ILE A CD1   1 
ATOM   1050 N  N     . THR A 1 162 ? -4.463  -12.310 -8.757  1.00 36.39 ? 274  THR A N     1 
ATOM   1051 C  CA    . THR A 1 162 ? -3.660  -13.456 -8.289  1.00 34.81 ? 274  THR A CA    1 
ATOM   1052 C  C     . THR A 1 162 ? -2.493  -13.001 -7.438  1.00 36.79 ? 274  THR A C     1 
ATOM   1053 O  O     . THR A 1 162 ? -1.637  -12.222 -7.895  1.00 38.05 ? 274  THR A O     1 
ATOM   1054 C  CB    . THR A 1 162 ? -3.156  -14.349 -9.461  1.00 36.25 ? 274  THR A CB    1 
ATOM   1055 O  OG1   . THR A 1 162 ? -4.196  -14.493 -10.428 1.00 39.53 ? 274  THR A OG1   1 
ATOM   1056 C  CG2   . THR A 1 162 ? -2.769  -15.767 -8.938  1.00 39.95 ? 274  THR A CG2   1 
ATOM   1057 N  N     . GLY A 1 163 ? -2.467  -13.466 -6.191  1.00 37.63 ? 275  GLY A N     1 
ATOM   1058 C  CA    . GLY A 1 163 ? -1.404  -13.090 -5.255  1.00 38.38 ? 275  GLY A CA    1 
ATOM   1059 C  C     . GLY A 1 163 ? -1.657  -11.881 -4.371  1.00 38.84 ? 275  GLY A C     1 
ATOM   1060 O  O     . GLY A 1 163 ? -0.885  -11.611 -3.452  1.00 38.39 ? 275  GLY A O     1 
ATOM   1061 N  N     . MET A 1 164 ? -2.724  -11.131 -4.640  1.00 37.57 ? 276  MET A N     1 
ATOM   1062 C  CA    . MET A 1 164 ? -2.921  -9.873  -3.910  1.00 36.55 ? 276  MET A CA    1 
ATOM   1063 C  C     . MET A 1 164 ? -3.490  -10.184 -2.510  1.00 40.21 ? 276  MET A C     1 
ATOM   1064 O  O     . MET A 1 164 ? -4.494  -10.890 -2.383  1.00 37.07 ? 276  MET A O     1 
ATOM   1065 C  CB    . MET A 1 164 ? -3.829  -8.918  -4.684  1.00 35.41 ? 276  MET A CB    1 
ATOM   1066 C  CG    . MET A 1 164 ? -4.273  -7.647  -3.876  1.00 36.16 ? 276  MET A CG    1 
ATOM   1067 S  SD    . MET A 1 164 ? -5.291  -6.571  -4.896  1.00 39.81 ? 276  MET A SD    1 
ATOM   1068 C  CE    . MET A 1 164 ? -4.150  -5.271  -5.167  1.00 40.14 ? 276  MET A CE    1 
ATOM   1069 N  N     . ARG A 1 165 ? -2.820  -9.688  -1.478  1.00 35.91 ? 277  ARG A N     1 
ATOM   1070 C  CA    . ARG A 1 165 ? -3.294  -9.837  -0.110  1.00 40.73 ? 277  ARG A CA    1 
ATOM   1071 C  C     . ARG A 1 165 ? -4.332  -8.748  0.227   1.00 40.10 ? 277  ARG A C     1 
ATOM   1072 O  O     . ARG A 1 165 ? -4.395  -7.717  -0.465  1.00 38.66 ? 277  ARG A O     1 
ATOM   1073 C  CB    . ARG A 1 165 ? -2.117  -9.732  0.856   1.00 43.51 ? 277  ARG A CB    1 
ATOM   1074 C  CG    . ARG A 1 165 ? -2.398  -10.327 2.237   1.00 51.52 ? 277  ARG A CG    1 
ATOM   1075 C  CD    . ARG A 1 165 ? -1.092  -10.524 3.056   1.00 51.93 ? 277  ARG A CD    1 
ATOM   1076 N  NE    . ARG A 1 165 ? -0.279  -11.633 2.568   1.00 54.04 ? 277  ARG A NE    1 
ATOM   1077 C  CZ    . ARG A 1 165 ? -0.428  -12.902 2.946   1.00 59.03 ? 277  ARG A CZ    1 
ATOM   1078 N  NH1   . ARG A 1 165 ? -1.385  -13.232 3.808   1.00 60.86 ? 277  ARG A NH1   1 
ATOM   1079 N  NH2   . ARG A 1 165 ? 0.370   -13.853 2.446   1.00 59.36 ? 277  ARG A NH2   1 
ATOM   1080 N  N     . PHE A 1 166 ? -5.139  -8.970  1.285   1.00 37.40 ? 278  PHE A N     1 
ATOM   1081 C  CA    . PHE A 1 166 ? -6.089  -7.949  1.734   1.00 38.54 ? 278  PHE A CA    1 
ATOM   1082 C  C     . PHE A 1 166 ? -6.147  -7.880  3.227   1.00 37.53 ? 278  PHE A C     1 
ATOM   1083 O  O     . PHE A 1 166 ? -6.078  -8.906  3.879   1.00 33.93 ? 278  PHE A O     1 
ATOM   1084 C  CB    . PHE A 1 166 ? -7.486  -8.258  1.206   1.00 35.60 ? 278  PHE A CB    1 
ATOM   1085 C  CG    . PHE A 1 166 ? -8.563  -7.399  1.789   1.00 34.88 ? 278  PHE A CG    1 
ATOM   1086 C  CD1   . PHE A 1 166 ? -8.713  -6.063  1.406   1.00 31.86 ? 278  PHE A CD1   1 
ATOM   1087 C  CD2   . PHE A 1 166 ? -9.448  -7.925  2.706   1.00 35.80 ? 278  PHE A CD2   1 
ATOM   1088 C  CE1   . PHE A 1 166 ? -9.708  -5.303  1.934   1.00 32.67 ? 278  PHE A CE1   1 
ATOM   1089 C  CE2   . PHE A 1 166 ? -10.463 -7.136  3.237   1.00 39.08 ? 278  PHE A CE2   1 
ATOM   1090 C  CZ    . PHE A 1 166 ? -10.587 -5.829  2.843   1.00 33.08 ? 278  PHE A CZ    1 
ATOM   1091 N  N     . CYS A 1 167 ? -6.292  -6.668  3.763   1.00 33.20 ? 279  CYS A N     1 
ATOM   1092 C  CA    . CYS A 1 167 ? -6.790  -6.504  5.146   1.00 34.87 ? 279  CYS A CA    1 
ATOM   1093 C  C     . CYS A 1 167 ? -7.409  -5.179  5.367   1.00 38.45 ? 279  CYS A C     1 
ATOM   1094 O  O     . CYS A 1 167 ? -7.314  -4.293  4.528   1.00 36.15 ? 279  CYS A O     1 
ATOM   1095 C  CB    . CYS A 1 167 ? -5.676  -6.657  6.150   1.00 43.14 ? 279  CYS A CB    1 
ATOM   1096 S  SG    . CYS A 1 167 ? -4.593  -5.341  6.032   1.00 51.56 ? 279  CYS A SG    1 
ATOM   1097 N  N     . GLU A 1 168 ? -8.054  -5.024  6.518   1.00 37.84 ? 280  GLU A N     1 
ATOM   1098 C  CA    . GLU A 1 168 ? -8.573  -3.721  6.883   1.00 38.80 ? 280  GLU A CA    1 
ATOM   1099 C  C     . GLU A 1 168 ? -7.663  -3.190  7.988   1.00 40.63 ? 280  GLU A C     1 
ATOM   1100 O  O     . GLU A 1 168 ? -7.026  -3.964  8.695   1.00 36.62 ? 280  GLU A O     1 
ATOM   1101 C  CB    . GLU A 1 168 ? -10.044 -3.827  7.282   1.00 37.93 ? 280  GLU A CB    1 
ATOM   1102 C  CG    . GLU A 1 168 ? -10.974 -4.067  6.040   1.00 39.55 ? 280  GLU A CG    1 
ATOM   1103 C  CD    . GLU A 1 168 ? -12.471 -4.044  6.339   1.00 40.12 ? 280  GLU A CD    1 
ATOM   1104 O  OE1   . GLU A 1 168 ? -12.866 -4.407  7.445   1.00 41.40 ? 280  GLU A OE1   1 
ATOM   1105 O  OE2   . GLU A 1 168 ? -13.272 -3.688  5.443   1.00 38.25 ? 280  GLU A OE2   1 
ATOM   1106 N  N     . ALA A 1 169 ? -7.570  -1.875  8.093   1.00 37.65 ? 281  ALA A N     1 
ATOM   1107 C  CA    . ALA A 1 169 ? -6.643  -1.231  9.025   1.00 38.49 ? 281  ALA A CA    1 
ATOM   1108 C  C     . ALA A 1 169 ? -7.225  0.077   9.486   1.00 35.78 ? 281  ALA A C     1 
ATOM   1109 O  O     . ALA A 1 169 ? -8.120  0.586   8.864   1.00 33.18 ? 281  ALA A O     1 
ATOM   1110 C  CB    . ALA A 1 169 ? -5.305  -0.971  8.335   1.00 41.22 ? 281  ALA A CB    1 
ATOM   1111 N  N     . SER A 1 170 ? -6.686  0.601   10.588  1.00 37.97 ? 282  SER A N     1 
ATOM   1112 C  CA    . SER A 1 170 ? -6.936  1.946   11.050  1.00 38.24 ? 282  SER A CA    1 
ATOM   1113 C  C     . SER A 1 170 ? -5.620  2.625   11.434  1.00 38.31 ? 282  SER A C     1 
ATOM   1114 O  O     . SER A 1 170 ? -5.032  2.315   12.460  1.00 36.41 ? 282  SER A O     1 
ATOM   1115 C  CB    . SER A 1 170 ? -7.872  1.954   12.266  1.00 35.53 ? 282  SER A CB    1 
ATOM   1116 O  OG    . SER A 1 170 ? -7.975  3.251   12.819  1.00 36.96 ? 282  SER A OG    1 
ATOM   1117 N  N     . ALA A 1 171 ? -5.194  3.590   10.624  1.00 38.58 ? 283  ALA A N     1 
ATOM   1118 C  CA    . ALA A 1 171 ? -4.032  4.422   10.967  1.00 39.49 ? 283  ALA A CA    1 
ATOM   1119 C  C     . ALA A 1 171 ? -4.264  5.139   12.282  1.00 40.31 ? 283  ALA A C     1 
ATOM   1120 O  O     . ALA A 1 171 ? -3.367  5.222   13.136  1.00 42.91 ? 283  ALA A O     1 
ATOM   1121 C  CB    . ALA A 1 171 ? -3.753  5.430   9.848   1.00 38.99 ? 283  ALA A CB    1 
ATOM   1122 N  N     . LYS A 1 172 ? -5.483  5.636   12.454  1.00 40.81 ? 284  LYS A N     1 
ATOM   1123 C  CA    . LYS A 1 172 ? -5.870  6.361   13.671  1.00 37.03 ? 284  LYS A CA    1 
ATOM   1124 C  C     . LYS A 1 172 ? -5.757  5.501   14.943  1.00 39.31 ? 284  LYS A C     1 
ATOM   1125 O  O     . LYS A 1 172 ? -5.144  5.929   15.946  1.00 34.03 ? 284  LYS A O     1 
ATOM   1126 C  CB    . LYS A 1 172 ? -7.283  6.919   13.484  1.00 37.47 ? 284  LYS A CB    1 
ATOM   1127 C  CG    . LYS A 1 172 ? -7.794  7.825   14.624  1.00 37.13 ? 284  LYS A CG    1 
ATOM   1128 C  CD    . LYS A 1 172 ? -9.155  8.348   14.269  1.00 39.58 ? 284  LYS A CD    1 
ATOM   1129 N  N     . ASP A 1 173 ? -6.320  4.286   14.900  1.00 37.29 ? 285  ASP A N     1 
ATOM   1130 C  CA    . ASP A 1 173 ? -6.290  3.389   16.068  1.00 37.53 ? 285  ASP A CA    1 
ATOM   1131 C  C     . ASP A 1 173 ? -5.061  2.454   16.138  1.00 36.50 ? 285  ASP A C     1 
ATOM   1132 O  O     . ASP A 1 173 ? -5.005  1.592   17.025  1.00 33.31 ? 285  ASP A O     1 
ATOM   1133 C  CB    . ASP A 1 173 ? -7.577  2.542   16.121  1.00 39.42 ? 285  ASP A CB    1 
ATOM   1134 C  CG    . ASP A 1 173 ? -8.804  3.335   16.597  1.00 41.58 ? 285  ASP A CG    1 
ATOM   1135 O  OD1   . ASP A 1 173 ? -8.697  4.563   16.845  1.00 35.62 ? 285  ASP A OD1   1 
ATOM   1136 O  OD2   . ASP A 1 173 ? -9.881  2.704   16.726  1.00 42.41 ? 285  ASP A OD2   1 
ATOM   1137 N  N     . ASN A 1 174 ? -4.108  2.612   15.201  1.00 38.30 ? 286  ASN A N     1 
ATOM   1138 C  CA    . ASN A 1 174 ? -2.903  1.758   15.102  1.00 37.22 ? 286  ASN A CA    1 
ATOM   1139 C  C     . ASN A 1 174 ? -3.281  0.279   15.026  1.00 37.96 ? 286  ASN A C     1 
ATOM   1140 O  O     . ASN A 1 174 ? -2.697  -0.571  15.708  1.00 38.20 ? 286  ASN A O     1 
ATOM   1141 C  CB    . ASN A 1 174 ? -1.892  2.033   16.250  1.00 38.36 ? 286  ASN A CB    1 
ATOM   1142 C  CG    . ASN A 1 174 ? -0.511  1.414   15.997  1.00 39.68 ? 286  ASN A CG    1 
ATOM   1143 O  OD1   . ASN A 1 174 ? -0.134  1.117   14.848  1.00 41.49 ? 286  ASN A OD1   1 
ATOM   1144 N  ND2   . ASN A 1 174 ? 0.237   1.183   17.077  1.00 40.04 ? 286  ASN A ND2   1 
ATOM   1145 N  N     . PHE A 1 175 ? -4.279  -0.014  14.184  1.00 38.08 ? 287  PHE A N     1 
ATOM   1146 C  CA    . PHE A 1 175 ? -4.730  -1.380  13.988  1.00 34.08 ? 287  PHE A CA    1 
ATOM   1147 C  C     . PHE A 1 175 ? -4.273  -1.845  12.618  1.00 34.98 ? 287  PHE A C     1 
ATOM   1148 O  O     . PHE A 1 175 ? -4.623  -1.230  11.579  1.00 36.09 ? 287  PHE A O     1 
ATOM   1149 C  CB    . PHE A 1 175 ? -6.261  -1.498  14.158  1.00 35.93 ? 287  PHE A CB    1 
ATOM   1150 C  CG    . PHE A 1 175 ? -6.757  -2.924  14.207  1.00 38.18 ? 287  PHE A CG    1 
ATOM   1151 C  CD1   . PHE A 1 175 ? -6.849  -3.611  15.440  1.00 37.16 ? 287  PHE A CD1   1 
ATOM   1152 C  CD2   . PHE A 1 175 ? -7.071  -3.610  13.030  1.00 38.56 ? 287  PHE A CD2   1 
ATOM   1153 C  CE1   . PHE A 1 175 ? -7.280  -4.939  15.490  1.00 38.00 ? 287  PHE A CE1   1 
ATOM   1154 C  CE2   . PHE A 1 175 ? -7.489  -4.948  13.069  1.00 39.39 ? 287  PHE A CE2   1 
ATOM   1155 C  CZ    . PHE A 1 175 ? -7.583  -5.622  14.314  1.00 35.64 ? 287  PHE A CZ    1 
ATOM   1156 N  N     . ASN A 1 176 ? -3.496  -2.934  12.612  1.00 35.49 ? 288  ASN A N     1 
ATOM   1157 C  CA    . ASN A 1 176 ? -2.924  -3.544  11.385  1.00 35.41 ? 288  ASN A CA    1 
ATOM   1158 C  C     . ASN A 1 176 ? -1.918  -2.665  10.647  1.00 35.36 ? 288  ASN A C     1 
ATOM   1159 O  O     . ASN A 1 176 ? -1.567  -2.949  9.504   1.00 40.47 ? 288  ASN A O     1 
ATOM   1160 C  CB    . ASN A 1 176 ? -4.012  -4.021  10.419  1.00 34.53 ? 288  ASN A CB    1 
ATOM   1161 C  CG    . ASN A 1 176 ? -4.446  -5.445  10.691  1.00 40.04 ? 288  ASN A CG    1 
ATOM   1162 O  OD1   . ASN A 1 176 ? -3.791  -6.151  11.440  1.00 35.62 ? 288  ASN A OD1   1 
ATOM   1163 N  ND2   . ASN A 1 176 ? -5.552  -5.876  10.072  1.00 33.70 ? 288  ASN A ND2   1 
ATOM   1164 N  N     . VAL A 1 177 ? -1.451  -1.614  11.302  1.00 38.37 ? 289  VAL A N     1 
ATOM   1165 C  CA    . VAL A 1 177 ? -0.505  -0.683  10.676  1.00 38.79 ? 289  VAL A CA    1 
ATOM   1166 C  C     . VAL A 1 177 ? 0.880   -1.306  10.419  1.00 38.60 ? 289  VAL A C     1 
ATOM   1167 O  O     . VAL A 1 177 ? 1.382   -1.285  9.284   1.00 38.73 ? 289  VAL A O     1 
ATOM   1168 C  CB    . VAL A 1 177 ? -0.464  0.640   11.415  1.00 40.69 ? 289  VAL A CB    1 
ATOM   1169 C  CG1   . VAL A 1 177 ? 0.601   1.577   10.805  1.00 43.23 ? 289  VAL A CG1   1 
ATOM   1170 C  CG2   . VAL A 1 177 ? -1.844  1.300   11.329  1.00 36.40 ? 289  VAL A CG2   1 
ATOM   1171 N  N     . ASP A 1 178 ? 1.465   -1.910  11.442  1.00 38.08 ? 290  ASP A N     1 
ATOM   1172 C  CA    . ASP A 1 178 ? 2.730   -2.617  11.292  1.00 38.52 ? 290  ASP A CA    1 
ATOM   1173 C  C     . ASP A 1 178 ? 2.566   -3.742  10.322  1.00 39.72 ? 290  ASP A C     1 
ATOM   1174 O  O     . ASP A 1 178 ? 3.448   -4.008  9.506   1.00 40.74 ? 290  ASP A O     1 
ATOM   1175 C  CB    . ASP A 1 178 ? 3.181   -3.244  12.609  1.00 35.95 ? 290  ASP A CB    1 
ATOM   1176 C  CG    . ASP A 1 178 ? 3.031   -2.316  13.784  1.00 41.23 ? 290  ASP A CG    1 
ATOM   1177 O  OD1   . ASP A 1 178 ? 3.907   -1.435  13.973  1.00 40.62 ? 290  ASP A OD1   1 
ATOM   1178 O  OD2   . ASP A 1 178 ? 2.050   -2.513  14.561  1.00 40.76 ? 290  ASP A OD2   1 
ATOM   1179 N  N     . GLU A 1 179 ? 1.419   -4.413  10.427  1.00 39.41 ? 291  GLU A N     1 
ATOM   1180 C  CA    . GLU A 1 179 ? 1.167   -5.658  9.741   1.00 36.95 ? 291  GLU A CA    1 
ATOM   1181 C  C     . GLU A 1 179 ? 1.085   -5.530  8.225   1.00 35.46 ? 291  GLU A C     1 
ATOM   1182 O  O     . GLU A 1 179 ? 1.525   -6.426  7.516   1.00 38.79 ? 291  GLU A O     1 
ATOM   1183 C  CB    . GLU A 1 179 ? -0.096  -6.306  10.307  1.00 38.85 ? 291  GLU A CB    1 
ATOM   1184 C  CG    . GLU A 1 179 ? 0.109   -6.854  11.772  1.00 36.23 ? 291  GLU A CG    1 
ATOM   1185 C  CD    . GLU A 1 179 ? 0.358   -5.746  12.805  1.00 38.31 ? 291  GLU A CD    1 
ATOM   1186 O  OE1   . GLU A 1 179 ? -0.189  -4.616  12.681  1.00 36.14 ? 291  GLU A OE1   1 
ATOM   1187 O  OE2   . GLU A 1 179 ? 1.090   -5.988  13.773  1.00 36.31 ? 291  GLU A OE2   1 
ATOM   1188 N  N     . ILE A 1 180 ? 0.546   -4.417  7.725   1.00 36.53 ? 292  ILE A N     1 
ATOM   1189 C  CA    . ILE A 1 180 ? 0.472   -4.243  6.278   1.00 37.76 ? 292  ILE A CA    1 
ATOM   1190 C  C     . ILE A 1 180 ? 1.891   -4.140  5.695   1.00 41.71 ? 292  ILE A C     1 
ATOM   1191 O  O     . ILE A 1 180 ? 2.171   -4.757  4.684   1.00 42.20 ? 292  ILE A O     1 
ATOM   1192 C  CB    . ILE A 1 180 ? -0.473  -3.065  5.822   1.00 39.68 ? 292  ILE A CB    1 
ATOM   1193 C  CG1   . ILE A 1 180 ? -0.064  -1.722  6.465   1.00 43.68 ? 292  ILE A CG1   1 
ATOM   1194 C  CG2   . ILE A 1 180 ? -1.960  -3.396  6.161   1.00 40.14 ? 292  ILE A CG2   1 
ATOM   1195 C  CD1   . ILE A 1 180 ? -1.001  -0.515  6.116   1.00 44.00 ? 292  ILE A CD1   1 
ATOM   1196 N  N     . PHE A 1 181 ? 2.786   -3.391  6.354   1.00 38.68 ? 293  PHE A N     1 
ATOM   1197 C  CA    . PHE A 1 181 ? 4.191   -3.314  5.888   1.00 37.48 ? 293  PHE A CA    1 
ATOM   1198 C  C     . PHE A 1 181 ? 4.977   -4.607  6.133   1.00 39.66 ? 293  PHE A C     1 
ATOM   1199 O  O     . PHE A 1 181 ? 5.697   -5.101  5.241   1.00 38.53 ? 293  PHE A O     1 
ATOM   1200 C  CB    . PHE A 1 181 ? 4.914   -2.109  6.491   1.00 34.10 ? 293  PHE A CB    1 
ATOM   1201 C  CG    . PHE A 1 181 ? 4.319   -0.798  6.117   1.00 37.21 ? 293  PHE A CG    1 
ATOM   1202 C  CD1   . PHE A 1 181 ? 4.635   -0.196  4.887   1.00 36.49 ? 293  PHE A CD1   1 
ATOM   1203 C  CD2   . PHE A 1 181 ? 3.445   -0.135  6.988   1.00 35.76 ? 293  PHE A CD2   1 
ATOM   1204 C  CE1   . PHE A 1 181 ? 4.083   1.037   4.538   1.00 40.48 ? 293  PHE A CE1   1 
ATOM   1205 C  CE2   . PHE A 1 181 ? 2.892   1.064   6.652   1.00 38.18 ? 293  PHE A CE2   1 
ATOM   1206 C  CZ    . PHE A 1 181 ? 3.212   1.675   5.412   1.00 38.43 ? 293  PHE A CZ    1 
ATOM   1207 N  N     . LEU A 1 182 ? 4.838   -5.175  7.325   1.00 38.42 ? 294  LEU A N     1 
ATOM   1208 C  CA    . LEU A 1 182 ? 5.579   -6.399  7.671   1.00 39.38 ? 294  LEU A CA    1 
ATOM   1209 C  C     . LEU A 1 182 ? 5.166   -7.634  6.845   1.00 35.72 ? 294  LEU A C     1 
ATOM   1210 O  O     . LEU A 1 182 ? 6.023   -8.455  6.455   1.00 34.86 ? 294  LEU A O     1 
ATOM   1211 C  CB    . LEU A 1 182 ? 5.481   -6.704  9.177   1.00 41.26 ? 294  LEU A CB    1 
ATOM   1212 C  CG    . LEU A 1 182 ? 6.123   -5.700  10.143  1.00 46.39 ? 294  LEU A CG    1 
ATOM   1213 C  CD1   . LEU A 1 182 ? 5.886   -6.148  11.615  1.00 42.11 ? 294  LEU A CD1   1 
ATOM   1214 C  CD2   . LEU A 1 182 ? 7.635   -5.485  9.875   1.00 45.86 ? 294  LEU A CD2   1 
ATOM   1215 N  N     . LYS A 1 183 ? 3.870   -7.773  6.598   1.00 35.18 ? 295  LYS A N     1 
ATOM   1216 C  CA    . LYS A 1 183 ? 3.367   -8.892  5.795   1.00 39.19 ? 295  LYS A CA    1 
ATOM   1217 C  C     . LYS A 1 183 ? 3.804   -8.800  4.319   1.00 39.08 ? 295  LYS A C     1 
ATOM   1218 O  O     . LYS A 1 183 ? 4.220   -9.794  3.718   1.00 37.29 ? 295  LYS A O     1 
ATOM   1219 C  CB    . LYS A 1 183 ? 1.836   -9.000  5.872   1.00 41.39 ? 295  LYS A CB    1 
ATOM   1220 C  CG    . LYS A 1 183 ? 1.300   -10.386 5.484   1.00 46.49 ? 295  LYS A CG    1 
ATOM   1221 C  CD    . LYS A 1 183 ? 1.969   -11.504 6.338   1.00 47.34 ? 295  LYS A CD    1 
ATOM   1222 C  CE    . LYS A 1 183 ? 1.331   -12.846 6.140   1.00 49.66 ? 295  LYS A CE    1 
ATOM   1223 N  NZ    . LYS A 1 183 ? 1.966   -13.909 7.045   1.00 51.62 ? 295  LYS A NZ    1 
ATOM   1224 N  N     . LEU A 1 184 ? 3.686   -7.601  3.763   1.00 38.87 ? 296  LEU A N     1 
ATOM   1225 C  CA    . LEU A 1 184 ? 4.179   -7.308  2.433   1.00 37.47 ? 296  LEU A CA    1 
ATOM   1226 C  C     . LEU A 1 184 ? 5.687   -7.613  2.337   1.00 34.30 ? 296  LEU A C     1 
ATOM   1227 O  O     . LEU A 1 184 ? 6.113   -8.295  1.425   1.00 35.28 ? 296  LEU A O     1 
ATOM   1228 C  CB    . LEU A 1 184 ? 3.886   -5.845  2.057   1.00 35.06 ? 296  LEU A CB    1 
ATOM   1229 C  CG    . LEU A 1 184 ? 4.199   -5.478  0.578   1.00 39.12 ? 296  LEU A CG    1 
ATOM   1230 C  CD1   . LEU A 1 184 ? 3.422   -6.346  -0.426  1.00 39.16 ? 296  LEU A CD1   1 
ATOM   1231 C  CD2   . LEU A 1 184 ? 3.974   -3.991  0.316   1.00 39.80 ? 296  LEU A CD2   1 
ATOM   1232 N  N     . VAL A 1 185 ? 6.478   -7.118  3.285   1.00 32.93 ? 297  VAL A N     1 
ATOM   1233 C  CA    . VAL A 1 185 ? 7.935   -7.461  3.305   1.00 36.39 ? 297  VAL A CA    1 
ATOM   1234 C  C     . VAL A 1 185 ? 8.153   -8.980  3.322   1.00 40.54 ? 297  VAL A C     1 
ATOM   1235 O  O     . VAL A 1 185 ? 9.048   -9.507  2.615   1.00 41.42 ? 297  VAL A O     1 
ATOM   1236 C  CB    . VAL A 1 185 ? 8.652   -6.741  4.471   1.00 34.98 ? 297  VAL A CB    1 
ATOM   1237 C  CG1   . VAL A 1 185 ? 10.078  -7.158  4.602   1.00 35.53 ? 297  VAL A CG1   1 
ATOM   1238 C  CG2   . VAL A 1 185 ? 8.577   -5.228  4.250   1.00 33.55 ? 297  VAL A CG2   1 
ATOM   1239 N  N     . ASP A 1 186 ? 7.332   -9.691  4.115   1.00 37.93 ? 298  ASP A N     1 
ATOM   1240 C  CA    . ASP A 1 186 ? 7.449   -11.164 4.251   1.00 36.14 ? 298  ASP A CA    1 
ATOM   1241 C  C     . ASP A 1 186 ? 7.194   -11.865 2.910   1.00 37.87 ? 298  ASP A C     1 
ATOM   1242 O  O     . ASP A 1 186 ? 7.981   -12.730 2.474   1.00 37.96 ? 298  ASP A O     1 
ATOM   1243 C  CB    . ASP A 1 186 ? 6.487   -11.691 5.344   1.00 35.66 ? 298  ASP A CB    1 
ATOM   1244 C  CG    . ASP A 1 186 ? 6.711   -13.170 5.683   1.00 40.52 ? 298  ASP A CG    1 
ATOM   1245 O  OD1   . ASP A 1 186 ? 7.878   -13.601 5.801   1.00 40.19 ? 298  ASP A OD1   1 
ATOM   1246 O  OD2   . ASP A 1 186 ? 5.707   -13.898 5.843   1.00 42.55 ? 298  ASP A OD2   1 
ATOM   1247 N  N     . ASP A 1 187 ? 6.097   -11.484 2.272   1.00 39.34 ? 299  ASP A N     1 
ATOM   1248 C  CA    . ASP A 1 187 ? 5.776   -11.898 0.912   1.00 41.66 ? 299  ASP A CA    1 
ATOM   1249 C  C     . ASP A 1 187 ? 6.893   -11.633 -0.109  1.00 39.95 ? 299  ASP A C     1 
ATOM   1250 O  O     . ASP A 1 187 ? 7.162   -12.475 -0.968  1.00 44.52 ? 299  ASP A O     1 
ATOM   1251 C  CB    . ASP A 1 187 ? 4.503   -11.185 0.457   1.00 47.25 ? 299  ASP A CB    1 
ATOM   1252 C  CG    . ASP A 1 187 ? 3.258   -11.741 1.107   1.00 50.15 ? 299  ASP A CG    1 
ATOM   1253 O  OD1   . ASP A 1 187 ? 3.343   -12.780 1.770   1.00 49.04 ? 299  ASP A OD1   1 
ATOM   1254 O  OD2   . ASP A 1 187 ? 2.186   -11.134 0.939   1.00 55.04 ? 299  ASP A OD2   1 
ATOM   1255 N  N     . ILE A 1 188 ? 7.512   -10.456 -0.034  1.00 37.97 ? 300  ILE A N     1 
ATOM   1256 C  CA    . ILE A 1 188 ? 8.603   -10.103 -0.964  1.00 39.22 ? 300  ILE A CA    1 
ATOM   1257 C  C     . ILE A 1 188 ? 9.782   -11.051 -0.773  1.00 39.59 ? 300  ILE A C     1 
ATOM   1258 O  O     . ILE A 1 188 ? 10.228  -11.706 -1.729  1.00 38.80 ? 300  ILE A O     1 
ATOM   1259 C  CB    . ILE A 1 188 ? 9.039   -8.616  -0.824  1.00 37.87 ? 300  ILE A CB    1 
ATOM   1260 C  CG1   . ILE A 1 188 ? 7.881   -7.682  -1.242  1.00 36.26 ? 300  ILE A CG1   1 
ATOM   1261 C  CG2   . ILE A 1 188 ? 10.307  -8.345  -1.643  1.00 37.45 ? 300  ILE A CG2   1 
ATOM   1262 C  CD1   . ILE A 1 188 ? 8.072   -6.242  -0.842  1.00 33.48 ? 300  ILE A CD1   1 
ATOM   1263 N  N     . LEU A 1 189 ? 10.245  -11.167 0.473   1.00 38.97 ? 301  LEU A N     1 
ATOM   1264 C  CA    . LEU A 1 189 ? 11.425  -11.991 0.805   1.00 40.06 ? 301  LEU A CA    1 
ATOM   1265 C  C     . LEU A 1 189 ? 11.281  -13.467 0.447   1.00 42.26 ? 301  LEU A C     1 
ATOM   1266 O  O     . LEU A 1 189 ? 12.256  -14.108 0.076   1.00 40.95 ? 301  LEU A O     1 
ATOM   1267 C  CB    . LEU A 1 189 ? 11.790  -11.854 2.291   1.00 39.47 ? 301  LEU A CB    1 
ATOM   1268 C  CG    . LEU A 1 189 ? 12.171  -10.443 2.761   1.00 39.73 ? 301  LEU A CG    1 
ATOM   1269 C  CD1   . LEU A 1 189 ? 12.242  -10.399 4.269   1.00 41.63 ? 301  LEU A CD1   1 
ATOM   1270 C  CD2   . LEU A 1 189 ? 13.489  -9.974  2.121   1.00 39.16 ? 301  LEU A CD2   1 
ATOM   1271 N  N     . LYS A 1 190 ? 10.064  -13.990 0.565   1.00 45.56 ? 302  LYS A N     1 
ATOM   1272 C  CA    . LYS A 1 190 ? 9.759   -15.377 0.212   1.00 50.82 ? 302  LYS A CA    1 
ATOM   1273 C  C     . LYS A 1 190 ? 10.020  -15.676 -1.265  1.00 52.38 ? 302  LYS A C     1 
ATOM   1274 O  O     . LYS A 1 190 ? 10.500  -16.748 -1.604  1.00 54.78 ? 302  LYS A O     1 
ATOM   1275 C  CB    . LYS A 1 190 ? 8.296   -15.704 0.544   1.00 50.55 ? 302  LYS A CB    1 
ATOM   1276 C  CG    . LYS A 1 190 ? 8.005   -15.833 2.023   1.00 52.48 ? 302  LYS A CG    1 
ATOM   1277 C  CD    . LYS A 1 190 ? 6.600   -16.367 2.265   1.00 54.19 ? 302  LYS A CD    1 
ATOM   1278 C  CE    . LYS A 1 190 ? 6.259   -16.370 3.741   1.00 53.70 ? 302  LYS A CE    1 
ATOM   1279 N  NZ    . LYS A 1 190 ? 7.293   -17.082 4.545   1.00 54.65 ? 302  LYS A NZ    1 
ATOM   1280 N  N     . LYS A 1 191 ? 9.691   -14.712 -2.123  1.00 58.03 ? 303  LYS A N     1 
ATOM   1281 C  CA    . LYS A 1 191 ? 9.708   -14.880 -3.578  1.00 61.81 ? 303  LYS A CA    1 
ATOM   1282 C  C     . LYS A 1 191 ? 11.056  -14.543 -4.245  1.00 65.54 ? 303  LYS A C     1 
ATOM   1283 O  O     . LYS A 1 191 ? 11.183  -14.624 -5.476  1.00 67.23 ? 303  LYS A O     1 
ATOM   1284 C  CB    . LYS A 1 191 ? 8.572   -14.073 -4.222  1.00 61.05 ? 303  LYS A CB    1 
ATOM   1285 C  CG    . LYS A 1 191 ? 7.186   -14.642 -3.971  1.00 62.45 ? 303  LYS A CG    1 
ATOM   1286 N  N     . MET A 1 192 ? 12.050  -14.161 -3.443  1.00 67.16 ? 304  MET A N     1 
ATOM   1287 C  CA    . MET A 1 192 ? 13.437  -14.077 -3.932  1.00 69.22 ? 304  MET A CA    1 
ATOM   1288 C  C     . MET A 1 192 ? 14.283  -15.245 -3.404  1.00 69.92 ? 304  MET A C     1 
ATOM   1289 O  O     . MET A 1 192 ? 13.909  -15.904 -2.421  1.00 69.51 ? 304  MET A O     1 
ATOM   1290 C  CB    . MET A 1 192 ? 14.086  -12.712 -3.622  1.00 69.72 ? 304  MET A CB    1 
ATOM   1291 C  CG    . MET A 1 192 ? 13.874  -12.169 -2.203  1.00 69.85 ? 304  MET A CG    1 
ATOM   1292 S  SD    . MET A 1 192 ? 14.410  -10.440 -1.968  1.00 69.98 ? 304  MET A SD    1 
ATOM   1293 C  CE    . MET A 1 192 ? 13.437  -9.580  -3.198  1.00 69.70 ? 304  MET A CE    1 
ATOM   1294 O  OXT   . MET A 1 192 ? 15.347  -15.579 -3.953  1.00 70.82 ? 304  MET A OXT   1 
HETATM 1295 MG MG    . MG  B 2 .   ? -0.551  12.222  1.148   1.00 35.70 ? 402  MG  A MG    1 
HETATM 1296 CA CA    . CA  C 3 .   ? 0.359   -3.854  14.981  0.50 30.28 ? 501  CA  A CA    1 
HETATM 1297 P  PB    . GDP D 4 .   ? -3.892  10.599  1.796   1.00 38.14 ? 401  GDP A PB    1 
HETATM 1298 O  O1B   . GDP D 4 .   ? -4.462  11.624  0.805   1.00 36.92 ? 401  GDP A O1B   1 
HETATM 1299 O  O2B   . GDP D 4 .   ? -4.237  9.260   1.328   1.00 34.37 ? 401  GDP A O2B   1 
HETATM 1300 O  O3B   . GDP D 4 .   ? -2.405  10.908  2.010   1.00 36.83 ? 401  GDP A O3B   1 
HETATM 1301 O  O3A   . GDP D 4 .   ? -4.670  10.769  3.193   1.00 35.56 ? 401  GDP A O3A   1 
HETATM 1302 P  PA    . GDP D 4 .   ? -4.170  11.426  4.533   1.00 39.00 ? 401  GDP A PA    1 
HETATM 1303 O  O1A   . GDP D 4 .   ? -3.134  10.623  5.253   1.00 40.11 ? 401  GDP A O1A   1 
HETATM 1304 O  O2A   . GDP D 4 .   ? -3.683  12.860  4.269   1.00 34.17 ? 401  GDP A O2A   1 
HETATM 1305 O  "O5'" . GDP D 4 .   ? -5.556  11.365  5.322   1.00 37.33 ? 401  GDP A "O5'" 1 
HETATM 1306 C  "C5'" . GDP D 4 .   ? -6.626  12.270  4.999   1.00 38.58 ? 401  GDP A "C5'" 1 
HETATM 1307 C  "C4'" . GDP D 4 .   ? -7.566  12.426  6.196   1.00 36.23 ? 401  GDP A "C4'" 1 
HETATM 1308 O  "O4'" . GDP D 4 .   ? -7.956  11.139  6.669   1.00 35.61 ? 401  GDP A "O4'" 1 
HETATM 1309 C  "C3'" . GDP D 4 .   ? -6.893  13.095  7.381   1.00 36.19 ? 401  GDP A "C3'" 1 
HETATM 1310 O  "O3'" . GDP D 4 .   ? -7.864  13.941  8.020   1.00 40.96 ? 401  GDP A "O3'" 1 
HETATM 1311 C  "C2'" . GDP D 4 .   ? -6.492  11.963  8.319   1.00 33.91 ? 401  GDP A "C2'" 1 
HETATM 1312 O  "O2'" . GDP D 4 .   ? -6.344  12.407  9.676   1.00 32.72 ? 401  GDP A "O2'" 1 
HETATM 1313 C  "C1'" . GDP D 4 .   ? -7.652  11.001  8.084   1.00 33.51 ? 401  GDP A "C1'" 1 
HETATM 1314 N  N9    . GDP D 4 .   ? -7.348  9.559   8.354   1.00 33.42 ? 401  GDP A N9    1 
HETATM 1315 C  C8    . GDP D 4 .   ? -6.329  8.833   7.873   1.00 32.75 ? 401  GDP A C8    1 
HETATM 1316 N  N7    . GDP D 4 .   ? -6.376  7.567   8.334   1.00 34.80 ? 401  GDP A N7    1 
HETATM 1317 C  C5    . GDP D 4 .   ? -7.454  7.465   9.106   1.00 32.94 ? 401  GDP A C5    1 
HETATM 1318 C  C6    . GDP D 4 .   ? -8.095  6.401   9.894   1.00 31.41 ? 401  GDP A C6    1 
HETATM 1319 O  O6    . GDP D 4 .   ? -7.611  5.273   9.915   1.00 31.51 ? 401  GDP A O6    1 
HETATM 1320 N  N1    . GDP D 4 .   ? -9.215  6.694   10.572  1.00 31.70 ? 401  GDP A N1    1 
HETATM 1321 C  C2    . GDP D 4 .   ? -9.768  7.942   10.538  1.00 32.46 ? 401  GDP A C2    1 
HETATM 1322 N  N2    . GDP D 4 .   ? -10.893 8.199   11.237  1.00 31.19 ? 401  GDP A N2    1 
HETATM 1323 N  N3    . GDP D 4 .   ? -9.223  8.958   9.844   1.00 32.45 ? 401  GDP A N3    1 
HETATM 1324 C  C4    . GDP D 4 .   ? -8.094  8.772   9.111   1.00 33.56 ? 401  GDP A C4    1 
HETATM 1325 X  UNK   . UNX E 5 .   ? -3.010  -7.133  7.758   0.01 2.00  ? 1401 UNX A UNK   1 
HETATM 1326 X  UNK   . UNX F 5 .   ? -6.885  -11.898 -12.370 0.01 2.00  ? 1402 UNX A UNK   1 
HETATM 1327 X  UNK   . UNX G 5 .   ? -10.455 0.134   15.033  0.01 2.11  ? 1403 UNX A UNK   1 
HETATM 1328 X  UNK   . UNX H 5 .   ? -14.434 8.160   12.095  0.01 2.24  ? 1404 UNX A UNK   1 
HETATM 1329 X  UNK   . UNX I 5 .   ? -4.655  -2.643  -17.519 0.01 2.00  ? 1405 UNX A UNK   1 
HETATM 1330 X  UNK   . UNX J 5 .   ? -17.292 3.636   14.482  0.01 16.38 ? 1406 UNX A UNK   1 
HETATM 1331 O  O     . HOH K 6 .   ? -0.652  -1.549  14.391  1.00 26.36 ? 1001 HOH A O     1 
HETATM 1332 O  O     . HOH K 6 .   ? -13.806 -3.029  2.969   1.00 33.62 ? 1002 HOH A O     1 
HETATM 1333 O  O     . HOH K 6 .   ? -5.243  4.308   -14.651 1.00 36.10 ? 1003 HOH A O     1 
HETATM 1334 O  O     . HOH K 6 .   ? 2.464   -1.086  16.829  0.50 30.04 ? 1004 HOH A O     1 
HETATM 1335 O  O     . HOH K 6 .   ? -8.205  4.488   -3.607  1.00 36.70 ? 1006 HOH A O     1 
HETATM 1336 O  O     . HOH K 6 .   ? -7.838  -2.297  -14.109 1.00 41.44 ? 1007 HOH A O     1 
HETATM 1337 O  O     . HOH K 6 .   ? 2.483   1.003   13.987  1.00 40.58 ? 1008 HOH A O     1 
HETATM 1338 O  O     . HOH K 6 .   ? 0.889   -9.915  -5.193  1.00 33.94 ? 1009 HOH A O     1 
HETATM 1339 O  O     . HOH K 6 .   ? -11.668 3.410   -11.780 1.00 49.34 ? 1010 HOH A O     1 
HETATM 1340 O  O     . HOH K 6 .   ? -1.067  9.878   -9.077  1.00 46.12 ? 1011 HOH A O     1 
HETATM 1341 O  O     . HOH K 6 .   ? -15.607 -6.845  -4.824  1.00 45.56 ? 1012 HOH A O     1 
HETATM 1342 O  O     . HOH K 6 .   ? 0.091   10.611  0.113   1.00 49.02 ? 1013 HOH A O     1 
HETATM 1343 O  O     . HOH K 6 .   ? -1.680  13.399  3.042   1.00 39.90 ? 1014 HOH A O     1 
HETATM 1344 O  O     . HOH K 6 .   ? 1.432   13.593  0.895   1.00 40.71 ? 1015 HOH A O     1 
HETATM 1345 O  O     . HOH K 6 .   ? -0.852  -9.835  -7.329  1.00 41.20 ? 1016 HOH A O     1 
HETATM 1346 O  O     . HOH K 6 .   ? 3.983   6.842   15.425  1.00 57.49 ? 1017 HOH A O     1 
HETATM 1347 O  O     . HOH K 6 .   ? -5.495  -12.570 -3.983  1.00 36.83 ? 1018 HOH A O     1 
HETATM 1348 O  O     . HOH K 6 .   ? -1.101  7.114   -5.627  1.00 38.09 ? 1019 HOH A O     1 
HETATM 1349 O  O     . HOH K 6 .   ? -10.635 10.912  -3.243  1.00 41.21 ? 1020 HOH A O     1 
HETATM 1350 O  O     . HOH K 6 .   ? 0.638   6.378   -8.153  1.00 41.73 ? 1021 HOH A O     1 
HETATM 1351 O  O     . HOH K 6 .   ? -7.691  10.806  -6.093  1.00 40.42 ? 1022 HOH A O     1 
HETATM 1352 O  O     . HOH K 6 .   ? -8.123  -7.619  8.098   1.00 40.14 ? 1023 HOH A O     1 
HETATM 1353 O  O     . HOH K 6 .   ? -13.725 -1.504  -7.221  1.00 48.56 ? 1024 HOH A O     1 
HETATM 1354 O  O     . HOH K 6 .   ? -1.128  12.040  -15.176 1.00 41.14 ? 1025 HOH A O     1 
# 
loop_
_pdbx_poly_seq_scheme.asym_id 
_pdbx_poly_seq_scheme.entity_id 
_pdbx_poly_seq_scheme.seq_id 
_pdbx_poly_seq_scheme.mon_id 
_pdbx_poly_seq_scheme.ndb_seq_num 
_pdbx_poly_seq_scheme.pdb_seq_num 
_pdbx_poly_seq_scheme.auth_seq_num 
_pdbx_poly_seq_scheme.pdb_mon_id 
_pdbx_poly_seq_scheme.auth_mon_id 
_pdbx_poly_seq_scheme.pdb_strand_id 
_pdbx_poly_seq_scheme.pdb_ins_code 
_pdbx_poly_seq_scheme.hetero 
A 1 1   MET 1   113 ?   ?   ?   A . n 
A 1 2   GLY 2   114 ?   ?   ?   A . n 
A 1 3   SER 3   115 ?   ?   ?   A . n 
A 1 4   SER 4   116 ?   ?   ?   A . n 
A 1 5   HIS 5   117 ?   ?   ?   A . n 
A 1 6   HIS 6   118 ?   ?   ?   A . n 
A 1 7   HIS 7   119 ?   ?   ?   A . n 
A 1 8   HIS 8   120 ?   ?   ?   A . n 
A 1 9   HIS 9   121 ?   ?   ?   A . n 
A 1 10  HIS 10  122 ?   ?   ?   A . n 
A 1 11  SER 11  123 ?   ?   ?   A . n 
A 1 12  SER 12  124 ?   ?   ?   A . n 
A 1 13  GLY 13  125 ?   ?   ?   A . n 
A 1 14  LEU 14  126 ?   ?   ?   A . n 
A 1 15  VAL 15  127 ?   ?   ?   A . n 
A 1 16  PRO 16  128 ?   ?   ?   A . n 
A 1 17  ARG 17  129 ?   ?   ?   A . n 
A 1 18  GLY 18  130 ?   ?   ?   A . n 
A 1 19  SER 19  131 ?   ?   ?   A . n 
A 1 20  PRO 20  132 ?   ?   ?   A . n 
A 1 21  ARG 21  133 ?   ?   ?   A . n 
A 1 22  PRO 22  134 134 PRO PRO A . n 
A 1 23  ALA 23  135 135 ALA ALA A . n 
A 1 24  ASP 24  136 136 ASP ASP A . n 
A 1 25  PHE 25  137 137 PHE PHE A . n 
A 1 26  LYS 26  138 138 LYS LYS A . n 
A 1 27  LEU 27  139 139 LEU LEU A . n 
A 1 28  GLN 28  140 140 GLN GLN A . n 
A 1 29  VAL 29  141 141 VAL VAL A . n 
A 1 30  ILE 30  142 142 ILE ILE A . n 
A 1 31  ILE 31  143 143 ILE ILE A . n 
A 1 32  ILE 32  144 144 ILE ILE A . n 
A 1 33  GLY 33  145 145 GLY GLY A . n 
A 1 34  SER 34  146 146 SER SER A . n 
A 1 35  ARG 35  147 147 ARG ARG A . n 
A 1 36  GLY 36  148 148 GLY GLY A . n 
A 1 37  VAL 37  149 149 VAL VAL A . n 
A 1 38  GLY 38  150 150 GLY GLY A . n 
A 1 39  LYS 39  151 151 LYS LYS A . n 
A 1 40  THR 40  152 152 THR THR A . n 
A 1 41  SER 41  153 153 SER SER A . n 
A 1 42  LEU 42  154 154 LEU LEU A . n 
A 1 43  MET 43  155 155 MET MET A . n 
A 1 44  GLU 44  156 156 GLU GLU A . n 
A 1 45  ARG 45  157 157 ARG ARG A . n 
A 1 46  PHE 46  158 158 PHE PHE A . n 
A 1 47  THR 47  159 159 THR THR A . n 
A 1 48  ASP 48  160 160 ASP ASP A . n 
A 1 49  ASP 49  161 ?   ?   ?   A . n 
A 1 50  THR 50  162 ?   ?   ?   A . n 
A 1 51  PHE 51  163 ?   ?   ?   A . n 
A 1 52  CYS 52  164 ?   ?   ?   A . n 
A 1 53  GLU 53  165 ?   ?   ?   A . n 
A 1 54  ALA 54  166 ?   ?   ?   A . n 
A 1 55  CYS 55  167 ?   ?   ?   A . n 
A 1 56  LYS 56  168 ?   ?   ?   A . n 
A 1 57  SER 57  169 169 SER SER A . n 
A 1 58  THR 58  170 170 THR THR A . n 
A 1 59  VAL 59  171 171 VAL VAL A . n 
A 1 60  GLY 60  172 172 GLY GLY A . n 
A 1 61  VAL 61  173 173 VAL VAL A . n 
A 1 62  ASP 62  174 174 ASP ASP A . n 
A 1 63  PHE 63  175 175 PHE PHE A . n 
A 1 64  LYS 64  176 176 LYS LYS A . n 
A 1 65  ILE 65  177 177 ILE ILE A . n 
A 1 66  LYS 66  178 178 LYS LYS A . n 
A 1 67  THR 67  179 179 THR THR A . n 
A 1 68  VAL 68  180 180 VAL VAL A . n 
A 1 69  GLU 69  181 181 GLU GLU A . n 
A 1 70  LEU 70  182 182 LEU LEU A . n 
A 1 71  ARG 71  183 183 ARG ARG A . n 
A 1 72  GLY 72  184 184 GLY GLY A . n 
A 1 73  LYS 73  185 185 LYS LYS A . n 
A 1 74  LYS 74  186 186 LYS LYS A . n 
A 1 75  ILE 75  187 187 ILE ILE A . n 
A 1 76  ARG 76  188 188 ARG ARG A . n 
A 1 77  LEU 77  189 189 LEU LEU A . n 
A 1 78  GLN 78  190 190 GLN GLN A . n 
A 1 79  ILE 79  191 191 ILE ILE A . n 
A 1 80  TRP 80  192 192 TRP TRP A . n 
A 1 81  ASP 81  193 193 ASP ASP A . n 
A 1 82  THR 82  194 194 THR THR A . n 
A 1 83  ALA 83  195 195 ALA ALA A . n 
A 1 84  GLY 84  196 196 GLY GLY A . n 
A 1 85  GLN 85  197 197 GLN GLN A . n 
A 1 86  GLU 86  198 198 GLU GLU A . n 
A 1 87  ARG 87  199 199 ARG ARG A . n 
A 1 88  PHE 88  200 200 PHE PHE A . n 
A 1 89  ASN 89  201 201 ASN ASN A . n 
A 1 90  SER 90  202 202 SER SER A . n 
A 1 91  ILE 91  203 203 ILE ILE A . n 
A 1 92  THR 92  204 204 THR THR A . n 
A 1 93  SER 93  205 205 SER SER A . n 
A 1 94  ALA 94  206 206 ALA ALA A . n 
A 1 95  TYR 95  207 207 TYR TYR A . n 
A 1 96  TYR 96  208 208 TYR TYR A . n 
A 1 97  ARG 97  209 209 ARG ARG A . n 
A 1 98  SER 98  210 210 SER SER A . n 
A 1 99  ALA 99  211 211 ALA ALA A . n 
A 1 100 LYS 100 212 212 LYS LYS A . n 
A 1 101 GLY 101 213 213 GLY GLY A . n 
A 1 102 ILE 102 214 214 ILE ILE A . n 
A 1 103 ILE 103 215 215 ILE ILE A . n 
A 1 104 LEU 104 216 216 LEU LEU A . n 
A 1 105 VAL 105 217 217 VAL VAL A . n 
A 1 106 TYR 106 218 218 TYR TYR A . n 
A 1 107 ASP 107 219 219 ASP ASP A . n 
A 1 108 ILE 108 220 220 ILE ILE A . n 
A 1 109 THR 109 221 221 THR THR A . n 
A 1 110 LYS 110 222 222 LYS LYS A . n 
A 1 111 LYS 111 223 223 LYS LYS A . n 
A 1 112 GLU 112 224 224 GLU GLU A . n 
A 1 113 THR 113 225 225 THR THR A . n 
A 1 114 PHE 114 226 226 PHE PHE A . n 
A 1 115 ASP 115 227 227 ASP ASP A . n 
A 1 116 ASP 116 228 228 ASP ASP A . n 
A 1 117 LEU 117 229 229 LEU LEU A . n 
A 1 118 PRO 118 230 230 PRO PRO A . n 
A 1 119 LYS 119 231 231 LYS LYS A . n 
A 1 120 TRP 120 232 232 TRP TRP A . n 
A 1 121 MET 121 233 233 MET MET A . n 
A 1 122 LYS 122 234 234 LYS LYS A . n 
A 1 123 MET 123 235 235 MET MET A . n 
A 1 124 ILE 124 236 236 ILE ILE A . n 
A 1 125 ASP 125 237 237 ASP ASP A . n 
A 1 126 LYS 126 238 238 LYS LYS A . n 
A 1 127 TYR 127 239 239 TYR TYR A . n 
A 1 128 ALA 128 240 240 ALA ALA A . n 
A 1 129 SER 129 241 241 SER SER A . n 
A 1 130 GLU 130 242 242 GLU GLU A . n 
A 1 131 ASP 131 243 243 ASP ASP A . n 
A 1 132 ALA 132 244 244 ALA ALA A . n 
A 1 133 GLU 133 245 245 GLU GLU A . n 
A 1 134 LEU 134 246 246 LEU LEU A . n 
A 1 135 LEU 135 247 247 LEU LEU A . n 
A 1 136 LEU 136 248 248 LEU LEU A . n 
A 1 137 VAL 137 249 249 VAL VAL A . n 
A 1 138 GLY 138 250 250 GLY GLY A . n 
A 1 139 ASN 139 251 251 ASN ASN A . n 
A 1 140 LYS 140 252 252 LYS LYS A . n 
A 1 141 LEU 141 253 253 LEU LEU A . n 
A 1 142 ASP 142 254 254 ASP ASP A . n 
A 1 143 CYS 143 255 255 CYS CYS A . n 
A 1 144 GLU 144 256 256 GLU GLU A . n 
A 1 145 THR 145 257 257 THR THR A . n 
A 1 146 ASP 146 258 258 ASP ASP A . n 
A 1 147 ARG 147 259 259 ARG ARG A . n 
A 1 148 GLU 148 260 260 GLU GLU A . n 
A 1 149 ILE 149 261 261 ILE ILE A . n 
A 1 150 THR 150 262 262 THR THR A . n 
A 1 151 ARG 151 263 263 ARG ARG A . n 
A 1 152 GLN 152 264 264 GLN GLN A . n 
A 1 153 GLN 153 265 265 GLN GLN A . n 
A 1 154 GLY 154 266 266 GLY GLY A . n 
A 1 155 GLU 155 267 267 GLU GLU A . n 
A 1 156 LYS 156 268 268 LYS LYS A . n 
A 1 157 PHE 157 269 269 PHE PHE A . n 
A 1 158 ALA 158 270 270 ALA ALA A . n 
A 1 159 GLN 159 271 271 GLN GLN A . n 
A 1 160 GLN 160 272 272 GLN GLN A . n 
A 1 161 ILE 161 273 273 ILE ILE A . n 
A 1 162 THR 162 274 274 THR THR A . n 
A 1 163 GLY 163 275 275 GLY GLY A . n 
A 1 164 MET 164 276 276 MET MET A . n 
A 1 165 ARG 165 277 277 ARG ARG A . n 
A 1 166 PHE 166 278 278 PHE PHE A . n 
A 1 167 CYS 167 279 279 CYS CYS A . n 
A 1 168 GLU 168 280 280 GLU GLU A . n 
A 1 169 ALA 169 281 281 ALA ALA A . n 
A 1 170 SER 170 282 282 SER SER A . n 
A 1 171 ALA 171 283 283 ALA ALA A . n 
A 1 172 LYS 172 284 284 LYS LYS A . n 
A 1 173 ASP 173 285 285 ASP ASP A . n 
A 1 174 ASN 174 286 286 ASN ASN A . n 
A 1 175 PHE 175 287 287 PHE PHE A . n 
A 1 176 ASN 176 288 288 ASN ASN A . n 
A 1 177 VAL 177 289 289 VAL VAL A . n 
A 1 178 ASP 178 290 290 ASP ASP A . n 
A 1 179 GLU 179 291 291 GLU GLU A . n 
A 1 180 ILE 180 292 292 ILE ILE A . n 
A 1 181 PHE 181 293 293 PHE PHE A . n 
A 1 182 LEU 182 294 294 LEU LEU A . n 
A 1 183 LYS 183 295 295 LYS LYS A . n 
A 1 184 LEU 184 296 296 LEU LEU A . n 
A 1 185 VAL 185 297 297 VAL VAL A . n 
A 1 186 ASP 186 298 298 ASP ASP A . n 
A 1 187 ASP 187 299 299 ASP ASP A . n 
A 1 188 ILE 188 300 300 ILE ILE A . n 
A 1 189 LEU 189 301 301 LEU LEU A . n 
A 1 190 LYS 190 302 302 LYS LYS A . n 
A 1 191 LYS 191 303 303 LYS LYS A . n 
A 1 192 MET 192 304 304 MET MET A . n 
# 
_pdbx_SG_project.id                    1 
_pdbx_SG_project.project_name          ? 
_pdbx_SG_project.full_name_of_center   'Structural Genomics Consortium' 
_pdbx_SG_project.initial_of_center     SGC 
# 
loop_
_pdbx_nonpoly_scheme.asym_id 
_pdbx_nonpoly_scheme.entity_id 
_pdbx_nonpoly_scheme.mon_id 
_pdbx_nonpoly_scheme.ndb_seq_num 
_pdbx_nonpoly_scheme.pdb_seq_num 
_pdbx_nonpoly_scheme.auth_seq_num 
_pdbx_nonpoly_scheme.pdb_mon_id 
_pdbx_nonpoly_scheme.auth_mon_id 
_pdbx_nonpoly_scheme.pdb_strand_id 
_pdbx_nonpoly_scheme.pdb_ins_code 
B 2 MG  1  402  402  MG  MG  A . 
C 3 CA  1  501  501  CA  CA  A . 
D 4 GDP 1  401  401  GDP GDP A . 
E 5 UNX 1  1401 1401 UNX UNX A . 
F 5 UNX 1  1402 1402 UNX UNX A . 
G 5 UNX 1  1403 1403 UNX UNX A . 
H 5 UNX 1  1404 1404 UNX UNX A . 
I 5 UNX 1  1405 1405 UNX UNX A . 
J 5 UNX 1  1406 1406 UNX UNX A . 
K 6 HOH 1  1001 1001 HOH HOH A . 
K 6 HOH 2  1002 1002 HOH HOH A . 
K 6 HOH 3  1003 1003 HOH HOH A . 
K 6 HOH 4  1004 1004 HOH HOH A . 
K 6 HOH 5  1006 1006 HOH HOH A . 
K 6 HOH 6  1007 1007 HOH HOH A . 
K 6 HOH 7  1008 1008 HOH HOH A . 
K 6 HOH 8  1009 1009 HOH HOH A . 
K 6 HOH 9  1010 1010 HOH HOH A . 
K 6 HOH 10 1011 1011 HOH HOH A . 
K 6 HOH 11 1012 1012 HOH HOH A . 
K 6 HOH 12 1013 1013 HOH HOH A . 
K 6 HOH 13 1014 1014 HOH HOH A . 
K 6 HOH 14 1015 1015 HOH HOH A . 
K 6 HOH 15 1016 1016 HOH HOH A . 
K 6 HOH 16 1017 1017 HOH HOH A . 
K 6 HOH 17 1018 1018 HOH HOH A . 
K 6 HOH 18 1019 1019 HOH HOH A . 
K 6 HOH 19 1020 1020 HOH HOH A . 
K 6 HOH 20 1021 1021 HOH HOH A . 
K 6 HOH 21 1022 1022 HOH HOH A . 
K 6 HOH 22 1023 1023 HOH HOH A . 
K 6 HOH 23 1024 1024 HOH HOH A . 
K 6 HOH 24 1025 1025 HOH HOH A . 
# 
loop_
_pdbx_struct_assembly.id 
_pdbx_struct_assembly.details 
_pdbx_struct_assembly.method_details 
_pdbx_struct_assembly.oligomeric_details 
_pdbx_struct_assembly.oligomeric_count 
1 author_and_software_defined_assembly PQS  monomeric 1 
2 software_defined_assembly            PISA dimeric   2 
# 
loop_
_pdbx_struct_assembly_gen.assembly_id 
_pdbx_struct_assembly_gen.oper_expression 
_pdbx_struct_assembly_gen.asym_id_list 
1 1   A,B,C,D,E,F,G,H,I,J,K 
2 1,2 A,B,C,D,E,F,G,H,I,J,K 
# 
loop_
_pdbx_struct_assembly_prop.biol_id 
_pdbx_struct_assembly_prop.type 
_pdbx_struct_assembly_prop.value 
_pdbx_struct_assembly_prop.details 
2 'ABSA (A^2)' 2990  ? 
2 MORE         -72   ? 
2 'SSA (A^2)'  15180 ? 
# 
loop_
_pdbx_struct_oper_list.id 
_pdbx_struct_oper_list.type 
_pdbx_struct_oper_list.name 
_pdbx_struct_oper_list.symmetry_operation 
_pdbx_struct_oper_list.matrix[1][1] 
_pdbx_struct_oper_list.matrix[1][2] 
_pdbx_struct_oper_list.matrix[1][3] 
_pdbx_struct_oper_list.vector[1] 
_pdbx_struct_oper_list.matrix[2][1] 
_pdbx_struct_oper_list.matrix[2][2] 
_pdbx_struct_oper_list.matrix[2][3] 
_pdbx_struct_oper_list.vector[2] 
_pdbx_struct_oper_list.matrix[3][1] 
_pdbx_struct_oper_list.matrix[3][2] 
_pdbx_struct_oper_list.matrix[3][3] 
_pdbx_struct_oper_list.vector[3] 
1 'identity operation'         1_555  x,y,z            1.0000000000  0.0000000000 0.0000000000 0.0000000000  0.0000000000 1.0000000000  0.0000000000 0.0000000000   0.0000000000 0.0000000000 1.0000000000  0.0000000000  
2 'crystal symmetry operation' 10_665 -y+1,-x+1,-z+1/6 -0.3793158438 0.7711755291 0.5112805434 -4.3683305055 0.7711755291 -0.0418448889 0.6352458647 -13.7473264825 0.5112805434 0.6352458647 -0.5788392672 26.0384547777 
# 
loop_
_pdbx_struct_special_symmetry.id 
_pdbx_struct_special_symmetry.PDB_model_num 
_pdbx_struct_special_symmetry.auth_asym_id 
_pdbx_struct_special_symmetry.auth_comp_id 
_pdbx_struct_special_symmetry.auth_seq_id 
_pdbx_struct_special_symmetry.PDB_ins_code 
_pdbx_struct_special_symmetry.label_asym_id 
_pdbx_struct_special_symmetry.label_comp_id 
_pdbx_struct_special_symmetry.label_seq_id 
1 1 A CA  501  ? C CA  . 
2 1 A HOH 1004 ? K HOH . 
# 
loop_
_pdbx_struct_conn_angle.id 
_pdbx_struct_conn_angle.ptnr1_label_atom_id 
_pdbx_struct_conn_angle.ptnr1_label_alt_id 
_pdbx_struct_conn_angle.ptnr1_label_asym_id 
_pdbx_struct_conn_angle.ptnr1_label_comp_id 
_pdbx_struct_conn_angle.ptnr1_label_seq_id 
_pdbx_struct_conn_angle.ptnr1_auth_atom_id 
_pdbx_struct_conn_angle.ptnr1_auth_asym_id 
_pdbx_struct_conn_angle.ptnr1_auth_comp_id 
_pdbx_struct_conn_angle.ptnr1_auth_seq_id 
_pdbx_struct_conn_angle.ptnr1_PDB_ins_code 
_pdbx_struct_conn_angle.ptnr1_symmetry 
_pdbx_struct_conn_angle.ptnr2_label_atom_id 
_pdbx_struct_conn_angle.ptnr2_label_alt_id 
_pdbx_struct_conn_angle.ptnr2_label_asym_id 
_pdbx_struct_conn_angle.ptnr2_label_comp_id 
_pdbx_struct_conn_angle.ptnr2_label_seq_id 
_pdbx_struct_conn_angle.ptnr2_auth_atom_id 
_pdbx_struct_conn_angle.ptnr2_auth_asym_id 
_pdbx_struct_conn_angle.ptnr2_auth_comp_id 
_pdbx_struct_conn_angle.ptnr2_auth_seq_id 
_pdbx_struct_conn_angle.ptnr2_PDB_ins_code 
_pdbx_struct_conn_angle.ptnr2_symmetry 
_pdbx_struct_conn_angle.ptnr3_label_atom_id 
_pdbx_struct_conn_angle.ptnr3_label_alt_id 
_pdbx_struct_conn_angle.ptnr3_label_asym_id 
_pdbx_struct_conn_angle.ptnr3_label_comp_id 
_pdbx_struct_conn_angle.ptnr3_label_seq_id 
_pdbx_struct_conn_angle.ptnr3_auth_atom_id 
_pdbx_struct_conn_angle.ptnr3_auth_asym_id 
_pdbx_struct_conn_angle.ptnr3_auth_comp_id 
_pdbx_struct_conn_angle.ptnr3_auth_seq_id 
_pdbx_struct_conn_angle.ptnr3_PDB_ins_code 
_pdbx_struct_conn_angle.ptnr3_symmetry 
_pdbx_struct_conn_angle.value 
_pdbx_struct_conn_angle.value_esd 
1  OG1 ? A THR 40  ? A THR 152  ? 1_555  MG ? B MG . ? A MG 402 ? 1_555 O3B ? D GDP .   ? A GDP 401  ? 1_555  83.8  ? 
2  OG1 ? A THR 40  ? A THR 152  ? 1_555  MG ? B MG . ? A MG 402 ? 1_555 O   ? K HOH .   ? A HOH 1013 ? 1_555  80.6  ? 
3  O3B ? D GDP .   ? A GDP 401  ? 1_555  MG ? B MG . ? A MG 402 ? 1_555 O   ? K HOH .   ? A HOH 1013 ? 1_555  89.6  ? 
4  OG1 ? A THR 40  ? A THR 152  ? 1_555  MG ? B MG . ? A MG 402 ? 1_555 O   ? K HOH .   ? A HOH 1014 ? 1_555  84.6  ? 
5  O3B ? D GDP .   ? A GDP 401  ? 1_555  MG ? B MG . ? A MG 402 ? 1_555 O   ? K HOH .   ? A HOH 1014 ? 1_555  69.0  ? 
6  O   ? K HOH .   ? A HOH 1013 ? 1_555  MG ? B MG . ? A MG 402 ? 1_555 O   ? K HOH .   ? A HOH 1014 ? 1_555  155.1 ? 
7  OG1 ? A THR 40  ? A THR 152  ? 1_555  MG ? B MG . ? A MG 402 ? 1_555 O   ? K HOH .   ? A HOH 1015 ? 1_555  84.9  ? 
8  O3B ? D GDP .   ? A GDP 401  ? 1_555  MG ? B MG . ? A MG 402 ? 1_555 O   ? K HOH .   ? A HOH 1015 ? 1_555  165.2 ? 
9  O   ? K HOH .   ? A HOH 1013 ? 1_555  MG ? B MG . ? A MG 402 ? 1_555 O   ? K HOH .   ? A HOH 1015 ? 1_555  97.9  ? 
10 O   ? K HOH .   ? A HOH 1014 ? 1_555  MG ? B MG . ? A MG 402 ? 1_555 O   ? K HOH .   ? A HOH 1015 ? 1_555  100.5 ? 
11 OD2 ? A ASP 178 ? A ASP 290  ? 1_555  CA ? C CA . ? A CA 501 ? 1_555 OD2 ? A ASP 178 ? A ASP 290  ? 10_665 84.1  ? 
12 OD2 ? A ASP 178 ? A ASP 290  ? 1_555  CA ? C CA . ? A CA 501 ? 1_555 OE1 ? A GLU 179 ? A GLU 291  ? 1_555  100.4 ? 
13 OD2 ? A ASP 178 ? A ASP 290  ? 10_665 CA ? C CA . ? A CA 501 ? 1_555 OE1 ? A GLU 179 ? A GLU 291  ? 1_555  164.9 ? 
14 OD2 ? A ASP 178 ? A ASP 290  ? 1_555  CA ? C CA . ? A CA 501 ? 1_555 OE2 ? A GLU 179 ? A GLU 291  ? 1_555  101.5 ? 
15 OD2 ? A ASP 178 ? A ASP 290  ? 10_665 CA ? C CA . ? A CA 501 ? 1_555 OE2 ? A GLU 179 ? A GLU 291  ? 1_555  142.7 ? 
16 OE1 ? A GLU 179 ? A GLU 291  ? 1_555  CA ? C CA . ? A CA 501 ? 1_555 OE2 ? A GLU 179 ? A GLU 291  ? 1_555  51.0  ? 
17 OD2 ? A ASP 178 ? A ASP 290  ? 1_555  CA ? C CA . ? A CA 501 ? 1_555 OE1 ? A GLU 179 ? A GLU 291  ? 10_665 171.4 ? 
18 OD2 ? A ASP 178 ? A ASP 290  ? 10_665 CA ? C CA . ? A CA 501 ? 1_555 OE1 ? A GLU 179 ? A GLU 291  ? 10_665 94.2  ? 
19 OE1 ? A GLU 179 ? A GLU 291  ? 1_555  CA ? C CA . ? A CA 501 ? 1_555 OE1 ? A GLU 179 ? A GLU 291  ? 10_665 83.5  ? 
20 OE2 ? A GLU 179 ? A GLU 291  ? 1_555  CA ? C CA . ? A CA 501 ? 1_555 OE1 ? A GLU 179 ? A GLU 291  ? 10_665 74.9  ? 
21 OD2 ? A ASP 178 ? A ASP 290  ? 1_555  CA ? C CA . ? A CA 501 ? 1_555 OE2 ? A GLU 179 ? A GLU 291  ? 10_665 140.2 ? 
22 OD2 ? A ASP 178 ? A ASP 290  ? 10_665 CA ? C CA . ? A CA 501 ? 1_555 OE2 ? A GLU 179 ? A GLU 291  ? 10_665 93.6  ? 
23 OE1 ? A GLU 179 ? A GLU 291  ? 1_555  CA ? C CA . ? A CA 501 ? 1_555 OE2 ? A GLU 179 ? A GLU 291  ? 10_665 73.7  ? 
24 OE2 ? A GLU 179 ? A GLU 291  ? 1_555  CA ? C CA . ? A CA 501 ? 1_555 OE2 ? A GLU 179 ? A GLU 291  ? 10_665 103.9 ? 
25 OE1 ? A GLU 179 ? A GLU 291  ? 10_665 CA ? C CA . ? A CA 501 ? 1_555 OE2 ? A GLU 179 ? A GLU 291  ? 10_665 48.2  ? 
26 OD2 ? A ASP 178 ? A ASP 290  ? 1_555  CA ? C CA . ? A CA 501 ? 1_555 O   ? K HOH .   ? A HOH 1001 ? 1_555  73.3  ? 
27 OD2 ? A ASP 178 ? A ASP 290  ? 10_665 CA ? C CA . ? A CA 501 ? 1_555 O   ? K HOH .   ? A HOH 1001 ? 1_555  78.7  ? 
28 OE1 ? A GLU 179 ? A GLU 291  ? 1_555  CA ? C CA . ? A CA 501 ? 1_555 O   ? K HOH .   ? A HOH 1001 ? 1_555  88.6  ? 
29 OE2 ? A GLU 179 ? A GLU 291  ? 1_555  CA ? C CA . ? A CA 501 ? 1_555 O   ? K HOH .   ? A HOH 1001 ? 1_555  138.4 ? 
30 OE1 ? A GLU 179 ? A GLU 291  ? 10_665 CA ? C CA . ? A CA 501 ? 1_555 O   ? K HOH .   ? A HOH 1001 ? 1_555  114.6 ? 
31 OE2 ? A GLU 179 ? A GLU 291  ? 10_665 CA ? C CA . ? A CA 501 ? 1_555 O   ? K HOH .   ? A HOH 1001 ? 1_555  67.3  ? 
32 OD2 ? A ASP 178 ? A ASP 290  ? 1_555  CA ? C CA . ? A CA 501 ? 1_555 O   ? K HOH .   ? A HOH 1001 ? 10_665 83.1  ? 
33 OD2 ? A ASP 178 ? A ASP 290  ? 10_665 CA ? C CA . ? A CA 501 ? 1_555 O   ? K HOH .   ? A HOH 1001 ? 10_665 73.0  ? 
34 OE1 ? A GLU 179 ? A GLU 291  ? 1_555  CA ? C CA . ? A CA 501 ? 1_555 O   ? K HOH .   ? A HOH 1001 ? 10_665 121.7 ? 
35 OE2 ? A GLU 179 ? A GLU 291  ? 1_555  CA ? C CA . ? A CA 501 ? 1_555 O   ? K HOH .   ? A HOH 1001 ? 10_665 71.2  ? 
36 OE1 ? A GLU 179 ? A GLU 291  ? 10_665 CA ? C CA . ? A CA 501 ? 1_555 O   ? K HOH .   ? A HOH 1001 ? 10_665 88.4  ? 
37 OE2 ? A GLU 179 ? A GLU 291  ? 10_665 CA ? C CA . ? A CA 501 ? 1_555 O   ? K HOH .   ? A HOH 1001 ? 10_665 134.2 ? 
38 O   ? K HOH .   ? A HOH 1001 ? 1_555  CA ? C CA . ? A CA 501 ? 1_555 O   ? K HOH .   ? A HOH 1001 ? 10_665 144.8 ? 
# 
loop_
_pdbx_audit_revision_history.ordinal 
_pdbx_audit_revision_history.data_content_type 
_pdbx_audit_revision_history.major_revision 
_pdbx_audit_revision_history.minor_revision 
_pdbx_audit_revision_history.revision_date 
1 'Structure model' 1 0 2006-10-10 
2 'Structure model' 1 1 2008-05-01 
3 'Structure model' 1 2 2011-07-13 
4 'Structure model' 1 3 2017-10-18 
5 'Structure model' 1 4 2023-08-30 
# 
_pdbx_audit_revision_details.ordinal             1 
_pdbx_audit_revision_details.revision_ordinal    1 
_pdbx_audit_revision_details.data_content_type   'Structure model' 
_pdbx_audit_revision_details.provider            repository 
_pdbx_audit_revision_details.type                'Initial release' 
_pdbx_audit_revision_details.description         ? 
_pdbx_audit_revision_details.details             ? 
# 
loop_
_pdbx_audit_revision_group.ordinal 
_pdbx_audit_revision_group.revision_ordinal 
_pdbx_audit_revision_group.data_content_type 
_pdbx_audit_revision_group.group 
1 2 'Structure model' 'Version format compliance' 
2 3 'Structure model' Advisory                    
3 3 'Structure model' 'Derived calculations'      
4 3 'Structure model' 'Version format compliance' 
5 4 'Structure model' 'Refinement description'    
6 5 'Structure model' 'Data collection'           
7 5 'Structure model' 'Database references'       
8 5 'Structure model' 'Derived calculations'      
9 5 'Structure model' 'Refinement description'    
# 
loop_
_pdbx_audit_revision_category.ordinal 
_pdbx_audit_revision_category.revision_ordinal 
_pdbx_audit_revision_category.data_content_type 
_pdbx_audit_revision_category.category 
1 4 'Structure model' software                      
2 5 'Structure model' chem_comp_atom                
3 5 'Structure model' chem_comp_bond                
4 5 'Structure model' database_2                    
5 5 'Structure model' pdbx_initial_refinement_model 
6 5 'Structure model' pdbx_struct_conn_angle        
7 5 'Structure model' struct_conn                   
8 5 'Structure model' struct_ref_seq_dif            
9 5 'Structure model' struct_site                   
# 
loop_
_pdbx_audit_revision_item.ordinal 
_pdbx_audit_revision_item.revision_ordinal 
_pdbx_audit_revision_item.data_content_type 
_pdbx_audit_revision_item.item 
1  4 'Structure model' '_software.classification'                    
2  4 'Structure model' '_software.contact_author'                    
3  4 'Structure model' '_software.contact_author_email'              
4  4 'Structure model' '_software.date'                              
5  4 'Structure model' '_software.language'                          
6  4 'Structure model' '_software.location'                          
7  4 'Structure model' '_software.name'                              
8  4 'Structure model' '_software.type'                              
9  4 'Structure model' '_software.version'                           
10 5 'Structure model' '_database_2.pdbx_DOI'                        
11 5 'Structure model' '_database_2.pdbx_database_accession'         
12 5 'Structure model' '_pdbx_struct_conn_angle.ptnr1_auth_comp_id'  
13 5 'Structure model' '_pdbx_struct_conn_angle.ptnr1_auth_seq_id'   
14 5 'Structure model' '_pdbx_struct_conn_angle.ptnr1_label_asym_id' 
15 5 'Structure model' '_pdbx_struct_conn_angle.ptnr1_label_atom_id' 
16 5 'Structure model' '_pdbx_struct_conn_angle.ptnr1_label_comp_id' 
17 5 'Structure model' '_pdbx_struct_conn_angle.ptnr1_label_seq_id'  
18 5 'Structure model' '_pdbx_struct_conn_angle.ptnr1_symmetry'      
19 5 'Structure model' '_pdbx_struct_conn_angle.ptnr3_auth_comp_id'  
20 5 'Structure model' '_pdbx_struct_conn_angle.ptnr3_auth_seq_id'   
21 5 'Structure model' '_pdbx_struct_conn_angle.ptnr3_label_asym_id' 
22 5 'Structure model' '_pdbx_struct_conn_angle.ptnr3_label_atom_id' 
23 5 'Structure model' '_pdbx_struct_conn_angle.ptnr3_label_comp_id' 
24 5 'Structure model' '_pdbx_struct_conn_angle.ptnr3_label_seq_id'  
25 5 'Structure model' '_pdbx_struct_conn_angle.ptnr3_symmetry'      
26 5 'Structure model' '_pdbx_struct_conn_angle.value'               
27 5 'Structure model' '_struct_conn.pdbx_dist_value'                
28 5 'Structure model' '_struct_conn.ptnr1_auth_comp_id'             
29 5 'Structure model' '_struct_conn.ptnr1_auth_seq_id'              
30 5 'Structure model' '_struct_conn.ptnr1_label_asym_id'            
31 5 'Structure model' '_struct_conn.ptnr1_label_atom_id'            
32 5 'Structure model' '_struct_conn.ptnr1_label_comp_id'            
33 5 'Structure model' '_struct_conn.ptnr1_label_seq_id'             
34 5 'Structure model' '_struct_conn.ptnr1_symmetry'                 
35 5 'Structure model' '_struct_conn.ptnr2_auth_comp_id'             
36 5 'Structure model' '_struct_conn.ptnr2_auth_seq_id'              
37 5 'Structure model' '_struct_conn.ptnr2_label_asym_id'            
38 5 'Structure model' '_struct_conn.ptnr2_label_atom_id'            
39 5 'Structure model' '_struct_conn.ptnr2_label_comp_id'            
40 5 'Structure model' '_struct_conn.ptnr2_label_seq_id'             
41 5 'Structure model' '_struct_conn.ptnr2_symmetry'                 
42 5 'Structure model' '_struct_ref_seq_dif.details'                 
43 5 'Structure model' '_struct_site.pdbx_auth_asym_id'              
44 5 'Structure model' '_struct_site.pdbx_auth_comp_id'              
45 5 'Structure model' '_struct_site.pdbx_auth_seq_id'               
# 
loop_
_pdbx_refine_tls.id 
_pdbx_refine_tls.details 
_pdbx_refine_tls.method 
_pdbx_refine_tls.origin_x 
_pdbx_refine_tls.origin_y 
_pdbx_refine_tls.origin_z 
_pdbx_refine_tls.T[1][1] 
_pdbx_refine_tls.T[2][2] 
_pdbx_refine_tls.T[3][3] 
_pdbx_refine_tls.T[1][2] 
_pdbx_refine_tls.T[1][3] 
_pdbx_refine_tls.T[2][3] 
_pdbx_refine_tls.L[1][1] 
_pdbx_refine_tls.L[2][2] 
_pdbx_refine_tls.L[3][3] 
_pdbx_refine_tls.L[1][2] 
_pdbx_refine_tls.L[1][3] 
_pdbx_refine_tls.L[2][3] 
_pdbx_refine_tls.S[1][1] 
_pdbx_refine_tls.S[2][2] 
_pdbx_refine_tls.S[3][3] 
_pdbx_refine_tls.S[1][2] 
_pdbx_refine_tls.S[1][3] 
_pdbx_refine_tls.S[2][3] 
_pdbx_refine_tls.S[2][1] 
_pdbx_refine_tls.S[3][1] 
_pdbx_refine_tls.S[3][2] 
_pdbx_refine_tls.pdbx_refine_id 
1 ? refined -0.1887 0.3283  0.0609 0.0170 -0.2305 -0.1117 0.0374 -0.0898 -0.0310 1.8649  1.9925  4.7227  0.1243 0.1629 -1.1844 -0.1710 0.0244 0.1466  -0.0183 -0.1849 -0.1490 -0.1615 -0.3825 0.0470 'X-RAY DIFFRACTION' 
2 ? refined -6.5634 10.1171 6.8811 0.4370 -0.1478 -0.0518 0.3190 -0.1433 -0.0860 15.1855 11.4788 11.7660 5.8674 2.5647 -9.2264 -0.3930 0.7062 -0.3132 -1.2454 0.4022  0.7876  0.2515  -0.7545 0.0505 'X-RAY DIFFRACTION' 
# 
loop_
_pdbx_refine_tls_group.id 
_pdbx_refine_tls_group.refine_tls_id 
_pdbx_refine_tls_group.beg_label_asym_id 
_pdbx_refine_tls_group.beg_label_seq_id 
_pdbx_refine_tls_group.end_label_asym_id 
_pdbx_refine_tls_group.end_label_seq_id 
_pdbx_refine_tls_group.selection 
_pdbx_refine_tls_group.beg_auth_asym_id 
_pdbx_refine_tls_group.beg_auth_seq_id 
_pdbx_refine_tls_group.end_auth_asym_id 
_pdbx_refine_tls_group.end_auth_seq_id 
_pdbx_refine_tls_group.pdbx_refine_id 
_pdbx_refine_tls_group.selection_details 
1 1 A 22 A 192 ALL A 134 A 304 'X-RAY DIFFRACTION' ? 
2 2 D 1  D 1   ALL A 401 A 401 'X-RAY DIFFRACTION' ? 
# 
_pdbx_phasing_MR.entry_id                     2IL1 
_pdbx_phasing_MR.method_rotation              ? 
_pdbx_phasing_MR.method_translation           ? 
_pdbx_phasing_MR.model_details                ? 
_pdbx_phasing_MR.R_factor                     ? 
_pdbx_phasing_MR.R_rigid_body                 ? 
_pdbx_phasing_MR.correlation_coeff_Fo_to_Fc   ? 
_pdbx_phasing_MR.correlation_coeff_Io_to_Ic   ? 
_pdbx_phasing_MR.d_res_high_rotation          2.500 
_pdbx_phasing_MR.d_res_low_rotation           39.350 
_pdbx_phasing_MR.d_res_high_translation       2.500 
_pdbx_phasing_MR.d_res_low_translation        39.350 
_pdbx_phasing_MR.packing                      ? 
_pdbx_phasing_MR.reflns_percent_rotation      ? 
_pdbx_phasing_MR.reflns_percent_translation   ? 
_pdbx_phasing_MR.sigma_F_rotation             ? 
_pdbx_phasing_MR.sigma_F_translation          ? 
_pdbx_phasing_MR.sigma_I_rotation             ? 
_pdbx_phasing_MR.sigma_I_translation          ? 
# 
_phasing.method   mr 
# 
loop_
_software.name 
_software.version 
_software.date 
_software.type 
_software.contact_author 
_software.contact_author_email 
_software.classification 
_software.location 
_software.language 
_software.citation_id 
_software.pdbx_ordinal 
DENZO       .        ?              package 'Zbyszek Otwinowski' zbyszek@mix.swmed.edu       'data reduction'  
http://www.lnls.br/infra/linhasluz/denzo-hkl.htm ?   ? 1 
SCALEPACK   .        ?              package 'Zbyszek Otwinowski' zbyszek@mix.swmed.edu       'data scaling'    
http://www.lnls.br/infra/linhasluz/denzo-hkl.htm ?   ? 2 
PHASER      .        ?              program 'R. J. Read'         cimr-phaser@lists.cam.ac.uk phasing           
http://www-structmed.cimr.cam.ac.uk/phaser/      ?   ? 3 
PDB_EXTRACT 1.701    'Nov. 1, 2005' package PDB                  sw-help@rcsb.rutgers.edu    'data extraction' 
http://pdb.rutgers.edu/software/                 C++ ? 4 
HKL-2000    .        ?              ?       ?                    ?                           'data scaling'    ? ?   ? 5 
REFMAC      5.2.0019 ?              ?       ?                    ?                           refinement        ? ?   ? 6 
ARP/wARP    .        ?              ?       ?                    ?                           'model building'  ? ?   ? 7 
MolProbity  .        ?              ?       ?                    ?                           'model building'  ? ?   ? 8 
Coot        .        ?              ?       ?                    ?                           'model building'  ? ?   ? 9 
# 
_pdbx_database_remark.id     300 
_pdbx_database_remark.text   
;BIOMOLECULE: 1
THIS ENTRY CONTAINS THE CRYSTALLOGRAPHIC ASYMMETRIC UNIT 
WHICH CONSISTS OF 1 CHAIN(S). THE BIOLOGICAL UNIT OF THE 
PROTEIN IS NOT KNOWN
;
# 
_pdbx_validate_close_contact.id               1 
_pdbx_validate_close_contact.PDB_model_num    1 
_pdbx_validate_close_contact.auth_atom_id_1   SG 
_pdbx_validate_close_contact.auth_asym_id_1   A 
_pdbx_validate_close_contact.auth_comp_id_1   CYS 
_pdbx_validate_close_contact.auth_seq_id_1    255 
_pdbx_validate_close_contact.PDB_ins_code_1   ? 
_pdbx_validate_close_contact.label_alt_id_1   ? 
_pdbx_validate_close_contact.auth_atom_id_2   UNK 
_pdbx_validate_close_contact.auth_asym_id_2   A 
_pdbx_validate_close_contact.auth_comp_id_2   UNX 
_pdbx_validate_close_contact.auth_seq_id_2    1404 
_pdbx_validate_close_contact.PDB_ins_code_2   ? 
_pdbx_validate_close_contact.label_alt_id_2   ? 
_pdbx_validate_close_contact.dist             2.15 
# 
_pdbx_validate_rmsd_bond.id                        1 
_pdbx_validate_rmsd_bond.PDB_model_num             1 
_pdbx_validate_rmsd_bond.auth_atom_id_1            CB 
_pdbx_validate_rmsd_bond.auth_asym_id_1            A 
_pdbx_validate_rmsd_bond.auth_comp_id_1            CYS 
_pdbx_validate_rmsd_bond.auth_seq_id_1             279 
_pdbx_validate_rmsd_bond.PDB_ins_code_1            ? 
_pdbx_validate_rmsd_bond.label_alt_id_1            ? 
_pdbx_validate_rmsd_bond.auth_atom_id_2            SG 
_pdbx_validate_rmsd_bond.auth_asym_id_2            A 
_pdbx_validate_rmsd_bond.auth_comp_id_2            CYS 
_pdbx_validate_rmsd_bond.auth_seq_id_2             279 
_pdbx_validate_rmsd_bond.PDB_ins_code_2            ? 
_pdbx_validate_rmsd_bond.label_alt_id_2            ? 
_pdbx_validate_rmsd_bond.bond_value                1.708 
_pdbx_validate_rmsd_bond.bond_target_value         1.812 
_pdbx_validate_rmsd_bond.bond_deviation            -0.104 
_pdbx_validate_rmsd_bond.bond_standard_deviation   0.016 
_pdbx_validate_rmsd_bond.linker_flag               N 
# 
loop_
_pdbx_validate_torsion.id 
_pdbx_validate_torsion.PDB_model_num 
_pdbx_validate_torsion.auth_comp_id 
_pdbx_validate_torsion.auth_asym_id 
_pdbx_validate_torsion.auth_seq_id 
_pdbx_validate_torsion.PDB_ins_code 
_pdbx_validate_torsion.label_alt_id 
_pdbx_validate_torsion.phi 
_pdbx_validate_torsion.psi 
1 1 THR A 159 ? ? -103.96 -109.24 
2 1 LYS A 252 ? ? 75.23   34.68   
3 1 CYS A 255 ? ? -95.70  35.65   
# 
loop_
_pdbx_unobs_or_zero_occ_atoms.id 
_pdbx_unobs_or_zero_occ_atoms.PDB_model_num 
_pdbx_unobs_or_zero_occ_atoms.polymer_flag 
_pdbx_unobs_or_zero_occ_atoms.occupancy_flag 
_pdbx_unobs_or_zero_occ_atoms.auth_asym_id 
_pdbx_unobs_or_zero_occ_atoms.auth_comp_id 
_pdbx_unobs_or_zero_occ_atoms.auth_seq_id 
_pdbx_unobs_or_zero_occ_atoms.PDB_ins_code 
_pdbx_unobs_or_zero_occ_atoms.auth_atom_id 
_pdbx_unobs_or_zero_occ_atoms.label_alt_id 
_pdbx_unobs_or_zero_occ_atoms.label_asym_id 
_pdbx_unobs_or_zero_occ_atoms.label_comp_id 
_pdbx_unobs_or_zero_occ_atoms.label_seq_id 
_pdbx_unobs_or_zero_occ_atoms.label_atom_id 
1  1 Y 1 A LYS 138 ? NZ  ? A LYS 26  NZ  
2  1 Y 1 A GLU 181 ? CD  ? A GLU 69  CD  
3  1 Y 1 A GLU 181 ? OE1 ? A GLU 69  OE1 
4  1 Y 1 A GLU 181 ? OE2 ? A GLU 69  OE2 
5  1 Y 1 A ARG 183 ? NE  ? A ARG 71  NE  
6  1 Y 1 A ARG 183 ? CZ  ? A ARG 71  CZ  
7  1 Y 1 A ARG 183 ? NH1 ? A ARG 71  NH1 
8  1 Y 1 A ARG 183 ? NH2 ? A ARG 71  NH2 
9  1 Y 1 A LYS 185 ? CD  ? A LYS 73  CD  
10 1 Y 1 A LYS 185 ? CE  ? A LYS 73  CE  
11 1 Y 1 A LYS 185 ? NZ  ? A LYS 73  NZ  
12 1 Y 1 A LYS 186 ? CE  ? A LYS 74  CE  
13 1 Y 1 A LYS 186 ? NZ  ? A LYS 74  NZ  
14 1 Y 1 A ARG 209 ? NE  ? A ARG 97  NE  
15 1 Y 1 A ARG 209 ? CZ  ? A ARG 97  CZ  
16 1 Y 1 A ARG 209 ? NH1 ? A ARG 97  NH1 
17 1 Y 1 A ARG 209 ? NH2 ? A ARG 97  NH2 
18 1 Y 1 A LYS 223 ? CE  ? A LYS 111 CE  
19 1 Y 1 A LYS 223 ? NZ  ? A LYS 111 NZ  
20 1 Y 1 A GLU 242 ? CG  ? A GLU 130 CG  
21 1 Y 1 A GLU 242 ? CD  ? A GLU 130 CD  
22 1 Y 1 A GLU 242 ? OE1 ? A GLU 130 OE1 
23 1 Y 1 A GLU 242 ? OE2 ? A GLU 130 OE2 
24 1 Y 1 A GLN 264 ? CD  ? A GLN 152 CD  
25 1 Y 1 A GLN 264 ? OE1 ? A GLN 152 OE1 
26 1 Y 1 A GLN 264 ? NE2 ? A GLN 152 NE2 
27 1 Y 1 A LYS 268 ? CD  ? A LYS 156 CD  
28 1 Y 1 A LYS 268 ? CE  ? A LYS 156 CE  
29 1 Y 1 A LYS 268 ? NZ  ? A LYS 156 NZ  
30 1 Y 1 A GLN 271 ? OE1 ? A GLN 159 OE1 
31 1 Y 1 A GLN 271 ? NE2 ? A GLN 159 NE2 
32 1 Y 1 A LYS 284 ? CE  ? A LYS 172 CE  
33 1 Y 1 A LYS 284 ? NZ  ? A LYS 172 NZ  
34 1 Y 1 A LYS 303 ? CD  ? A LYS 191 CD  
35 1 Y 1 A LYS 303 ? CE  ? A LYS 191 CE  
36 1 Y 1 A LYS 303 ? NZ  ? A LYS 191 NZ  
# 
loop_
_pdbx_unobs_or_zero_occ_residues.id 
_pdbx_unobs_or_zero_occ_residues.PDB_model_num 
_pdbx_unobs_or_zero_occ_residues.polymer_flag 
_pdbx_unobs_or_zero_occ_residues.occupancy_flag 
_pdbx_unobs_or_zero_occ_residues.auth_asym_id 
_pdbx_unobs_or_zero_occ_residues.auth_comp_id 
_pdbx_unobs_or_zero_occ_residues.auth_seq_id 
_pdbx_unobs_or_zero_occ_residues.PDB_ins_code 
_pdbx_unobs_or_zero_occ_residues.label_asym_id 
_pdbx_unobs_or_zero_occ_residues.label_comp_id 
_pdbx_unobs_or_zero_occ_residues.label_seq_id 
1  1 Y 1 A MET 113 ? A MET 1  
2  1 Y 1 A GLY 114 ? A GLY 2  
3  1 Y 1 A SER 115 ? A SER 3  
4  1 Y 1 A SER 116 ? A SER 4  
5  1 Y 1 A HIS 117 ? A HIS 5  
6  1 Y 1 A HIS 118 ? A HIS 6  
7  1 Y 1 A HIS 119 ? A HIS 7  
8  1 Y 1 A HIS 120 ? A HIS 8  
9  1 Y 1 A HIS 121 ? A HIS 9  
10 1 Y 1 A HIS 122 ? A HIS 10 
11 1 Y 1 A SER 123 ? A SER 11 
12 1 Y 1 A SER 124 ? A SER 12 
13 1 Y 1 A GLY 125 ? A GLY 13 
14 1 Y 1 A LEU 126 ? A LEU 14 
15 1 Y 1 A VAL 127 ? A VAL 15 
16 1 Y 1 A PRO 128 ? A PRO 16 
17 1 Y 1 A ARG 129 ? A ARG 17 
18 1 Y 1 A GLY 130 ? A GLY 18 
19 1 Y 1 A SER 131 ? A SER 19 
20 1 Y 1 A PRO 132 ? A PRO 20 
21 1 Y 1 A ARG 133 ? A ARG 21 
22 1 Y 1 A ASP 161 ? A ASP 49 
23 1 Y 1 A THR 162 ? A THR 50 
24 1 Y 1 A PHE 163 ? A PHE 51 
25 1 Y 1 A CYS 164 ? A CYS 52 
26 1 Y 1 A GLU 165 ? A GLU 53 
27 1 Y 1 A ALA 166 ? A ALA 54 
28 1 Y 1 A CYS 167 ? A CYS 55 
29 1 Y 1 A LYS 168 ? A LYS 56 
# 
loop_
_chem_comp_atom.comp_id 
_chem_comp_atom.atom_id 
_chem_comp_atom.type_symbol 
_chem_comp_atom.pdbx_aromatic_flag 
_chem_comp_atom.pdbx_stereo_config 
_chem_comp_atom.pdbx_ordinal 
ALA N      N  N N 1   
ALA CA     C  N S 2   
ALA C      C  N N 3   
ALA O      O  N N 4   
ALA CB     C  N N 5   
ALA OXT    O  N N 6   
ALA H      H  N N 7   
ALA H2     H  N N 8   
ALA HA     H  N N 9   
ALA HB1    H  N N 10  
ALA HB2    H  N N 11  
ALA HB3    H  N N 12  
ALA HXT    H  N N 13  
ARG N      N  N N 14  
ARG CA     C  N S 15  
ARG C      C  N N 16  
ARG O      O  N N 17  
ARG CB     C  N N 18  
ARG CG     C  N N 19  
ARG CD     C  N N 20  
ARG NE     N  N N 21  
ARG CZ     C  N N 22  
ARG NH1    N  N N 23  
ARG NH2    N  N N 24  
ARG OXT    O  N N 25  
ARG H      H  N N 26  
ARG H2     H  N N 27  
ARG HA     H  N N 28  
ARG HB2    H  N N 29  
ARG HB3    H  N N 30  
ARG HG2    H  N N 31  
ARG HG3    H  N N 32  
ARG HD2    H  N N 33  
ARG HD3    H  N N 34  
ARG HE     H  N N 35  
ARG HH11   H  N N 36  
ARG HH12   H  N N 37  
ARG HH21   H  N N 38  
ARG HH22   H  N N 39  
ARG HXT    H  N N 40  
ASN N      N  N N 41  
ASN CA     C  N S 42  
ASN C      C  N N 43  
ASN O      O  N N 44  
ASN CB     C  N N 45  
ASN CG     C  N N 46  
ASN OD1    O  N N 47  
ASN ND2    N  N N 48  
ASN OXT    O  N N 49  
ASN H      H  N N 50  
ASN H2     H  N N 51  
ASN HA     H  N N 52  
ASN HB2    H  N N 53  
ASN HB3    H  N N 54  
ASN HD21   H  N N 55  
ASN HD22   H  N N 56  
ASN HXT    H  N N 57  
ASP N      N  N N 58  
ASP CA     C  N S 59  
ASP C      C  N N 60  
ASP O      O  N N 61  
ASP CB     C  N N 62  
ASP CG     C  N N 63  
ASP OD1    O  N N 64  
ASP OD2    O  N N 65  
ASP OXT    O  N N 66  
ASP H      H  N N 67  
ASP H2     H  N N 68  
ASP HA     H  N N 69  
ASP HB2    H  N N 70  
ASP HB3    H  N N 71  
ASP HD2    H  N N 72  
ASP HXT    H  N N 73  
CA  CA     CA N N 74  
CYS N      N  N N 75  
CYS CA     C  N R 76  
CYS C      C  N N 77  
CYS O      O  N N 78  
CYS CB     C  N N 79  
CYS SG     S  N N 80  
CYS OXT    O  N N 81  
CYS H      H  N N 82  
CYS H2     H  N N 83  
CYS HA     H  N N 84  
CYS HB2    H  N N 85  
CYS HB3    H  N N 86  
CYS HG     H  N N 87  
CYS HXT    H  N N 88  
GDP PB     P  N N 89  
GDP O1B    O  N N 90  
GDP O2B    O  N N 91  
GDP O3B    O  N N 92  
GDP O3A    O  N N 93  
GDP PA     P  N N 94  
GDP O1A    O  N N 95  
GDP O2A    O  N N 96  
GDP "O5'"  O  N N 97  
GDP "C5'"  C  N N 98  
GDP "C4'"  C  N R 99  
GDP "O4'"  O  N N 100 
GDP "C3'"  C  N S 101 
GDP "O3'"  O  N N 102 
GDP "C2'"  C  N R 103 
GDP "O2'"  O  N N 104 
GDP "C1'"  C  N R 105 
GDP N9     N  Y N 106 
GDP C8     C  Y N 107 
GDP N7     N  Y N 108 
GDP C5     C  Y N 109 
GDP C6     C  N N 110 
GDP O6     O  N N 111 
GDP N1     N  N N 112 
GDP C2     C  N N 113 
GDP N2     N  N N 114 
GDP N3     N  N N 115 
GDP C4     C  Y N 116 
GDP HOB2   H  N N 117 
GDP HOB3   H  N N 118 
GDP HOA2   H  N N 119 
GDP "H5'"  H  N N 120 
GDP "H5''" H  N N 121 
GDP "H4'"  H  N N 122 
GDP "H3'"  H  N N 123 
GDP "HO3'" H  N N 124 
GDP "H2'"  H  N N 125 
GDP "HO2'" H  N N 126 
GDP "H1'"  H  N N 127 
GDP H8     H  N N 128 
GDP HN1    H  N N 129 
GDP HN21   H  N N 130 
GDP HN22   H  N N 131 
GLN N      N  N N 132 
GLN CA     C  N S 133 
GLN C      C  N N 134 
GLN O      O  N N 135 
GLN CB     C  N N 136 
GLN CG     C  N N 137 
GLN CD     C  N N 138 
GLN OE1    O  N N 139 
GLN NE2    N  N N 140 
GLN OXT    O  N N 141 
GLN H      H  N N 142 
GLN H2     H  N N 143 
GLN HA     H  N N 144 
GLN HB2    H  N N 145 
GLN HB3    H  N N 146 
GLN HG2    H  N N 147 
GLN HG3    H  N N 148 
GLN HE21   H  N N 149 
GLN HE22   H  N N 150 
GLN HXT    H  N N 151 
GLU N      N  N N 152 
GLU CA     C  N S 153 
GLU C      C  N N 154 
GLU O      O  N N 155 
GLU CB     C  N N 156 
GLU CG     C  N N 157 
GLU CD     C  N N 158 
GLU OE1    O  N N 159 
GLU OE2    O  N N 160 
GLU OXT    O  N N 161 
GLU H      H  N N 162 
GLU H2     H  N N 163 
GLU HA     H  N N 164 
GLU HB2    H  N N 165 
GLU HB3    H  N N 166 
GLU HG2    H  N N 167 
GLU HG3    H  N N 168 
GLU HE2    H  N N 169 
GLU HXT    H  N N 170 
GLY N      N  N N 171 
GLY CA     C  N N 172 
GLY C      C  N N 173 
GLY O      O  N N 174 
GLY OXT    O  N N 175 
GLY H      H  N N 176 
GLY H2     H  N N 177 
GLY HA2    H  N N 178 
GLY HA3    H  N N 179 
GLY HXT    H  N N 180 
HIS N      N  N N 181 
HIS CA     C  N S 182 
HIS C      C  N N 183 
HIS O      O  N N 184 
HIS CB     C  N N 185 
HIS CG     C  Y N 186 
HIS ND1    N  Y N 187 
HIS CD2    C  Y N 188 
HIS CE1    C  Y N 189 
HIS NE2    N  Y N 190 
HIS OXT    O  N N 191 
HIS H      H  N N 192 
HIS H2     H  N N 193 
HIS HA     H  N N 194 
HIS HB2    H  N N 195 
HIS HB3    H  N N 196 
HIS HD1    H  N N 197 
HIS HD2    H  N N 198 
HIS HE1    H  N N 199 
HIS HE2    H  N N 200 
HIS HXT    H  N N 201 
HOH O      O  N N 202 
HOH H1     H  N N 203 
HOH H2     H  N N 204 
ILE N      N  N N 205 
ILE CA     C  N S 206 
ILE C      C  N N 207 
ILE O      O  N N 208 
ILE CB     C  N S 209 
ILE CG1    C  N N 210 
ILE CG2    C  N N 211 
ILE CD1    C  N N 212 
ILE OXT    O  N N 213 
ILE H      H  N N 214 
ILE H2     H  N N 215 
ILE HA     H  N N 216 
ILE HB     H  N N 217 
ILE HG12   H  N N 218 
ILE HG13   H  N N 219 
ILE HG21   H  N N 220 
ILE HG22   H  N N 221 
ILE HG23   H  N N 222 
ILE HD11   H  N N 223 
ILE HD12   H  N N 224 
ILE HD13   H  N N 225 
ILE HXT    H  N N 226 
LEU N      N  N N 227 
LEU CA     C  N S 228 
LEU C      C  N N 229 
LEU O      O  N N 230 
LEU CB     C  N N 231 
LEU CG     C  N N 232 
LEU CD1    C  N N 233 
LEU CD2    C  N N 234 
LEU OXT    O  N N 235 
LEU H      H  N N 236 
LEU H2     H  N N 237 
LEU HA     H  N N 238 
LEU HB2    H  N N 239 
LEU HB3    H  N N 240 
LEU HG     H  N N 241 
LEU HD11   H  N N 242 
LEU HD12   H  N N 243 
LEU HD13   H  N N 244 
LEU HD21   H  N N 245 
LEU HD22   H  N N 246 
LEU HD23   H  N N 247 
LEU HXT    H  N N 248 
LYS N      N  N N 249 
LYS CA     C  N S 250 
LYS C      C  N N 251 
LYS O      O  N N 252 
LYS CB     C  N N 253 
LYS CG     C  N N 254 
LYS CD     C  N N 255 
LYS CE     C  N N 256 
LYS NZ     N  N N 257 
LYS OXT    O  N N 258 
LYS H      H  N N 259 
LYS H2     H  N N 260 
LYS HA     H  N N 261 
LYS HB2    H  N N 262 
LYS HB3    H  N N 263 
LYS HG2    H  N N 264 
LYS HG3    H  N N 265 
LYS HD2    H  N N 266 
LYS HD3    H  N N 267 
LYS HE2    H  N N 268 
LYS HE3    H  N N 269 
LYS HZ1    H  N N 270 
LYS HZ2    H  N N 271 
LYS HZ3    H  N N 272 
LYS HXT    H  N N 273 
MET N      N  N N 274 
MET CA     C  N S 275 
MET C      C  N N 276 
MET O      O  N N 277 
MET CB     C  N N 278 
MET CG     C  N N 279 
MET SD     S  N N 280 
MET CE     C  N N 281 
MET OXT    O  N N 282 
MET H      H  N N 283 
MET H2     H  N N 284 
MET HA     H  N N 285 
MET HB2    H  N N 286 
MET HB3    H  N N 287 
MET HG2    H  N N 288 
MET HG3    H  N N 289 
MET HE1    H  N N 290 
MET HE2    H  N N 291 
MET HE3    H  N N 292 
MET HXT    H  N N 293 
MG  MG     MG N N 294 
PHE N      N  N N 295 
PHE CA     C  N S 296 
PHE C      C  N N 297 
PHE O      O  N N 298 
PHE CB     C  N N 299 
PHE CG     C  Y N 300 
PHE CD1    C  Y N 301 
PHE CD2    C  Y N 302 
PHE CE1    C  Y N 303 
PHE CE2    C  Y N 304 
PHE CZ     C  Y N 305 
PHE OXT    O  N N 306 
PHE H      H  N N 307 
PHE H2     H  N N 308 
PHE HA     H  N N 309 
PHE HB2    H  N N 310 
PHE HB3    H  N N 311 
PHE HD1    H  N N 312 
PHE HD2    H  N N 313 
PHE HE1    H  N N 314 
PHE HE2    H  N N 315 
PHE HZ     H  N N 316 
PHE HXT    H  N N 317 
PRO N      N  N N 318 
PRO CA     C  N S 319 
PRO C      C  N N 320 
PRO O      O  N N 321 
PRO CB     C  N N 322 
PRO CG     C  N N 323 
PRO CD     C  N N 324 
PRO OXT    O  N N 325 
PRO H      H  N N 326 
PRO HA     H  N N 327 
PRO HB2    H  N N 328 
PRO HB3    H  N N 329 
PRO HG2    H  N N 330 
PRO HG3    H  N N 331 
PRO HD2    H  N N 332 
PRO HD3    H  N N 333 
PRO HXT    H  N N 334 
SER N      N  N N 335 
SER CA     C  N S 336 
SER C      C  N N 337 
SER O      O  N N 338 
SER CB     C  N N 339 
SER OG     O  N N 340 
SER OXT    O  N N 341 
SER H      H  N N 342 
SER H2     H  N N 343 
SER HA     H  N N 344 
SER HB2    H  N N 345 
SER HB3    H  N N 346 
SER HG     H  N N 347 
SER HXT    H  N N 348 
THR N      N  N N 349 
THR CA     C  N S 350 
THR C      C  N N 351 
THR O      O  N N 352 
THR CB     C  N R 353 
THR OG1    O  N N 354 
THR CG2    C  N N 355 
THR OXT    O  N N 356 
THR H      H  N N 357 
THR H2     H  N N 358 
THR HA     H  N N 359 
THR HB     H  N N 360 
THR HG1    H  N N 361 
THR HG21   H  N N 362 
THR HG22   H  N N 363 
THR HG23   H  N N 364 
THR HXT    H  N N 365 
TRP N      N  N N 366 
TRP CA     C  N S 367 
TRP C      C  N N 368 
TRP O      O  N N 369 
TRP CB     C  N N 370 
TRP CG     C  Y N 371 
TRP CD1    C  Y N 372 
TRP CD2    C  Y N 373 
TRP NE1    N  Y N 374 
TRP CE2    C  Y N 375 
TRP CE3    C  Y N 376 
TRP CZ2    C  Y N 377 
TRP CZ3    C  Y N 378 
TRP CH2    C  Y N 379 
TRP OXT    O  N N 380 
TRP H      H  N N 381 
TRP H2     H  N N 382 
TRP HA     H  N N 383 
TRP HB2    H  N N 384 
TRP HB3    H  N N 385 
TRP HD1    H  N N 386 
TRP HE1    H  N N 387 
TRP HE3    H  N N 388 
TRP HZ2    H  N N 389 
TRP HZ3    H  N N 390 
TRP HH2    H  N N 391 
TRP HXT    H  N N 392 
TYR N      N  N N 393 
TYR CA     C  N S 394 
TYR C      C  N N 395 
TYR O      O  N N 396 
TYR CB     C  N N 397 
TYR CG     C  Y N 398 
TYR CD1    C  Y N 399 
TYR CD2    C  Y N 400 
TYR CE1    C  Y N 401 
TYR CE2    C  Y N 402 
TYR CZ     C  Y N 403 
TYR OH     O  N N 404 
TYR OXT    O  N N 405 
TYR H      H  N N 406 
TYR H2     H  N N 407 
TYR HA     H  N N 408 
TYR HB2    H  N N 409 
TYR HB3    H  N N 410 
TYR HD1    H  N N 411 
TYR HD2    H  N N 412 
TYR HE1    H  N N 413 
TYR HE2    H  N N 414 
TYR HH     H  N N 415 
TYR HXT    H  N N 416 
VAL N      N  N N 417 
VAL CA     C  N S 418 
VAL C      C  N N 419 
VAL O      O  N N 420 
VAL CB     C  N N 421 
VAL CG1    C  N N 422 
VAL CG2    C  N N 423 
VAL OXT    O  N N 424 
VAL H      H  N N 425 
VAL H2     H  N N 426 
VAL HA     H  N N 427 
VAL HB     H  N N 428 
VAL HG11   H  N N 429 
VAL HG12   H  N N 430 
VAL HG13   H  N N 431 
VAL HG21   H  N N 432 
VAL HG22   H  N N 433 
VAL HG23   H  N N 434 
VAL HXT    H  N N 435 
# 
loop_
_chem_comp_bond.comp_id 
_chem_comp_bond.atom_id_1 
_chem_comp_bond.atom_id_2 
_chem_comp_bond.value_order 
_chem_comp_bond.pdbx_aromatic_flag 
_chem_comp_bond.pdbx_stereo_config 
_chem_comp_bond.pdbx_ordinal 
ALA N     CA     sing N N 1   
ALA N     H      sing N N 2   
ALA N     H2     sing N N 3   
ALA CA    C      sing N N 4   
ALA CA    CB     sing N N 5   
ALA CA    HA     sing N N 6   
ALA C     O      doub N N 7   
ALA C     OXT    sing N N 8   
ALA CB    HB1    sing N N 9   
ALA CB    HB2    sing N N 10  
ALA CB    HB3    sing N N 11  
ALA OXT   HXT    sing N N 12  
ARG N     CA     sing N N 13  
ARG N     H      sing N N 14  
ARG N     H2     sing N N 15  
ARG CA    C      sing N N 16  
ARG CA    CB     sing N N 17  
ARG CA    HA     sing N N 18  
ARG C     O      doub N N 19  
ARG C     OXT    sing N N 20  
ARG CB    CG     sing N N 21  
ARG CB    HB2    sing N N 22  
ARG CB    HB3    sing N N 23  
ARG CG    CD     sing N N 24  
ARG CG    HG2    sing N N 25  
ARG CG    HG3    sing N N 26  
ARG CD    NE     sing N N 27  
ARG CD    HD2    sing N N 28  
ARG CD    HD3    sing N N 29  
ARG NE    CZ     sing N N 30  
ARG NE    HE     sing N N 31  
ARG CZ    NH1    sing N N 32  
ARG CZ    NH2    doub N N 33  
ARG NH1   HH11   sing N N 34  
ARG NH1   HH12   sing N N 35  
ARG NH2   HH21   sing N N 36  
ARG NH2   HH22   sing N N 37  
ARG OXT   HXT    sing N N 38  
ASN N     CA     sing N N 39  
ASN N     H      sing N N 40  
ASN N     H2     sing N N 41  
ASN CA    C      sing N N 42  
ASN CA    CB     sing N N 43  
ASN CA    HA     sing N N 44  
ASN C     O      doub N N 45  
ASN C     OXT    sing N N 46  
ASN CB    CG     sing N N 47  
ASN CB    HB2    sing N N 48  
ASN CB    HB3    sing N N 49  
ASN CG    OD1    doub N N 50  
ASN CG    ND2    sing N N 51  
ASN ND2   HD21   sing N N 52  
ASN ND2   HD22   sing N N 53  
ASN OXT   HXT    sing N N 54  
ASP N     CA     sing N N 55  
ASP N     H      sing N N 56  
ASP N     H2     sing N N 57  
ASP CA    C      sing N N 58  
ASP CA    CB     sing N N 59  
ASP CA    HA     sing N N 60  
ASP C     O      doub N N 61  
ASP C     OXT    sing N N 62  
ASP CB    CG     sing N N 63  
ASP CB    HB2    sing N N 64  
ASP CB    HB3    sing N N 65  
ASP CG    OD1    doub N N 66  
ASP CG    OD2    sing N N 67  
ASP OD2   HD2    sing N N 68  
ASP OXT   HXT    sing N N 69  
CYS N     CA     sing N N 70  
CYS N     H      sing N N 71  
CYS N     H2     sing N N 72  
CYS CA    C      sing N N 73  
CYS CA    CB     sing N N 74  
CYS CA    HA     sing N N 75  
CYS C     O      doub N N 76  
CYS C     OXT    sing N N 77  
CYS CB    SG     sing N N 78  
CYS CB    HB2    sing N N 79  
CYS CB    HB3    sing N N 80  
CYS SG    HG     sing N N 81  
CYS OXT   HXT    sing N N 82  
GDP PB    O1B    doub N N 83  
GDP PB    O2B    sing N N 84  
GDP PB    O3B    sing N N 85  
GDP PB    O3A    sing N N 86  
GDP O2B   HOB2   sing N N 87  
GDP O3B   HOB3   sing N N 88  
GDP O3A   PA     sing N N 89  
GDP PA    O1A    doub N N 90  
GDP PA    O2A    sing N N 91  
GDP PA    "O5'"  sing N N 92  
GDP O2A   HOA2   sing N N 93  
GDP "O5'" "C5'"  sing N N 94  
GDP "C5'" "C4'"  sing N N 95  
GDP "C5'" "H5'"  sing N N 96  
GDP "C5'" "H5''" sing N N 97  
GDP "C4'" "O4'"  sing N N 98  
GDP "C4'" "C3'"  sing N N 99  
GDP "C4'" "H4'"  sing N N 100 
GDP "O4'" "C1'"  sing N N 101 
GDP "C3'" "O3'"  sing N N 102 
GDP "C3'" "C2'"  sing N N 103 
GDP "C3'" "H3'"  sing N N 104 
GDP "O3'" "HO3'" sing N N 105 
GDP "C2'" "O2'"  sing N N 106 
GDP "C2'" "C1'"  sing N N 107 
GDP "C2'" "H2'"  sing N N 108 
GDP "O2'" "HO2'" sing N N 109 
GDP "C1'" N9     sing N N 110 
GDP "C1'" "H1'"  sing N N 111 
GDP N9    C8     sing Y N 112 
GDP N9    C4     sing Y N 113 
GDP C8    N7     doub Y N 114 
GDP C8    H8     sing N N 115 
GDP N7    C5     sing Y N 116 
GDP C5    C6     sing N N 117 
GDP C5    C4     doub Y N 118 
GDP C6    O6     doub N N 119 
GDP C6    N1     sing N N 120 
GDP N1    C2     sing N N 121 
GDP N1    HN1    sing N N 122 
GDP C2    N2     sing N N 123 
GDP C2    N3     doub N N 124 
GDP N2    HN21   sing N N 125 
GDP N2    HN22   sing N N 126 
GDP N3    C4     sing N N 127 
GLN N     CA     sing N N 128 
GLN N     H      sing N N 129 
GLN N     H2     sing N N 130 
GLN CA    C      sing N N 131 
GLN CA    CB     sing N N 132 
GLN CA    HA     sing N N 133 
GLN C     O      doub N N 134 
GLN C     OXT    sing N N 135 
GLN CB    CG     sing N N 136 
GLN CB    HB2    sing N N 137 
GLN CB    HB3    sing N N 138 
GLN CG    CD     sing N N 139 
GLN CG    HG2    sing N N 140 
GLN CG    HG3    sing N N 141 
GLN CD    OE1    doub N N 142 
GLN CD    NE2    sing N N 143 
GLN NE2   HE21   sing N N 144 
GLN NE2   HE22   sing N N 145 
GLN OXT   HXT    sing N N 146 
GLU N     CA     sing N N 147 
GLU N     H      sing N N 148 
GLU N     H2     sing N N 149 
GLU CA    C      sing N N 150 
GLU CA    CB     sing N N 151 
GLU CA    HA     sing N N 152 
GLU C     O      doub N N 153 
GLU C     OXT    sing N N 154 
GLU CB    CG     sing N N 155 
GLU CB    HB2    sing N N 156 
GLU CB    HB3    sing N N 157 
GLU CG    CD     sing N N 158 
GLU CG    HG2    sing N N 159 
GLU CG    HG3    sing N N 160 
GLU CD    OE1    doub N N 161 
GLU CD    OE2    sing N N 162 
GLU OE2   HE2    sing N N 163 
GLU OXT   HXT    sing N N 164 
GLY N     CA     sing N N 165 
GLY N     H      sing N N 166 
GLY N     H2     sing N N 167 
GLY CA    C      sing N N 168 
GLY CA    HA2    sing N N 169 
GLY CA    HA3    sing N N 170 
GLY C     O      doub N N 171 
GLY C     OXT    sing N N 172 
GLY OXT   HXT    sing N N 173 
HIS N     CA     sing N N 174 
HIS N     H      sing N N 175 
HIS N     H2     sing N N 176 
HIS CA    C      sing N N 177 
HIS CA    CB     sing N N 178 
HIS CA    HA     sing N N 179 
HIS C     O      doub N N 180 
HIS C     OXT    sing N N 181 
HIS CB    CG     sing N N 182 
HIS CB    HB2    sing N N 183 
HIS CB    HB3    sing N N 184 
HIS CG    ND1    sing Y N 185 
HIS CG    CD2    doub Y N 186 
HIS ND1   CE1    doub Y N 187 
HIS ND1   HD1    sing N N 188 
HIS CD2   NE2    sing Y N 189 
HIS CD2   HD2    sing N N 190 
HIS CE1   NE2    sing Y N 191 
HIS CE1   HE1    sing N N 192 
HIS NE2   HE2    sing N N 193 
HIS OXT   HXT    sing N N 194 
HOH O     H1     sing N N 195 
HOH O     H2     sing N N 196 
ILE N     CA     sing N N 197 
ILE N     H      sing N N 198 
ILE N     H2     sing N N 199 
ILE CA    C      sing N N 200 
ILE CA    CB     sing N N 201 
ILE CA    HA     sing N N 202 
ILE C     O      doub N N 203 
ILE C     OXT    sing N N 204 
ILE CB    CG1    sing N N 205 
ILE CB    CG2    sing N N 206 
ILE CB    HB     sing N N 207 
ILE CG1   CD1    sing N N 208 
ILE CG1   HG12   sing N N 209 
ILE CG1   HG13   sing N N 210 
ILE CG2   HG21   sing N N 211 
ILE CG2   HG22   sing N N 212 
ILE CG2   HG23   sing N N 213 
ILE CD1   HD11   sing N N 214 
ILE CD1   HD12   sing N N 215 
ILE CD1   HD13   sing N N 216 
ILE OXT   HXT    sing N N 217 
LEU N     CA     sing N N 218 
LEU N     H      sing N N 219 
LEU N     H2     sing N N 220 
LEU CA    C      sing N N 221 
LEU CA    CB     sing N N 222 
LEU CA    HA     sing N N 223 
LEU C     O      doub N N 224 
LEU C     OXT    sing N N 225 
LEU CB    CG     sing N N 226 
LEU CB    HB2    sing N N 227 
LEU CB    HB3    sing N N 228 
LEU CG    CD1    sing N N 229 
LEU CG    CD2    sing N N 230 
LEU CG    HG     sing N N 231 
LEU CD1   HD11   sing N N 232 
LEU CD1   HD12   sing N N 233 
LEU CD1   HD13   sing N N 234 
LEU CD2   HD21   sing N N 235 
LEU CD2   HD22   sing N N 236 
LEU CD2   HD23   sing N N 237 
LEU OXT   HXT    sing N N 238 
LYS N     CA     sing N N 239 
LYS N     H      sing N N 240 
LYS N     H2     sing N N 241 
LYS CA    C      sing N N 242 
LYS CA    CB     sing N N 243 
LYS CA    HA     sing N N 244 
LYS C     O      doub N N 245 
LYS C     OXT    sing N N 246 
LYS CB    CG     sing N N 247 
LYS CB    HB2    sing N N 248 
LYS CB    HB3    sing N N 249 
LYS CG    CD     sing N N 250 
LYS CG    HG2    sing N N 251 
LYS CG    HG3    sing N N 252 
LYS CD    CE     sing N N 253 
LYS CD    HD2    sing N N 254 
LYS CD    HD3    sing N N 255 
LYS CE    NZ     sing N N 256 
LYS CE    HE2    sing N N 257 
LYS CE    HE3    sing N N 258 
LYS NZ    HZ1    sing N N 259 
LYS NZ    HZ2    sing N N 260 
LYS NZ    HZ3    sing N N 261 
LYS OXT   HXT    sing N N 262 
MET N     CA     sing N N 263 
MET N     H      sing N N 264 
MET N     H2     sing N N 265 
MET CA    C      sing N N 266 
MET CA    CB     sing N N 267 
MET CA    HA     sing N N 268 
MET C     O      doub N N 269 
MET C     OXT    sing N N 270 
MET CB    CG     sing N N 271 
MET CB    HB2    sing N N 272 
MET CB    HB3    sing N N 273 
MET CG    SD     sing N N 274 
MET CG    HG2    sing N N 275 
MET CG    HG3    sing N N 276 
MET SD    CE     sing N N 277 
MET CE    HE1    sing N N 278 
MET CE    HE2    sing N N 279 
MET CE    HE3    sing N N 280 
MET OXT   HXT    sing N N 281 
PHE N     CA     sing N N 282 
PHE N     H      sing N N 283 
PHE N     H2     sing N N 284 
PHE CA    C      sing N N 285 
PHE CA    CB     sing N N 286 
PHE CA    HA     sing N N 287 
PHE C     O      doub N N 288 
PHE C     OXT    sing N N 289 
PHE CB    CG     sing N N 290 
PHE CB    HB2    sing N N 291 
PHE CB    HB3    sing N N 292 
PHE CG    CD1    doub Y N 293 
PHE CG    CD2    sing Y N 294 
PHE CD1   CE1    sing Y N 295 
PHE CD1   HD1    sing N N 296 
PHE CD2   CE2    doub Y N 297 
PHE CD2   HD2    sing N N 298 
PHE CE1   CZ     doub Y N 299 
PHE CE1   HE1    sing N N 300 
PHE CE2   CZ     sing Y N 301 
PHE CE2   HE2    sing N N 302 
PHE CZ    HZ     sing N N 303 
PHE OXT   HXT    sing N N 304 
PRO N     CA     sing N N 305 
PRO N     CD     sing N N 306 
PRO N     H      sing N N 307 
PRO CA    C      sing N N 308 
PRO CA    CB     sing N N 309 
PRO CA    HA     sing N N 310 
PRO C     O      doub N N 311 
PRO C     OXT    sing N N 312 
PRO CB    CG     sing N N 313 
PRO CB    HB2    sing N N 314 
PRO CB    HB3    sing N N 315 
PRO CG    CD     sing N N 316 
PRO CG    HG2    sing N N 317 
PRO CG    HG3    sing N N 318 
PRO CD    HD2    sing N N 319 
PRO CD    HD3    sing N N 320 
PRO OXT   HXT    sing N N 321 
SER N     CA     sing N N 322 
SER N     H      sing N N 323 
SER N     H2     sing N N 324 
SER CA    C      sing N N 325 
SER CA    CB     sing N N 326 
SER CA    HA     sing N N 327 
SER C     O      doub N N 328 
SER C     OXT    sing N N 329 
SER CB    OG     sing N N 330 
SER CB    HB2    sing N N 331 
SER CB    HB3    sing N N 332 
SER OG    HG     sing N N 333 
SER OXT   HXT    sing N N 334 
THR N     CA     sing N N 335 
THR N     H      sing N N 336 
THR N     H2     sing N N 337 
THR CA    C      sing N N 338 
THR CA    CB     sing N N 339 
THR CA    HA     sing N N 340 
THR C     O      doub N N 341 
THR C     OXT    sing N N 342 
THR CB    OG1    sing N N 343 
THR CB    CG2    sing N N 344 
THR CB    HB     sing N N 345 
THR OG1   HG1    sing N N 346 
THR CG2   HG21   sing N N 347 
THR CG2   HG22   sing N N 348 
THR CG2   HG23   sing N N 349 
THR OXT   HXT    sing N N 350 
TRP N     CA     sing N N 351 
TRP N     H      sing N N 352 
TRP N     H2     sing N N 353 
TRP CA    C      sing N N 354 
TRP CA    CB     sing N N 355 
TRP CA    HA     sing N N 356 
TRP C     O      doub N N 357 
TRP C     OXT    sing N N 358 
TRP CB    CG     sing N N 359 
TRP CB    HB2    sing N N 360 
TRP CB    HB3    sing N N 361 
TRP CG    CD1    doub Y N 362 
TRP CG    CD2    sing Y N 363 
TRP CD1   NE1    sing Y N 364 
TRP CD1   HD1    sing N N 365 
TRP CD2   CE2    doub Y N 366 
TRP CD2   CE3    sing Y N 367 
TRP NE1   CE2    sing Y N 368 
TRP NE1   HE1    sing N N 369 
TRP CE2   CZ2    sing Y N 370 
TRP CE3   CZ3    doub Y N 371 
TRP CE3   HE3    sing N N 372 
TRP CZ2   CH2    doub Y N 373 
TRP CZ2   HZ2    sing N N 374 
TRP CZ3   CH2    sing Y N 375 
TRP CZ3   HZ3    sing N N 376 
TRP CH2   HH2    sing N N 377 
TRP OXT   HXT    sing N N 378 
TYR N     CA     sing N N 379 
TYR N     H      sing N N 380 
TYR N     H2     sing N N 381 
TYR CA    C      sing N N 382 
TYR CA    CB     sing N N 383 
TYR CA    HA     sing N N 384 
TYR C     O      doub N N 385 
TYR C     OXT    sing N N 386 
TYR CB    CG     sing N N 387 
TYR CB    HB2    sing N N 388 
TYR CB    HB3    sing N N 389 
TYR CG    CD1    doub Y N 390 
TYR CG    CD2    sing Y N 391 
TYR CD1   CE1    sing Y N 392 
TYR CD1   HD1    sing N N 393 
TYR CD2   CE2    doub Y N 394 
TYR CD2   HD2    sing N N 395 
TYR CE1   CZ     doub Y N 396 
TYR CE1   HE1    sing N N 397 
TYR CE2   CZ     sing Y N 398 
TYR CE2   HE2    sing N N 399 
TYR CZ    OH     sing N N 400 
TYR OH    HH     sing N N 401 
TYR OXT   HXT    sing N N 402 
VAL N     CA     sing N N 403 
VAL N     H      sing N N 404 
VAL N     H2     sing N N 405 
VAL CA    C      sing N N 406 
VAL CA    CB     sing N N 407 
VAL CA    HA     sing N N 408 
VAL C     O      doub N N 409 
VAL C     OXT    sing N N 410 
VAL CB    CG1    sing N N 411 
VAL CB    CG2    sing N N 412 
VAL CB    HB     sing N N 413 
VAL CG1   HG11   sing N N 414 
VAL CG1   HG12   sing N N 415 
VAL CG1   HG13   sing N N 416 
VAL CG2   HG21   sing N N 417 
VAL CG2   HG22   sing N N 418 
VAL CG2   HG23   sing N N 419 
VAL OXT   HXT    sing N N 420 
# 
loop_
_pdbx_entity_nonpoly.entity_id 
_pdbx_entity_nonpoly.name 
_pdbx_entity_nonpoly.comp_id 
2 'MAGNESIUM ION'            MG  
3 'CALCIUM ION'              CA  
4 "GUANOSINE-5'-DIPHOSPHATE" GDP 
5 'UNKNOWN ATOM OR ION'      UNX 
6 water                      HOH 
# 
_pdbx_initial_refinement_model.id               1 
_pdbx_initial_refinement_model.entity_id_list   ? 
_pdbx_initial_refinement_model.type             'experimental model' 
_pdbx_initial_refinement_model.source_name      PDB 
_pdbx_initial_refinement_model.accession_code   1G17 
_pdbx_initial_refinement_model.details          'PDB entry 1G17, chain A' 
# 
